data_3KNZ
#
_entry.id   3KNZ
#
_cell.length_a   90.028
_cell.length_b   173.344
_cell.length_c   208.574
_cell.angle_alpha   90.000
_cell.angle_beta   90.000
_cell.angle_gamma   90.000
#
_symmetry.space_group_name_H-M   'P 21 21 21'
#
loop_
_entity.id
_entity.type
_entity.pdbx_description
1 polymer 'Putative sugar binding protein'
2 non-polymer 2-ETHOXYETHANOL
3 non-polymer IMIDAZOLE
4 water water
#
_entity_poly.entity_id   1
_entity_poly.type   'polypeptide(L)'
_entity_poly.pdbx_seq_one_letter_code
;(MSE)GSDKIHHHHHHENLYFQG(MSE)NETPLRLLE(MSE)LTQTREDLWRAAQALTERGVTRIILTGSGTSYHGALTA
RTF(MSE)QRWCALPVDVCWPF(MSE)LDDETLARSGKALVVGISQGGGSLSTLAA(MSE)ERARNVGHITAS(MSE)AG
VAPATIDRAADYILTVPCGEETAGAKTKGYHCTVLNL(MSE)LLALAVAGQQQRLDGEQRRSLLLR(MSE)EKTFNHLPA
LVTASQAWAQTNALALRDSADIRLTGPATLFGTVQEGALK(MSE)LETLRCPVSGYEFEEFIHGIYNAFNAQSALI
(MSE)LDPQPDARQDRLAQILGEWTPSIYRIGPQVENNGLNLNFPFVNDEDFAVFEYIIPLQ(MSE)LCAILPPQKGINP
AIPKDPQFHQK(MSE)KSKQEI
;
_entity_poly.pdbx_strand_id   A,B,C,D,E,F
#
loop_
_chem_comp.id
_chem_comp.type
_chem_comp.name
_chem_comp.formula
ETX non-polymer 2-ETHOXYETHANOL 'C4 H10 O2'
IMD non-polymer IMIDAZOLE 'C3 H5 N2 1'
#
# COMPACT_ATOMS: atom_id res chain seq x y z
N ASN A 14 -14.16 -43.31 47.99
CA ASN A 14 -14.33 -42.85 46.59
C ASN A 14 -14.01 -43.99 45.63
N LEU A 15 -15.04 -44.78 45.29
CA LEU A 15 -14.87 -45.94 44.41
C LEU A 15 -14.47 -45.53 42.99
N TYR A 16 -14.61 -44.24 42.68
CA TYR A 16 -14.24 -43.72 41.37
C TYR A 16 -12.72 -43.85 41.17
N PHE A 17 -11.95 -43.71 42.26
CA PHE A 17 -10.48 -43.81 42.21
C PHE A 17 -9.99 -45.21 41.83
N GLN A 18 -10.39 -46.21 42.61
CA GLN A 18 -10.01 -47.60 42.34
C GLN A 18 -10.18 -47.86 40.84
N GLY A 19 -11.22 -47.26 40.26
CA GLY A 19 -11.47 -47.38 38.85
C GLY A 19 -10.37 -46.71 38.05
N MSE A 20 -10.12 -45.44 38.33
CA MSE A 20 -9.13 -44.66 37.60
C MSE A 20 -7.70 -45.19 37.77
O MSE A 20 -6.94 -45.27 36.82
CB MSE A 20 -9.18 -43.17 38.00
CG MSE A 20 -10.51 -42.49 37.67
SE MSE A 20 -10.59 -40.58 38.13
CE MSE A 20 -9.37 -39.84 36.80
N ASN A 21 -7.35 -45.57 39.01
CA ASN A 21 -6.02 -46.08 39.30
C ASN A 21 -5.67 -47.35 38.50
N GLU A 22 -6.68 -48.16 38.24
CA GLU A 22 -6.49 -49.41 37.50
C GLU A 22 -6.59 -49.29 35.98
N THR A 23 -7.13 -48.17 35.50
CA THR A 23 -7.31 -47.99 34.06
C THR A 23 -6.01 -48.14 33.24
N PRO A 24 -4.91 -47.52 33.68
CA PRO A 24 -3.67 -47.67 32.91
C PRO A 24 -3.23 -49.12 32.79
N LEU A 25 -3.39 -49.89 33.86
CA LEU A 25 -3.02 -51.30 33.83
C LEU A 25 -3.97 -52.08 32.91
N ARG A 26 -5.26 -51.75 32.93
CA ARG A 26 -6.22 -52.43 32.05
C ARG A 26 -5.85 -52.18 30.58
N LEU A 27 -5.44 -50.95 30.28
CA LEU A 27 -5.08 -50.57 28.91
C LEU A 27 -3.82 -51.28 28.44
N LEU A 28 -2.83 -51.41 29.32
CA LEU A 28 -1.59 -52.10 28.98
C LEU A 28 -1.88 -53.56 28.63
N GLU A 29 -2.72 -54.20 29.43
CA GLU A 29 -3.11 -55.59 29.18
C GLU A 29 -3.69 -55.77 27.78
N MSE A 30 -4.51 -54.83 27.34
CA MSE A 30 -5.14 -54.92 26.03
C MSE A 30 -4.14 -54.95 24.88
O MSE A 30 -4.41 -55.55 23.84
CB MSE A 30 -6.15 -53.78 25.82
CG MSE A 30 -7.40 -53.93 26.65
SE MSE A 30 -8.69 -52.54 26.27
CE MSE A 30 -9.00 -52.88 24.38
N LEU A 31 -2.99 -54.29 25.07
CA LEU A 31 -1.95 -54.26 24.04
C LEU A 31 -1.32 -55.63 23.79
N THR A 32 -1.32 -56.48 24.80
CA THR A 32 -0.67 -57.78 24.69
C THR A 32 -1.65 -58.92 24.39
N GLN A 33 -2.94 -58.62 24.28
CA GLN A 33 -3.96 -59.64 23.99
C GLN A 33 -4.01 -59.95 22.50
N THR A 34 -4.14 -61.23 22.16
CA THR A 34 -4.30 -61.64 20.77
C THR A 34 -5.79 -61.47 20.51
N ARG A 35 -6.11 -60.69 19.49
CA ARG A 35 -7.50 -60.39 19.20
C ARG A 35 -7.92 -61.03 17.88
N GLU A 36 -8.19 -62.32 17.91
CA GLU A 36 -8.62 -63.02 16.70
C GLU A 36 -9.91 -62.39 16.18
N ASP A 37 -10.74 -61.90 17.10
CA ASP A 37 -12.00 -61.26 16.71
C ASP A 37 -11.71 -60.05 15.83
N LEU A 38 -10.77 -59.21 16.24
CA LEU A 38 -10.41 -58.05 15.43
C LEU A 38 -9.86 -58.50 14.08
N TRP A 39 -9.02 -59.53 14.08
CA TRP A 39 -8.46 -60.04 12.85
C TRP A 39 -9.52 -60.61 11.90
N ARG A 40 -10.48 -61.38 12.42
CA ARG A 40 -11.55 -61.92 11.56
C ARG A 40 -12.29 -60.77 10.87
N ALA A 41 -12.59 -59.72 11.64
CA ALA A 41 -13.26 -58.55 11.12
C ALA A 41 -12.40 -57.85 10.07
N ALA A 42 -11.09 -57.79 10.32
CA ALA A 42 -10.16 -57.17 9.38
C ALA A 42 -10.11 -57.99 8.09
N GLN A 43 -10.10 -59.31 8.23
CA GLN A 43 -10.07 -60.20 7.06
C GLN A 43 -11.37 -60.07 6.25
N ALA A 44 -12.50 -60.12 6.94
CA ALA A 44 -13.81 -60.02 6.30
C ALA A 44 -13.99 -58.69 5.56
N LEU A 45 -13.45 -57.63 6.15
CA LEU A 45 -13.53 -56.30 5.56
C LEU A 45 -12.81 -56.29 4.22
N THR A 46 -11.59 -56.79 4.21
CA THR A 46 -10.76 -56.79 3.00
C THR A 46 -11.30 -57.69 1.90
N GLU A 47 -11.88 -58.83 2.28
CA GLU A 47 -12.40 -59.79 1.31
C GLU A 47 -13.78 -59.47 0.74
N ARG A 48 -14.65 -58.86 1.55
CA ARG A 48 -16.02 -58.58 1.11
C ARG A 48 -16.28 -57.16 0.59
N GLY A 49 -15.27 -56.55 -0.03
CA GLY A 49 -15.41 -55.23 -0.64
C GLY A 49 -16.08 -54.11 0.15
N VAL A 50 -15.64 -53.91 1.38
CA VAL A 50 -16.14 -52.81 2.21
C VAL A 50 -15.46 -51.52 1.77
N THR A 51 -16.24 -50.48 1.52
CA THR A 51 -15.69 -49.22 1.01
C THR A 51 -15.57 -48.12 2.06
N ARG A 52 -16.16 -48.31 3.23
CA ARG A 52 -16.09 -47.30 4.30
C ARG A 52 -16.46 -47.88 5.66
N ILE A 53 -16.04 -47.22 6.73
CA ILE A 53 -16.44 -47.65 8.07
C ILE A 53 -17.42 -46.62 8.61
N ILE A 54 -18.49 -47.10 9.24
CA ILE A 54 -19.49 -46.23 9.85
C ILE A 54 -19.58 -46.62 11.32
N LEU A 55 -19.13 -45.73 12.21
CA LEU A 55 -19.20 -45.96 13.65
C LEU A 55 -20.45 -45.26 14.17
N THR A 56 -21.34 -46.00 14.82
CA THR A 56 -22.58 -45.40 15.31
C THR A 56 -22.86 -45.74 16.77
N GLY A 57 -23.45 -44.77 17.48
CA GLY A 57 -23.76 -44.92 18.89
C GLY A 57 -24.13 -43.60 19.52
N SER A 58 -24.25 -43.62 20.84
CA SER A 58 -24.68 -42.46 21.61
C SER A 58 -23.79 -42.22 22.82
N GLY A 59 -23.83 -41.00 23.36
CA GLY A 59 -23.06 -40.66 24.56
C GLY A 59 -21.58 -41.05 24.52
N THR A 60 -21.11 -41.69 25.57
CA THR A 60 -19.70 -42.08 25.64
C THR A 60 -19.24 -42.90 24.43
N SER A 61 -20.11 -43.77 23.94
CA SER A 61 -19.78 -44.59 22.78
C SER A 61 -19.52 -43.69 21.57
N TYR A 62 -20.43 -42.75 21.36
CA TYR A 62 -20.34 -41.78 20.26
C TYR A 62 -19.07 -40.95 20.35
N HIS A 63 -18.74 -40.50 21.56
CA HIS A 63 -17.53 -39.71 21.78
C HIS A 63 -16.29 -40.54 21.50
N GLY A 64 -16.28 -41.78 21.97
CA GLY A 64 -15.17 -42.68 21.69
C GLY A 64 -14.94 -42.79 20.21
N ALA A 65 -16.03 -42.81 19.44
CA ALA A 65 -15.96 -42.87 17.99
C ALA A 65 -15.35 -41.60 17.45
N LEU A 66 -15.80 -40.45 17.94
CA LEU A 66 -15.24 -39.18 17.48
C LEU A 66 -13.72 -39.16 17.73
N THR A 67 -13.32 -39.56 18.92
CA THR A 67 -11.92 -39.56 19.34
C THR A 67 -11.00 -40.44 18.47
N ALA A 68 -11.50 -41.60 18.02
CA ALA A 68 -10.72 -42.53 17.21
C ALA A 68 -10.86 -42.36 15.68
N ARG A 69 -11.76 -41.49 15.24
CA ARG A 69 -12.02 -41.35 13.80
C ARG A 69 -10.75 -41.21 12.95
N THR A 70 -9.95 -40.19 13.21
CA THR A 70 -8.73 -39.94 12.44
C THR A 70 -7.80 -41.14 12.39
N PHE A 71 -7.52 -41.73 13.54
CA PHE A 71 -6.63 -42.87 13.62
C PHE A 71 -7.16 -44.00 12.76
N MSE A 72 -8.47 -44.20 12.78
CA MSE A 72 -9.07 -45.25 11.98
C MSE A 72 -9.00 -44.98 10.50
O MSE A 72 -8.75 -45.90 9.71
CB MSE A 72 -10.51 -45.49 12.38
CG MSE A 72 -10.68 -46.02 13.78
SE MSE A 72 -12.06 -47.37 13.78
CE MSE A 72 -11.25 -48.58 12.50
N GLN A 73 -9.26 -43.75 10.09
CA GLN A 73 -9.19 -43.39 8.68
C GLN A 73 -7.83 -43.72 8.12
N ARG A 74 -6.81 -43.25 8.82
CA ARG A 74 -5.44 -43.41 8.37
C ARG A 74 -5.06 -44.88 8.18
N TRP A 75 -5.26 -45.67 9.23
CA TRP A 75 -4.82 -47.07 9.20
C TRP A 75 -5.76 -48.05 8.50
N CYS A 76 -7.03 -47.67 8.34
CA CYS A 76 -7.95 -48.50 7.58
C CYS A 76 -7.86 -48.12 6.11
N ALA A 77 -7.40 -46.89 5.86
CA ALA A 77 -7.26 -46.37 4.50
C ALA A 77 -8.62 -46.26 3.83
N LEU A 78 -9.64 -46.02 4.63
CA LEU A 78 -11.02 -45.89 4.16
C LEU A 78 -11.67 -44.71 4.85
N PRO A 79 -12.73 -44.17 4.24
CA PRO A 79 -13.45 -43.11 4.91
C PRO A 79 -14.07 -43.67 6.20
N VAL A 80 -14.16 -42.84 7.22
CA VAL A 80 -14.79 -43.26 8.47
C VAL A 80 -15.85 -42.26 8.92
N ASP A 81 -17.10 -42.69 8.97
CA ASP A 81 -18.20 -41.84 9.40
C ASP A 81 -18.48 -42.05 10.88
N VAL A 82 -18.90 -41.00 11.58
CA VAL A 82 -19.35 -41.10 12.98
C VAL A 82 -20.69 -40.41 13.10
N CYS A 83 -21.73 -41.15 13.46
CA CYS A 83 -23.06 -40.56 13.57
C CYS A 83 -23.96 -41.30 14.54
N TRP A 84 -25.04 -40.64 14.95
CA TRP A 84 -26.02 -41.23 15.82
C TRP A 84 -26.87 -42.20 15.03
N PRO A 85 -27.34 -43.28 15.67
CA PRO A 85 -28.11 -44.31 14.99
C PRO A 85 -29.28 -43.82 14.13
N PHE A 86 -30.02 -42.81 14.58
CA PHE A 86 -31.20 -42.35 13.84
C PHE A 86 -30.83 -41.75 12.49
N MSE A 87 -29.58 -41.29 12.36
CA MSE A 87 -29.08 -40.74 11.11
C MSE A 87 -28.92 -41.85 10.07
O MSE A 87 -28.92 -41.59 8.86
CB MSE A 87 -27.72 -40.05 11.31
CG MSE A 87 -27.76 -38.83 12.19
SE MSE A 87 -28.61 -37.34 11.29
CE MSE A 87 -27.23 -36.89 9.99
N LEU A 88 -28.72 -43.10 10.52
CA LEU A 88 -28.58 -44.24 9.61
C LEU A 88 -29.94 -44.81 9.21
N ASP A 89 -30.69 -44.05 8.43
CA ASP A 89 -31.98 -44.48 7.96
C ASP A 89 -31.81 -45.37 6.72
N ASP A 90 -32.91 -45.97 6.27
CA ASP A 90 -32.85 -46.86 5.12
C ASP A 90 -32.32 -46.18 3.87
N GLU A 91 -32.76 -44.94 3.63
CA GLU A 91 -32.36 -44.24 2.44
CA GLU A 91 -32.34 -44.21 2.43
C GLU A 91 -30.86 -43.91 2.46
N THR A 92 -30.32 -43.66 3.65
CA THR A 92 -28.90 -43.38 3.79
C THR A 92 -28.10 -44.66 3.59
N LEU A 93 -28.61 -45.77 4.11
CA LEU A 93 -27.95 -47.08 3.96
C LEU A 93 -28.07 -47.61 2.52
N ALA A 94 -29.11 -47.16 1.81
CA ALA A 94 -29.31 -47.56 0.42
C ALA A 94 -28.35 -46.82 -0.51
N ARG A 95 -28.08 -45.55 -0.22
CA ARG A 95 -27.18 -44.71 -1.03
C ARG A 95 -25.71 -45.04 -0.78
N SER A 96 -25.39 -45.40 0.45
CA SER A 96 -24.00 -45.66 0.84
C SER A 96 -23.37 -46.85 0.15
N GLY A 97 -22.06 -46.75 -0.04
CA GLY A 97 -21.27 -47.84 -0.59
C GLY A 97 -21.16 -48.87 0.52
N LYS A 98 -20.88 -50.12 0.15
CA LYS A 98 -20.80 -51.16 1.14
C LYS A 98 -19.93 -50.67 2.29
N ALA A 99 -20.42 -50.81 3.50
CA ALA A 99 -19.70 -50.35 4.68
C ALA A 99 -19.64 -51.38 5.78
N LEU A 100 -18.74 -51.14 6.72
CA LEU A 100 -18.67 -51.94 7.93
C LEU A 100 -19.32 -51.03 8.97
N VAL A 101 -20.53 -51.36 9.37
CA VAL A 101 -21.22 -50.57 10.38
C VAL A 101 -20.92 -51.17 11.73
N VAL A 102 -20.26 -50.39 12.58
CA VAL A 102 -19.89 -50.85 13.91
C VAL A 102 -20.81 -50.19 14.93
N GLY A 103 -21.62 -50.99 15.59
CA GLY A 103 -22.52 -50.48 16.61
C GLY A 103 -21.76 -50.50 17.91
N ILE A 104 -21.75 -49.36 18.61
CA ILE A 104 -21.03 -49.23 19.87
C ILE A 104 -21.95 -48.86 21.03
N SER A 105 -21.81 -49.57 22.14
CA SER A 105 -22.60 -49.31 23.33
C SER A 105 -21.81 -49.73 24.54
N GLN A 106 -21.61 -48.82 25.48
CA GLN A 106 -20.86 -49.14 26.70
C GLN A 106 -21.47 -50.37 27.38
N GLY A 107 -22.80 -50.38 27.48
CA GLY A 107 -23.51 -51.52 28.04
C GLY A 107 -23.84 -52.52 26.94
N GLY A 108 -24.89 -53.31 27.16
CA GLY A 108 -25.30 -54.32 26.16
C GLY A 108 -25.89 -53.76 24.87
N GLY A 109 -26.24 -52.48 24.87
CA GLY A 109 -26.79 -51.89 23.65
C GLY A 109 -28.12 -51.17 23.79
N SER A 110 -28.26 -50.15 22.95
CA SER A 110 -29.45 -49.36 22.89
C SER A 110 -30.27 -49.99 21.79
N LEU A 111 -31.59 -49.82 21.86
CA LEU A 111 -32.45 -50.33 20.82
C LEU A 111 -32.19 -49.53 19.54
N SER A 112 -31.78 -48.27 19.70
CA SER A 112 -31.44 -47.42 18.55
C SER A 112 -30.26 -47.97 17.76
N THR A 113 -29.17 -48.29 18.47
CA THR A 113 -28.00 -48.85 17.82
C THR A 113 -28.34 -50.21 17.22
N LEU A 114 -29.06 -51.04 17.98
CA LEU A 114 -29.48 -52.35 17.49
C LEU A 114 -30.26 -52.20 16.17
N ALA A 115 -31.27 -51.33 16.19
CA ALA A 115 -32.10 -51.08 15.01
C ALA A 115 -31.26 -50.59 13.83
N ALA A 116 -30.28 -49.74 14.10
CA ALA A 116 -29.42 -49.23 13.04
C ALA A 116 -28.66 -50.41 12.40
N MSE A 117 -28.09 -51.27 13.24
CA MSE A 117 -27.36 -52.44 12.75
C MSE A 117 -28.26 -53.36 11.94
O MSE A 117 -27.85 -53.86 10.89
CB MSE A 117 -26.75 -53.20 13.92
CG MSE A 117 -25.66 -52.42 14.61
SE MSE A 117 -25.12 -53.22 16.28
CE MSE A 117 -24.49 -54.95 15.63
N GLU A 118 -29.48 -53.60 12.42
CA GLU A 118 -30.41 -54.45 11.68
C GLU A 118 -30.77 -53.81 10.34
N ARG A 119 -30.86 -52.49 10.30
CA ARG A 119 -31.16 -51.82 9.04
C ARG A 119 -30.01 -51.95 8.07
N ALA A 120 -28.78 -51.83 8.57
CA ALA A 120 -27.60 -51.94 7.73
C ALA A 120 -27.46 -53.36 7.21
N ARG A 121 -27.77 -54.32 8.07
CA ARG A 121 -27.63 -55.71 7.71
C ARG A 121 -28.63 -56.11 6.63
N ASN A 122 -29.86 -55.60 6.71
CA ASN A 122 -30.91 -55.96 5.75
C ASN A 122 -30.62 -55.50 4.34
N VAL A 123 -29.69 -54.56 4.20
CA VAL A 123 -29.35 -54.03 2.89
C VAL A 123 -28.01 -54.56 2.36
N GLY A 124 -27.31 -55.35 3.16
CA GLY A 124 -26.05 -55.94 2.71
C GLY A 124 -24.77 -55.44 3.36
N HIS A 125 -24.84 -54.46 4.25
CA HIS A 125 -23.65 -53.97 4.91
C HIS A 125 -23.20 -54.97 5.98
N ILE A 126 -21.90 -55.06 6.20
CA ILE A 126 -21.37 -55.95 7.23
C ILE A 126 -21.53 -55.21 8.55
N THR A 127 -21.91 -55.93 9.61
CA THR A 127 -22.07 -55.31 10.90
C THR A 127 -21.10 -55.86 11.93
N ALA A 128 -20.78 -55.04 12.93
CA ALA A 128 -19.91 -55.44 14.04
C ALA A 128 -20.42 -54.78 15.30
N SER A 129 -20.13 -55.39 16.44
CA SER A 129 -20.60 -54.83 17.70
C SER A 129 -19.44 -54.57 18.64
N MSE A 130 -19.54 -53.46 19.37
CA MSE A 130 -18.54 -53.12 20.37
C MSE A 130 -19.23 -52.73 21.66
O MSE A 130 -19.45 -51.55 21.93
CB MSE A 130 -17.63 -51.96 19.93
CG MSE A 130 -16.61 -52.37 18.89
SE MSE A 130 -15.21 -51.05 18.71
CE MSE A 130 -14.24 -51.89 17.23
N ALA A 131 -19.59 -53.75 22.44
CA ALA A 131 -20.26 -53.56 23.73
C ALA A 131 -19.24 -53.72 24.85
N GLY A 132 -19.61 -53.30 26.05
CA GLY A 132 -18.72 -53.44 27.20
C GLY A 132 -18.98 -54.75 27.95
N VAL A 133 -20.01 -55.47 27.55
CA VAL A 133 -20.36 -56.73 28.20
C VAL A 133 -20.56 -57.81 27.14
N ALA A 134 -20.57 -59.06 27.59
CA ALA A 134 -20.79 -60.18 26.69
C ALA A 134 -21.53 -61.28 27.44
N PRO A 135 -22.65 -61.75 26.89
CA PRO A 135 -23.24 -61.25 25.65
C PRO A 135 -23.92 -59.89 25.82
N ALA A 136 -24.02 -59.16 24.71
CA ALA A 136 -24.64 -57.84 24.70
C ALA A 136 -25.81 -57.87 23.71
N THR A 137 -26.83 -57.07 23.98
CA THR A 137 -28.01 -57.03 23.11
C THR A 137 -27.69 -56.72 21.65
N ILE A 138 -26.70 -55.86 21.40
CA ILE A 138 -26.34 -55.51 20.02
C ILE A 138 -25.59 -56.65 19.28
N ASP A 139 -25.11 -57.65 20.01
CA ASP A 139 -24.43 -58.81 19.38
C ASP A 139 -25.39 -59.55 18.45
N ARG A 140 -26.69 -59.43 18.73
CA ARG A 140 -27.75 -60.04 17.93
C ARG A 140 -27.74 -59.68 16.46
N ALA A 141 -27.26 -58.49 16.14
CA ALA A 141 -27.25 -58.03 14.78
C ALA A 141 -25.83 -57.83 14.30
N ALA A 142 -24.90 -58.57 14.90
CA ALA A 142 -23.50 -58.42 14.57
C ALA A 142 -22.91 -59.61 13.82
N ASP A 143 -22.33 -59.35 12.66
CA ASP A 143 -21.61 -60.38 11.91
C ASP A 143 -20.32 -60.69 12.65
N TYR A 144 -19.81 -59.70 13.38
CA TYR A 144 -18.56 -59.85 14.13
C TYR A 144 -18.62 -59.19 15.50
N ILE A 145 -18.63 -60.00 16.55
CA ILE A 145 -18.67 -59.47 17.91
C ILE A 145 -17.26 -59.04 18.31
N LEU A 146 -17.04 -57.73 18.40
CA LEU A 146 -15.73 -57.16 18.78
C LEU A 146 -15.78 -56.59 20.21
N THR A 147 -16.40 -57.34 21.12
CA THR A 147 -16.57 -56.91 22.49
C THR A 147 -15.35 -56.20 23.06
N VAL A 148 -15.59 -55.11 23.79
CA VAL A 148 -14.53 -54.39 24.50
C VAL A 148 -14.26 -55.25 25.75
N PRO A 149 -13.01 -55.73 25.90
CA PRO A 149 -12.62 -56.62 27.01
C PRO A 149 -12.54 -55.94 28.37
N CYS A 150 -13.68 -55.86 29.06
CA CYS A 150 -13.75 -55.18 30.35
C CYS A 150 -13.84 -56.07 31.58
N GLY A 151 -14.11 -57.37 31.40
CA GLY A 151 -14.11 -58.30 32.53
C GLY A 151 -15.41 -58.67 33.24
N GLU A 152 -16.24 -57.68 33.59
CA GLU A 152 -17.49 -57.96 34.30
C GLU A 152 -18.60 -57.00 33.88
N THR A 159 -15.64 -46.48 34.56
CA THR A 159 -14.53 -45.54 34.44
C THR A 159 -13.65 -45.76 33.19
N LYS A 160 -13.08 -46.95 33.06
CA LYS A 160 -12.21 -47.32 31.93
C LYS A 160 -12.95 -47.37 30.59
N GLY A 161 -14.27 -47.50 30.65
CA GLY A 161 -15.12 -47.63 29.47
C GLY A 161 -14.70 -46.85 28.24
N TYR A 162 -14.68 -45.52 28.36
CA TYR A 162 -14.28 -44.63 27.28
C TYR A 162 -12.85 -44.92 26.80
N HIS A 163 -11.90 -45.07 27.73
CA HIS A 163 -10.52 -45.37 27.37
C HIS A 163 -10.44 -46.69 26.60
N CYS A 164 -11.03 -47.73 27.16
CA CYS A 164 -11.02 -49.04 26.54
C CYS A 164 -11.68 -49.06 25.16
N THR A 165 -12.76 -48.30 24.99
CA THR A 165 -13.48 -48.27 23.72
C THR A 165 -12.64 -47.61 22.66
N VAL A 166 -12.01 -46.49 23.01
CA VAL A 166 -11.14 -45.80 22.08
C VAL A 166 -9.99 -46.71 21.70
N LEU A 167 -9.42 -47.43 22.67
CA LEU A 167 -8.32 -48.34 22.35
C LEU A 167 -8.78 -49.51 21.48
N ASN A 168 -9.95 -50.05 21.81
CA ASN A 168 -10.55 -51.15 21.04
C ASN A 168 -10.64 -50.75 19.56
N LEU A 169 -11.25 -49.58 19.30
CA LEU A 169 -11.37 -49.05 17.93
C LEU A 169 -10.03 -48.89 17.22
N MSE A 170 -9.02 -48.43 17.96
CA MSE A 170 -7.68 -48.23 17.39
C MSE A 170 -7.00 -49.55 17.04
O MSE A 170 -6.27 -49.65 16.04
CB MSE A 170 -6.80 -47.40 18.33
CG MSE A 170 -7.21 -45.93 18.41
SE MSE A 170 -6.10 -44.92 19.61
CE MSE A 170 -6.70 -43.12 19.17
N LEU A 171 -7.23 -50.57 17.87
CA LEU A 171 -6.67 -51.90 17.60
C LEU A 171 -7.32 -52.51 16.35
N LEU A 172 -8.59 -52.22 16.13
CA LEU A 172 -9.25 -52.72 14.93
C LEU A 172 -8.55 -52.14 13.70
N ALA A 173 -8.28 -50.83 13.73
CA ALA A 173 -7.60 -50.14 12.64
C ALA A 173 -6.23 -50.75 12.34
N LEU A 174 -5.50 -51.12 13.40
CA LEU A 174 -4.20 -51.77 13.25
C LEU A 174 -4.35 -53.16 12.65
N ALA A 175 -5.46 -53.83 12.98
CA ALA A 175 -5.73 -55.15 12.44
C ALA A 175 -6.00 -55.04 10.93
N VAL A 176 -6.76 -54.02 10.53
CA VAL A 176 -7.07 -53.82 9.12
C VAL A 176 -5.79 -53.47 8.34
N ALA A 177 -4.95 -52.61 8.92
CA ALA A 177 -3.69 -52.22 8.28
C ALA A 177 -2.77 -53.45 8.14
N GLY A 178 -2.81 -54.34 9.13
CA GLY A 178 -2.01 -55.56 9.07
C GLY A 178 -2.44 -56.49 7.95
N GLN A 179 -3.73 -56.84 7.93
CA GLN A 179 -4.27 -57.71 6.89
C GLN A 179 -3.96 -57.20 5.49
N GLN A 180 -4.07 -55.90 5.29
CA GLN A 180 -3.85 -55.30 3.99
C GLN A 180 -2.37 -54.98 3.74
N GLN A 181 -1.50 -55.55 4.57
CA GLN A 181 -0.05 -55.39 4.46
C GLN A 181 0.43 -53.94 4.35
N ARG A 182 -0.18 -53.06 5.14
CA ARG A 182 0.21 -51.64 5.18
C ARG A 182 0.78 -51.26 6.53
N LEU A 183 1.01 -52.24 7.39
CA LEU A 183 1.59 -52.03 8.71
C LEU A 183 2.62 -53.13 8.97
N ASP A 184 3.90 -52.85 8.76
CA ASP A 184 4.92 -53.86 8.98
C ASP A 184 5.27 -53.98 10.48
N GLY A 185 6.15 -54.91 10.80
CA GLY A 185 6.57 -55.17 12.17
C GLY A 185 7.09 -53.95 12.89
N GLU A 186 7.95 -53.18 12.24
CA GLU A 186 8.51 -51.99 12.88
C GLU A 186 7.46 -50.95 13.23
N GLN A 187 6.55 -50.71 12.30
CA GLN A 187 5.46 -49.76 12.49
C GLN A 187 4.56 -50.24 13.62
N ARG A 188 4.22 -51.52 13.56
CA ARG A 188 3.42 -52.16 14.59
C ARG A 188 4.10 -51.94 15.95
N ARG A 189 5.35 -52.36 16.05
CA ARG A 189 6.08 -52.28 17.31
C ARG A 189 6.19 -50.84 17.80
N SER A 190 6.33 -49.91 16.86
CA SER A 190 6.46 -48.49 17.18
C SER A 190 5.17 -47.92 17.74
N LEU A 191 4.04 -48.27 17.12
CA LEU A 191 2.75 -47.80 17.59
C LEU A 191 2.45 -48.35 18.99
N LEU A 192 2.85 -49.60 19.24
CA LEU A 192 2.62 -50.19 20.56
C LEU A 192 3.50 -49.51 21.61
N LEU A 193 4.76 -49.24 21.27
CA LEU A 193 5.65 -48.48 22.16
C LEU A 193 4.96 -47.19 22.60
N ARG A 194 4.53 -46.43 21.61
CA ARG A 194 3.88 -45.15 21.87
C ARG A 194 2.67 -45.30 22.78
N MSE A 195 1.79 -46.26 22.48
CA MSE A 195 0.61 -46.49 23.30
C MSE A 195 1.04 -46.83 24.71
O MSE A 195 0.51 -46.28 25.68
CB MSE A 195 -0.25 -47.61 22.73
CG MSE A 195 -0.98 -47.24 21.44
SE MSE A 195 -1.84 -48.78 20.64
CE MSE A 195 -2.54 -47.96 19.03
N GLU A 196 2.01 -47.73 24.82
CA GLU A 196 2.55 -48.18 26.10
C GLU A 196 3.19 -47.02 26.86
N LYS A 197 3.88 -46.13 26.17
CA LYS A 197 4.50 -45.00 26.85
C LYS A 197 3.42 -44.09 27.44
N THR A 198 2.38 -43.80 26.65
CA THR A 198 1.28 -42.97 27.12
C THR A 198 0.61 -43.64 28.33
N PHE A 199 0.33 -44.94 28.23
CA PHE A 199 -0.32 -45.63 29.33
C PHE A 199 0.51 -45.62 30.62
N ASN A 200 1.83 -45.78 30.49
CA ASN A 200 2.71 -45.75 31.67
C ASN A 200 2.79 -44.37 32.32
N HIS A 201 2.47 -43.32 31.57
CA HIS A 201 2.52 -41.95 32.09
C HIS A 201 1.20 -41.50 32.73
N LEU A 202 0.14 -42.30 32.59
CA LEU A 202 -1.16 -41.91 33.14
C LEU A 202 -1.21 -41.84 34.68
N PRO A 203 -0.56 -42.79 35.36
CA PRO A 203 -0.62 -42.73 36.83
C PRO A 203 -0.14 -41.40 37.38
N ALA A 204 0.92 -40.84 36.79
CA ALA A 204 1.44 -39.56 37.26
C ALA A 204 0.42 -38.47 36.96
N LEU A 205 -0.26 -38.57 35.82
CA LEU A 205 -1.28 -37.58 35.43
C LEU A 205 -2.50 -37.64 36.35
N VAL A 206 -2.85 -38.84 36.82
CA VAL A 206 -3.97 -39.00 37.74
C VAL A 206 -3.66 -38.29 39.07
N THR A 207 -2.43 -38.44 39.55
CA THR A 207 -2.01 -37.79 40.80
C THR A 207 -1.97 -36.27 40.65
N ALA A 208 -1.53 -35.80 39.48
CA ALA A 208 -1.43 -34.37 39.23
C ALA A 208 -2.82 -33.77 39.04
N SER A 209 -3.70 -34.52 38.38
CA SER A 209 -5.07 -34.07 38.14
C SER A 209 -5.85 -33.93 39.45
N GLN A 210 -5.66 -34.88 40.36
CA GLN A 210 -6.35 -34.87 41.63
C GLN A 210 -5.94 -33.64 42.43
N ALA A 211 -4.65 -33.37 42.44
CA ALA A 211 -4.12 -32.22 43.16
C ALA A 211 -4.69 -30.93 42.57
N TRP A 212 -4.68 -30.85 41.24
CA TRP A 212 -5.22 -29.68 40.54
C TRP A 212 -6.70 -29.52 40.81
N ALA A 213 -7.45 -30.61 40.71
CA ALA A 213 -8.88 -30.58 40.95
C ALA A 213 -9.20 -30.12 42.38
N GLN A 214 -8.41 -30.57 43.35
CA GLN A 214 -8.61 -30.16 44.74
C GLN A 214 -8.24 -28.68 44.94
N THR A 215 -7.21 -28.20 44.25
CA THR A 215 -6.79 -26.80 44.36
C THR A 215 -7.82 -25.86 43.75
N ASN A 216 -8.49 -26.31 42.69
CA ASN A 216 -9.51 -25.49 42.01
C ASN A 216 -10.92 -26.00 42.21
N ALA A 217 -11.12 -26.68 43.35
CA ALA A 217 -12.42 -27.25 43.71
C ALA A 217 -13.50 -26.19 43.85
N LEU A 218 -13.40 -25.40 44.91
CA LEU A 218 -14.38 -24.35 45.25
C LEU A 218 -14.76 -23.42 44.09
N ALA A 219 -13.76 -22.91 43.37
CA ALA A 219 -14.03 -22.00 42.26
C ALA A 219 -15.01 -22.60 41.25
N LEU A 220 -14.76 -23.86 40.85
CA LEU A 220 -15.62 -24.53 39.87
C LEU A 220 -17.00 -24.86 40.43
N ARG A 221 -17.10 -25.08 41.73
CA ARG A 221 -18.39 -25.33 42.36
C ARG A 221 -19.26 -24.06 42.26
N ASP A 222 -18.64 -22.90 42.49
CA ASP A 222 -19.34 -21.60 42.48
C ASP A 222 -19.67 -21.02 41.09
N SER A 223 -19.46 -21.77 40.02
CA SER A 223 -19.74 -21.30 38.66
CA SER A 223 -19.74 -21.29 38.67
C SER A 223 -21.10 -21.82 38.19
N ALA A 224 -21.89 -20.92 37.58
CA ALA A 224 -23.24 -21.26 37.07
C ALA A 224 -23.25 -22.39 36.08
N ASP A 225 -22.30 -22.35 35.15
CA ASP A 225 -22.16 -23.39 34.13
C ASP A 225 -20.73 -23.41 33.63
N ILE A 226 -20.32 -24.57 33.16
CA ILE A 226 -18.96 -24.77 32.73
C ILE A 226 -18.92 -25.06 31.24
N ARG A 227 -17.97 -24.45 30.55
CA ARG A 227 -17.80 -24.66 29.13
C ARG A 227 -16.38 -25.17 28.90
N LEU A 228 -16.26 -26.23 28.11
CA LEU A 228 -14.97 -26.82 27.81
C LEU A 228 -14.67 -26.59 26.34
N THR A 229 -13.44 -26.25 26.02
CA THR A 229 -13.07 -26.07 24.61
C THR A 229 -11.72 -26.70 24.35
N GLY A 230 -11.44 -26.93 23.07
CA GLY A 230 -10.16 -27.50 22.67
C GLY A 230 -10.06 -27.57 21.17
N PRO A 231 -8.87 -27.87 20.66
CA PRO A 231 -8.69 -27.97 19.22
C PRO A 231 -9.47 -29.15 18.67
N ALA A 232 -9.69 -29.13 17.35
CA ALA A 232 -10.43 -30.19 16.67
C ALA A 232 -9.95 -31.57 17.08
N THR A 233 -8.63 -31.74 17.15
CA THR A 233 -8.03 -33.03 17.52
C THR A 233 -8.44 -33.59 18.90
N LEU A 234 -9.12 -32.78 19.70
CA LEU A 234 -9.58 -33.22 21.02
C LEU A 234 -11.09 -32.99 21.21
N PHE A 235 -11.83 -32.94 20.10
CA PHE A 235 -13.25 -32.68 20.18
C PHE A 235 -13.97 -33.79 20.94
N GLY A 236 -13.61 -35.05 20.65
CA GLY A 236 -14.21 -36.18 21.36
C GLY A 236 -13.96 -36.08 22.86
N THR A 237 -12.78 -35.57 23.21
CA THR A 237 -12.36 -35.40 24.61
C THR A 237 -13.22 -34.41 25.39
N VAL A 238 -13.44 -33.22 24.83
CA VAL A 238 -14.27 -32.19 25.51
C VAL A 238 -15.75 -32.58 25.50
N GLN A 239 -16.18 -33.34 24.49
CA GLN A 239 -17.56 -33.82 24.42
C GLN A 239 -17.84 -34.81 25.54
N GLU A 240 -16.93 -35.78 25.69
CA GLU A 240 -17.05 -36.82 26.72
C GLU A 240 -16.87 -36.21 28.09
N GLY A 241 -15.91 -35.31 28.23
CA GLY A 241 -15.70 -34.65 29.50
C GLY A 241 -16.93 -33.85 29.90
N ALA A 242 -17.55 -33.23 28.91
CA ALA A 242 -18.73 -32.41 29.18
C ALA A 242 -19.86 -33.30 29.70
N LEU A 243 -20.12 -34.40 29.00
CA LEU A 243 -21.18 -35.31 29.38
C LEU A 243 -20.98 -35.89 30.78
N LYS A 244 -19.76 -36.28 31.12
CA LYS A 244 -19.53 -36.88 32.45
C LYS A 244 -19.70 -35.88 33.57
N MSE A 245 -19.19 -34.65 33.38
CA MSE A 245 -19.33 -33.61 34.39
C MSE A 245 -20.79 -33.24 34.59
O MSE A 245 -21.22 -33.03 35.72
CB MSE A 245 -18.50 -32.38 34.02
CG MSE A 245 -17.02 -32.69 33.95
SE MSE A 245 -15.98 -31.22 33.30
CE MSE A 245 -16.31 -29.98 34.75
N LEU A 246 -21.56 -33.17 33.50
CA LEU A 246 -22.98 -32.89 33.59
C LEU A 246 -23.67 -33.98 34.39
N GLU A 247 -23.32 -35.21 34.05
CA GLU A 247 -23.90 -36.39 34.64
C GLU A 247 -23.57 -36.52 36.14
N THR A 248 -22.41 -36.03 36.55
CA THR A 248 -21.97 -36.13 37.93
C THR A 248 -22.25 -34.88 38.77
N LEU A 249 -21.85 -33.73 38.27
CA LEU A 249 -22.03 -32.47 38.99
C LEU A 249 -23.48 -32.03 38.94
N ARG A 250 -24.22 -32.56 37.97
CA ARG A 250 -25.64 -32.25 37.79
C ARG A 250 -25.90 -30.77 37.48
N CYS A 251 -25.00 -30.14 36.75
CA CYS A 251 -25.19 -28.76 36.30
C CYS A 251 -24.64 -28.64 34.86
N PRO A 252 -25.04 -27.57 34.15
CA PRO A 252 -24.72 -27.45 32.73
C PRO A 252 -23.24 -27.43 32.36
N VAL A 253 -22.87 -28.32 31.42
CA VAL A 253 -21.51 -28.39 30.93
C VAL A 253 -21.53 -28.74 29.44
N SER A 254 -20.86 -27.95 28.64
CA SER A 254 -20.80 -28.19 27.21
C SER A 254 -19.36 -28.12 26.71
N GLY A 255 -19.06 -28.95 25.72
CA GLY A 255 -17.72 -28.98 25.13
C GLY A 255 -17.76 -28.56 23.68
N TYR A 256 -16.96 -27.57 23.32
CA TYR A 256 -16.96 -27.07 21.96
C TYR A 256 -15.60 -27.20 21.29
N GLU A 257 -15.60 -27.25 19.96
CA GLU A 257 -14.35 -27.20 19.23
C GLU A 257 -14.00 -25.69 19.30
N PHE A 258 -12.71 -25.37 19.41
CA PHE A 258 -12.29 -23.98 19.62
C PHE A 258 -12.92 -22.92 18.72
N GLU A 259 -12.81 -23.09 17.40
CA GLU A 259 -13.32 -22.08 16.46
C GLU A 259 -14.84 -22.00 16.44
N GLU A 260 -15.50 -23.14 16.62
CA GLU A 260 -16.95 -23.12 16.71
C GLU A 260 -17.33 -22.27 17.91
N PHE A 261 -16.56 -22.43 18.98
CA PHE A 261 -16.74 -21.69 20.22
C PHE A 261 -16.58 -20.18 19.99
N ILE A 262 -15.49 -19.78 19.36
CA ILE A 262 -15.30 -18.36 19.06
C ILE A 262 -16.46 -17.83 18.20
N HIS A 263 -16.80 -18.58 17.16
CA HIS A 263 -17.83 -18.18 16.22
C HIS A 263 -19.22 -18.02 16.86
N GLY A 264 -19.52 -18.81 17.90
CA GLY A 264 -20.82 -18.71 18.59
C GLY A 264 -20.67 -18.34 20.06
N ILE A 265 -19.65 -17.54 20.38
CA ILE A 265 -19.31 -17.17 21.76
C ILE A 265 -20.46 -16.62 22.63
N TYR A 266 -21.20 -15.63 22.12
CA TYR A 266 -22.25 -15.03 22.93
C TYR A 266 -23.41 -15.94 23.27
N ASN A 267 -23.50 -17.07 22.58
CA ASN A 267 -24.52 -18.05 22.90
C ASN A 267 -23.94 -19.18 23.75
N ALA A 268 -22.62 -19.27 23.81
CA ALA A 268 -21.98 -20.34 24.55
C ALA A 268 -21.26 -19.89 25.82
N PHE A 269 -21.28 -18.60 26.14
CA PHE A 269 -20.50 -18.13 27.29
C PHE A 269 -20.89 -16.74 27.75
N ASN A 270 -20.80 -16.50 29.05
CA ASN A 270 -21.02 -15.17 29.61
C ASN A 270 -20.20 -14.99 30.88
N ALA A 271 -20.29 -13.81 31.51
CA ALA A 271 -19.53 -13.50 32.72
C ALA A 271 -19.66 -14.55 33.82
N GLN A 272 -20.80 -15.23 33.91
CA GLN A 272 -21.05 -16.23 34.96
C GLN A 272 -20.48 -17.61 34.60
N SER A 273 -19.96 -17.75 33.39
CA SER A 273 -19.43 -19.04 32.92
C SER A 273 -17.97 -19.27 33.31
N ALA A 274 -17.62 -20.54 33.41
CA ALA A 274 -16.25 -20.97 33.68
C ALA A 274 -15.76 -21.68 32.43
N LEU A 275 -14.53 -21.39 32.03
CA LEU A 275 -13.96 -22.00 30.86
C LEU A 275 -12.82 -22.93 31.26
N ILE A 276 -12.84 -24.14 30.72
CA ILE A 276 -11.75 -25.06 30.86
C ILE A 276 -11.30 -25.24 29.43
N MSE A 277 -10.03 -24.97 29.19
CA MSE A 277 -9.50 -25.00 27.84
C MSE A 277 -8.34 -25.97 27.80
O MSE A 277 -7.54 -26.03 28.73
CB MSE A 277 -9.02 -23.60 27.50
CG MSE A 277 -8.90 -23.29 26.01
SE MSE A 277 -8.20 -21.49 25.74
CE MSE A 277 -9.13 -20.57 27.19
N LEU A 278 -8.28 -26.75 26.72
CA LEU A 278 -7.21 -27.71 26.50
C LEU A 278 -6.20 -27.08 25.55
N ASP A 279 -4.96 -26.95 26.01
CA ASP A 279 -3.88 -26.38 25.21
C ASP A 279 -2.76 -27.40 25.03
N PRO A 280 -2.94 -28.35 24.10
CA PRO A 280 -1.88 -29.34 23.89
C PRO A 280 -0.56 -28.71 23.44
N GLN A 281 -0.63 -27.60 22.73
CA GLN A 281 0.57 -26.94 22.24
C GLN A 281 0.35 -25.44 22.11
N PRO A 282 1.43 -24.66 22.02
CA PRO A 282 1.27 -23.22 21.91
C PRO A 282 0.38 -22.85 20.75
N ASP A 283 -0.62 -22.00 21.02
CA ASP A 283 -1.52 -21.53 19.98
C ASP A 283 -1.85 -20.06 20.22
N ALA A 284 -1.51 -19.21 19.25
CA ALA A 284 -1.73 -17.79 19.35
C ALA A 284 -3.19 -17.45 19.60
N ARG A 285 -4.07 -18.03 18.79
CA ARG A 285 -5.51 -17.75 18.92
C ARG A 285 -6.10 -18.17 20.28
N GLN A 286 -5.66 -19.31 20.83
CA GLN A 286 -6.18 -19.74 22.12
C GLN A 286 -5.71 -18.80 23.21
N ASP A 287 -4.45 -18.35 23.14
CA ASP A 287 -3.91 -17.41 24.11
C ASP A 287 -4.67 -16.11 24.08
N ARG A 288 -4.96 -15.65 22.87
CA ARG A 288 -5.71 -14.42 22.69
C ARG A 288 -7.08 -14.55 23.35
N LEU A 289 -7.77 -15.66 23.10
CA LEU A 289 -9.09 -15.84 23.69
C LEU A 289 -9.00 -15.83 25.21
N ALA A 290 -8.00 -16.52 25.75
CA ALA A 290 -7.82 -16.61 27.20
C ALA A 290 -7.53 -15.24 27.78
N GLN A 291 -6.71 -14.45 27.09
CA GLN A 291 -6.41 -13.10 27.57
C GLN A 291 -7.69 -12.27 27.54
N ILE A 292 -8.41 -12.28 26.41
CA ILE A 292 -9.64 -11.51 26.28
C ILE A 292 -10.69 -11.89 27.33
N LEU A 293 -10.95 -13.18 27.48
CA LEU A 293 -11.91 -13.63 28.49
C LEU A 293 -11.42 -13.38 29.91
N GLY A 294 -10.10 -13.42 30.09
CA GLY A 294 -9.49 -13.21 31.40
C GLY A 294 -9.82 -11.86 32.02
N GLU A 295 -10.01 -10.85 31.17
CA GLU A 295 -10.36 -9.50 31.63
C GLU A 295 -11.78 -9.49 32.21
N TRP A 296 -12.62 -10.39 31.69
CA TRP A 296 -14.03 -10.45 32.08
C TRP A 296 -14.33 -11.42 33.21
N THR A 297 -13.56 -12.50 33.33
CA THR A 297 -13.77 -13.43 34.42
C THR A 297 -12.48 -14.11 34.79
N PRO A 298 -12.28 -14.35 36.08
CA PRO A 298 -11.08 -15.05 36.52
C PRO A 298 -11.23 -16.56 36.36
N SER A 299 -12.46 -17.02 36.13
CA SER A 299 -12.74 -18.45 36.00
C SER A 299 -12.28 -19.06 34.69
N ILE A 300 -10.98 -18.95 34.41
CA ILE A 300 -10.39 -19.53 33.21
C ILE A 300 -9.34 -20.54 33.66
N TYR A 301 -9.46 -21.79 33.19
CA TYR A 301 -8.58 -22.89 33.55
C TYR A 301 -8.02 -23.56 32.31
N ARG A 302 -6.70 -23.47 32.12
CA ARG A 302 -6.04 -24.03 30.95
C ARG A 302 -5.23 -25.27 31.31
N ILE A 303 -5.32 -26.29 30.45
CA ILE A 303 -4.65 -27.55 30.66
C ILE A 303 -3.69 -27.84 29.51
N GLY A 304 -2.40 -27.93 29.82
CA GLY A 304 -1.40 -28.21 28.80
C GLY A 304 0.00 -28.25 29.37
N PRO A 305 0.98 -28.60 28.53
CA PRO A 305 2.37 -28.65 28.97
C PRO A 305 3.03 -27.28 29.11
N GLN A 306 2.61 -26.31 28.32
CA GLN A 306 3.22 -24.97 28.40
C GLN A 306 2.30 -23.86 28.90
N VAL A 307 1.20 -24.22 29.54
CA VAL A 307 0.28 -23.22 30.07
C VAL A 307 0.96 -22.54 31.26
N GLU A 308 0.69 -21.25 31.43
CA GLU A 308 1.30 -20.51 32.53
C GLU A 308 0.98 -21.19 33.85
N ASN A 309 1.95 -21.22 34.74
CA ASN A 309 1.80 -21.94 35.98
C ASN A 309 1.22 -21.13 37.15
N ASN A 310 0.01 -20.60 36.97
CA ASN A 310 -0.72 -19.92 38.06
C ASN A 310 -1.45 -21.04 38.79
N GLY A 311 -2.22 -20.71 39.82
CA GLY A 311 -2.91 -21.77 40.57
C GLY A 311 -4.02 -22.45 39.79
N LEU A 312 -4.65 -21.69 38.89
CA LEU A 312 -5.79 -22.16 38.12
C LEU A 312 -5.49 -23.26 37.10
N ASN A 313 -4.43 -23.07 36.32
CA ASN A 313 -4.09 -24.02 35.25
C ASN A 313 -3.49 -25.32 35.71
N LEU A 314 -3.52 -26.31 34.82
CA LEU A 314 -2.90 -27.61 35.05
C LEU A 314 -1.71 -27.72 34.12
N ASN A 315 -0.58 -27.16 34.54
CA ASN A 315 0.64 -27.29 33.76
C ASN A 315 1.23 -28.65 34.11
N PHE A 316 1.31 -29.52 33.11
CA PHE A 316 1.79 -30.88 33.32
C PHE A 316 2.53 -31.40 32.09
N PRO A 317 3.61 -32.15 32.31
CA PRO A 317 4.40 -32.67 31.19
C PRO A 317 3.74 -33.83 30.44
N PHE A 318 2.69 -33.54 29.68
CA PHE A 318 2.01 -34.58 28.92
C PHE A 318 2.95 -35.21 27.92
N VAL A 319 2.73 -36.48 27.62
CA VAL A 319 3.47 -37.18 26.58
C VAL A 319 3.15 -36.47 25.26
N ASN A 320 1.92 -36.00 25.11
CA ASN A 320 1.47 -35.28 23.90
C ASN A 320 1.64 -35.98 22.56
N ASP A 321 1.48 -37.29 22.57
CA ASP A 321 1.54 -38.06 21.33
C ASP A 321 0.41 -37.54 20.44
N GLU A 322 0.69 -37.24 19.18
CA GLU A 322 -0.35 -36.71 18.30
C GLU A 322 -1.54 -37.66 18.11
N ASP A 323 -1.32 -38.95 18.34
CA ASP A 323 -2.40 -39.90 18.17
C ASP A 323 -2.97 -40.36 19.52
N PHE A 324 -2.09 -40.53 20.51
CA PHE A 324 -2.52 -41.12 21.77
C PHE A 324 -2.72 -40.17 22.94
N ALA A 325 -2.48 -38.89 22.73
CA ALA A 325 -2.70 -37.90 23.79
C ALA A 325 -4.18 -37.89 24.21
N VAL A 326 -5.04 -38.47 23.39
CA VAL A 326 -6.46 -38.52 23.73
C VAL A 326 -6.69 -39.27 25.04
N PHE A 327 -5.82 -40.23 25.37
CA PHE A 327 -5.94 -40.98 26.61
C PHE A 327 -5.51 -40.15 27.83
N GLU A 328 -4.78 -39.06 27.59
CA GLU A 328 -4.28 -38.20 28.67
C GLU A 328 -5.19 -37.04 29.01
N TYR A 329 -5.58 -36.27 27.99
CA TYR A 329 -6.39 -35.06 28.22
C TYR A 329 -7.81 -35.25 28.78
N ILE A 330 -8.35 -36.47 28.73
CA ILE A 330 -9.69 -36.72 29.29
C ILE A 330 -9.62 -36.94 30.81
N ILE A 331 -8.43 -37.31 31.30
CA ILE A 331 -8.20 -37.62 32.71
C ILE A 331 -8.50 -36.46 33.67
N PRO A 332 -7.97 -35.25 33.39
CA PRO A 332 -8.27 -34.10 34.25
C PRO A 332 -9.77 -33.85 34.33
N LEU A 333 -10.47 -33.95 33.20
CA LEU A 333 -11.90 -33.74 33.17
C LEU A 333 -12.62 -34.84 33.97
N GLN A 334 -12.13 -36.08 33.90
CA GLN A 334 -12.71 -37.18 34.67
C GLN A 334 -12.46 -37.00 36.17
N MSE A 335 -11.33 -36.41 36.52
CA MSE A 335 -11.00 -36.17 37.92
C MSE A 335 -11.95 -35.13 38.54
O MSE A 335 -12.29 -35.20 39.72
CB MSE A 335 -9.54 -35.76 38.03
CG MSE A 335 -9.00 -35.70 39.47
SE MSE A 335 -9.21 -37.37 40.42
CE MSE A 335 -8.09 -38.51 39.28
N LEU A 336 -12.37 -34.15 37.75
CA LEU A 336 -13.32 -33.17 38.26
C LEU A 336 -14.65 -33.83 38.63
N CYS A 337 -15.03 -34.88 37.90
CA CYS A 337 -16.26 -35.61 38.21
C CYS A 337 -16.14 -36.33 39.53
N ALA A 338 -14.94 -36.85 39.78
CA ALA A 338 -14.68 -37.64 40.97
C ALA A 338 -14.47 -36.82 42.25
N ILE A 339 -13.98 -35.58 42.15
CA ILE A 339 -13.71 -34.83 43.38
C ILE A 339 -14.57 -33.58 43.62
N LEU A 340 -15.32 -33.10 42.64
CA LEU A 340 -16.14 -31.87 42.87
C LEU A 340 -17.40 -32.07 43.73
N PRO A 341 -18.23 -33.07 43.43
CA PRO A 341 -19.44 -33.26 44.26
C PRO A 341 -19.18 -34.11 45.50
N ASN B 14 -44.46 -5.08 16.26
CA ASN B 14 -43.32 -5.98 16.53
C ASN B 14 -42.51 -6.24 15.26
N LEU B 15 -41.18 -6.05 15.36
CA LEU B 15 -40.27 -6.22 14.22
C LEU B 15 -40.13 -7.67 13.76
N TYR B 16 -40.31 -8.60 14.70
CA TYR B 16 -40.15 -10.01 14.41
C TYR B 16 -41.34 -10.53 13.59
N PHE B 17 -42.52 -9.90 13.72
CA PHE B 17 -43.71 -10.30 12.94
C PHE B 17 -43.60 -9.94 11.47
N GLN B 18 -43.09 -8.75 11.18
CA GLN B 18 -42.96 -8.31 9.79
C GLN B 18 -42.10 -9.32 9.03
N GLY B 19 -41.10 -9.88 9.72
CA GLY B 19 -40.22 -10.88 9.11
C GLY B 19 -40.92 -12.22 8.86
N MSE B 20 -41.70 -12.67 9.85
CA MSE B 20 -42.42 -13.93 9.74
C MSE B 20 -43.53 -13.85 8.71
O MSE B 20 -43.71 -14.78 7.91
CB MSE B 20 -43.00 -14.38 11.09
CG MSE B 20 -41.96 -14.71 12.16
SE MSE B 20 -42.70 -15.60 13.75
CE MSE B 20 -43.10 -17.34 12.99
N ASN B 21 -44.29 -12.75 8.70
CA ASN B 21 -45.40 -12.58 7.75
C ASN B 21 -44.97 -12.59 6.28
N GLU B 22 -43.75 -12.14 6.02
CA GLU B 22 -43.24 -12.07 4.66
C GLU B 22 -42.55 -13.34 4.18
N THR B 23 -42.18 -14.23 5.10
CA THR B 23 -41.47 -15.47 4.74
C THR B 23 -42.19 -16.32 3.69
N PRO B 24 -43.50 -16.59 3.88
CA PRO B 24 -44.22 -17.40 2.89
C PRO B 24 -44.11 -16.84 1.48
N LEU B 25 -44.27 -15.53 1.32
CA LEU B 25 -44.18 -14.90 0.01
C LEU B 25 -42.74 -14.94 -0.54
N ARG B 26 -41.74 -14.76 0.33
CA ARG B 26 -40.36 -14.84 -0.12
C ARG B 26 -40.09 -16.25 -0.63
N LEU B 27 -40.65 -17.24 0.04
CA LEU B 27 -40.49 -18.63 -0.38
C LEU B 27 -41.19 -18.88 -1.73
N LEU B 28 -42.39 -18.32 -1.91
CA LEU B 28 -43.13 -18.49 -3.14
C LEU B 28 -42.36 -17.92 -4.31
N GLU B 29 -41.79 -16.74 -4.11
CA GLU B 29 -41.01 -16.06 -5.14
C GLU B 29 -39.83 -16.92 -5.57
N MSE B 30 -39.23 -17.65 -4.64
CA MSE B 30 -38.10 -18.52 -4.95
C MSE B 30 -38.51 -19.65 -5.89
O MSE B 30 -37.66 -20.22 -6.59
CB MSE B 30 -37.44 -19.07 -3.70
CG MSE B 30 -36.62 -18.03 -2.94
SE MSE B 30 -35.75 -18.75 -1.39
CE MSE B 30 -34.70 -20.17 -2.23
N LEU B 31 -39.80 -19.97 -5.91
CA LEU B 31 -40.30 -21.02 -6.80
C LEU B 31 -40.40 -20.56 -8.24
N THR B 32 -40.47 -19.25 -8.45
CA THR B 32 -40.60 -18.70 -9.80
C THR B 32 -39.37 -17.91 -10.29
N GLN B 33 -38.19 -18.30 -9.85
CA GLN B 33 -36.92 -17.69 -10.28
C GLN B 33 -36.16 -18.71 -11.08
N THR B 34 -35.57 -18.31 -12.20
CA THR B 34 -34.74 -19.24 -12.96
C THR B 34 -33.41 -19.21 -12.21
N ARG B 35 -32.92 -20.39 -11.87
CA ARG B 35 -31.69 -20.49 -11.11
C ARG B 35 -30.57 -21.02 -11.98
N GLU B 36 -29.99 -20.11 -12.76
CA GLU B 36 -28.90 -20.45 -13.66
C GLU B 36 -27.72 -20.96 -12.86
N ASP B 37 -27.52 -20.37 -11.68
CA ASP B 37 -26.41 -20.75 -10.81
C ASP B 37 -26.46 -22.21 -10.35
N LEU B 38 -27.64 -22.67 -9.96
CA LEU B 38 -27.80 -24.04 -9.51
C LEU B 38 -27.61 -25.02 -10.67
N TRP B 39 -28.12 -24.68 -11.85
CA TRP B 39 -27.98 -25.57 -13.01
C TRP B 39 -26.51 -25.71 -13.43
N ARG B 40 -25.76 -24.62 -13.34
CA ARG B 40 -24.34 -24.68 -13.66
C ARG B 40 -23.63 -25.61 -12.68
N ALA B 41 -24.05 -25.59 -11.42
CA ALA B 41 -23.47 -26.46 -10.40
C ALA B 41 -23.85 -27.92 -10.69
N ALA B 42 -25.14 -28.17 -10.91
CA ALA B 42 -25.61 -29.52 -11.19
C ALA B 42 -24.90 -30.09 -12.42
N GLN B 43 -24.64 -29.22 -13.40
CA GLN B 43 -23.95 -29.64 -14.63
C GLN B 43 -22.50 -30.04 -14.36
N ALA B 44 -21.79 -29.23 -13.58
CA ALA B 44 -20.40 -29.54 -13.25
C ALA B 44 -20.34 -30.82 -12.43
N LEU B 45 -21.28 -30.92 -11.49
CA LEU B 45 -21.35 -32.08 -10.60
C LEU B 45 -21.41 -33.38 -11.41
N THR B 46 -22.35 -33.42 -12.36
CA THR B 46 -22.56 -34.62 -13.18
C THR B 46 -21.37 -34.91 -14.07
N GLU B 47 -20.89 -33.89 -14.76
CA GLU B 47 -19.80 -34.03 -15.73
C GLU B 47 -18.41 -34.22 -15.13
N ARG B 48 -18.15 -33.66 -13.97
CA ARG B 48 -16.84 -33.78 -13.34
C ARG B 48 -16.72 -34.91 -12.32
N GLY B 49 -17.60 -35.90 -12.42
CA GLY B 49 -17.57 -37.08 -11.57
C GLY B 49 -17.66 -36.89 -10.06
N VAL B 50 -18.61 -36.09 -9.60
CA VAL B 50 -18.81 -35.90 -8.17
C VAL B 50 -19.53 -37.15 -7.70
N THR B 51 -19.09 -37.72 -6.57
CA THR B 51 -19.68 -38.98 -6.06
C THR B 51 -20.52 -38.82 -4.81
N ARG B 52 -20.42 -37.68 -4.13
CA ARG B 52 -21.18 -37.41 -2.91
C ARG B 52 -21.25 -35.92 -2.64
N ILE B 53 -22.30 -35.48 -1.94
CA ILE B 53 -22.45 -34.08 -1.57
C ILE B 53 -22.13 -33.89 -0.09
N ILE B 54 -21.32 -32.88 0.22
CA ILE B 54 -20.97 -32.58 1.61
C ILE B 54 -21.41 -31.16 1.96
N LEU B 55 -22.33 -31.04 2.91
CA LEU B 55 -22.86 -29.75 3.33
C LEU B 55 -22.18 -29.38 4.63
N THR B 56 -21.55 -28.21 4.69
CA THR B 56 -20.84 -27.82 5.89
C THR B 56 -21.18 -26.40 6.31
N GLY B 57 -21.23 -26.20 7.63
CA GLY B 57 -21.55 -24.91 8.22
C GLY B 57 -21.78 -25.06 9.72
N SER B 58 -22.29 -24.01 10.33
CA SER B 58 -22.56 -24.00 11.77
C SER B 58 -23.96 -23.45 12.06
N GLY B 59 -24.46 -23.69 13.27
CA GLY B 59 -25.78 -23.22 13.70
C GLY B 59 -26.90 -23.43 12.70
N THR B 60 -27.63 -22.35 12.43
CA THR B 60 -28.74 -22.35 11.48
C THR B 60 -28.36 -23.01 10.16
N SER B 61 -27.18 -22.66 9.65
CA SER B 61 -26.73 -23.21 8.38
C SER B 61 -26.62 -24.73 8.48
N TYR B 62 -26.02 -25.19 9.56
CA TYR B 62 -25.89 -26.62 9.82
C TYR B 62 -27.28 -27.26 9.97
N HIS B 63 -28.20 -26.57 10.66
CA HIS B 63 -29.54 -27.12 10.85
C HIS B 63 -30.30 -27.19 9.54
N GLY B 64 -30.09 -26.21 8.66
CA GLY B 64 -30.72 -26.22 7.34
C GLY B 64 -30.27 -27.44 6.56
N ALA B 65 -28.96 -27.68 6.59
CA ALA B 65 -28.37 -28.83 5.92
C ALA B 65 -28.99 -30.12 6.47
N LEU B 66 -29.11 -30.22 7.79
CA LEU B 66 -29.70 -31.41 8.42
C LEU B 66 -31.13 -31.61 7.92
N THR B 67 -31.88 -30.51 7.90
CA THR B 67 -33.28 -30.53 7.48
C THR B 67 -33.46 -30.89 6.02
N ALA B 68 -32.51 -30.51 5.17
CA ALA B 68 -32.61 -30.80 3.73
C ALA B 68 -31.90 -32.10 3.31
N ARG B 69 -31.16 -32.73 4.21
CA ARG B 69 -30.38 -33.93 3.87
C ARG B 69 -31.15 -35.01 3.09
N THR B 70 -32.20 -35.54 3.69
CA THR B 70 -32.98 -36.61 3.07
C THR B 70 -33.48 -36.27 1.66
N PHE B 71 -34.04 -35.08 1.51
CA PHE B 71 -34.56 -34.66 0.23
C PHE B 71 -33.44 -34.61 -0.79
N MSE B 72 -32.25 -34.19 -0.35
CA MSE B 72 -31.11 -34.15 -1.25
C MSE B 72 -30.60 -35.53 -1.64
O MSE B 72 -30.32 -35.77 -2.81
CB MSE B 72 -29.97 -33.33 -0.64
CG MSE B 72 -30.35 -31.87 -0.39
SE MSE B 72 -28.82 -30.73 -0.53
CE MSE B 72 -28.41 -31.13 -2.44
N GLN B 73 -30.48 -36.45 -0.68
CA GLN B 73 -30.05 -37.82 -0.99
C GLN B 73 -30.90 -38.37 -2.12
N ARG B 74 -32.21 -38.28 -1.90
CA ARG B 74 -33.19 -38.82 -2.82
C ARG B 74 -33.07 -38.28 -4.25
N TRP B 75 -33.22 -36.97 -4.39
CA TRP B 75 -33.20 -36.37 -5.71
C TRP B 75 -31.84 -36.26 -6.38
N CYS B 76 -30.76 -36.24 -5.59
CA CYS B 76 -29.41 -36.20 -6.18
C CYS B 76 -28.93 -37.62 -6.49
N ALA B 77 -29.56 -38.61 -5.85
CA ALA B 77 -29.16 -40.01 -6.01
C ALA B 77 -27.70 -40.14 -5.64
N LEU B 78 -27.32 -39.52 -4.53
CA LEU B 78 -25.95 -39.53 -4.03
C LEU B 78 -25.92 -39.42 -2.51
N PRO B 79 -24.84 -39.91 -1.88
CA PRO B 79 -24.75 -39.70 -0.45
C PRO B 79 -24.61 -38.21 -0.17
N VAL B 80 -25.21 -37.77 0.93
CA VAL B 80 -25.14 -36.38 1.32
C VAL B 80 -24.68 -36.35 2.77
N ASP B 81 -23.48 -35.84 2.99
CA ASP B 81 -22.92 -35.71 4.33
C ASP B 81 -23.22 -34.31 4.86
N VAL B 82 -23.37 -34.22 6.18
CA VAL B 82 -23.59 -32.93 6.85
C VAL B 82 -22.70 -32.88 8.09
N CYS B 83 -21.81 -31.89 8.17
CA CYS B 83 -20.91 -31.78 9.29
C CYS B 83 -20.41 -30.36 9.53
N TRP B 84 -19.71 -30.18 10.64
CA TRP B 84 -19.15 -28.91 11.00
C TRP B 84 -17.84 -28.79 10.23
N PRO B 85 -17.45 -27.55 9.89
CA PRO B 85 -16.28 -27.38 9.05
C PRO B 85 -15.02 -28.08 9.53
N PHE B 86 -14.79 -28.10 10.85
CA PHE B 86 -13.55 -28.67 11.38
C PHE B 86 -13.44 -30.18 11.19
N MSE B 87 -14.56 -30.88 10.96
CA MSE B 87 -14.55 -32.31 10.69
C MSE B 87 -13.94 -32.57 9.32
O MSE B 87 -13.50 -33.69 9.04
CB MSE B 87 -15.97 -32.88 10.72
CG MSE B 87 -16.67 -32.82 12.06
SE MSE B 87 -15.94 -34.08 13.35
CE MSE B 87 -16.47 -35.74 12.50
N LEU B 88 -13.94 -31.55 8.46
CA LEU B 88 -13.36 -31.68 7.11
C LEU B 88 -11.88 -31.31 7.08
N ASP B 89 -11.07 -32.15 7.69
CA ASP B 89 -9.63 -31.94 7.72
C ASP B 89 -9.00 -32.50 6.45
N ASP B 90 -7.71 -32.27 6.27
CA ASP B 90 -7.01 -32.76 5.08
C ASP B 90 -7.16 -34.26 4.88
N GLU B 91 -7.02 -35.04 5.94
CA GLU B 91 -7.12 -36.50 5.84
C GLU B 91 -8.50 -36.98 5.42
N THR B 92 -9.54 -36.41 6.01
CA THR B 92 -10.91 -36.77 5.67
C THR B 92 -11.17 -36.44 4.20
N LEU B 93 -10.71 -35.27 3.79
CA LEU B 93 -10.91 -34.82 2.41
C LEU B 93 -10.12 -35.65 1.41
N ALA B 94 -8.98 -36.20 1.83
CA ALA B 94 -8.13 -37.00 0.95
C ALA B 94 -8.65 -38.44 0.79
N ARG B 95 -9.19 -38.99 1.86
CA ARG B 95 -9.75 -40.35 1.86
C ARG B 95 -11.07 -40.41 1.08
N SER B 96 -11.83 -39.31 1.13
CA SER B 96 -13.12 -39.24 0.48
C SER B 96 -13.07 -39.27 -1.02
N GLY B 97 -14.11 -39.83 -1.63
CA GLY B 97 -14.23 -39.79 -3.08
C GLY B 97 -14.55 -38.35 -3.47
N LYS B 98 -14.37 -38.02 -4.75
CA LYS B 98 -14.64 -36.66 -5.24
C LYS B 98 -16.04 -36.22 -4.81
N ALA B 99 -16.11 -35.01 -4.25
CA ALA B 99 -17.38 -34.49 -3.75
C ALA B 99 -17.61 -33.04 -4.11
N LEU B 100 -18.85 -32.61 -3.97
CA LEU B 100 -19.21 -31.22 -4.09
C LEU B 100 -19.33 -30.74 -2.65
N VAL B 101 -18.35 -29.98 -2.20
CA VAL B 101 -18.40 -29.45 -0.85
C VAL B 101 -19.09 -28.10 -0.92
N VAL B 102 -20.16 -27.95 -0.15
CA VAL B 102 -20.94 -26.72 -0.14
C VAL B 102 -20.89 -26.08 1.25
N GLY B 103 -20.26 -24.91 1.31
CA GLY B 103 -20.13 -24.16 2.56
C GLY B 103 -21.35 -23.27 2.69
N ILE B 104 -22.06 -23.40 3.80
CA ILE B 104 -23.29 -22.67 4.02
C ILE B 104 -23.13 -21.63 5.11
N SER B 105 -23.79 -20.49 4.95
CA SER B 105 -23.72 -19.42 5.95
C SER B 105 -24.92 -18.49 5.87
N GLN B 106 -25.43 -18.06 7.02
CA GLN B 106 -26.54 -17.13 7.02
C GLN B 106 -25.99 -15.74 6.72
N GLY B 107 -24.68 -15.57 6.88
CA GLY B 107 -24.01 -14.31 6.60
C GLY B 107 -23.08 -14.48 5.40
N GLY B 108 -21.88 -13.90 5.50
CA GLY B 108 -20.88 -13.99 4.43
C GLY B 108 -19.87 -15.11 4.58
N GLY B 109 -20.06 -15.94 5.61
CA GLY B 109 -19.18 -17.07 5.84
C GLY B 109 -18.26 -16.93 7.03
N SER B 110 -17.93 -18.07 7.65
CA SER B 110 -17.04 -18.09 8.80
C SER B 110 -15.63 -18.48 8.39
N LEU B 111 -14.66 -18.22 9.25
CA LEU B 111 -13.29 -18.57 8.95
C LEU B 111 -13.17 -20.08 8.80
N SER B 112 -13.85 -20.81 9.68
CA SER B 112 -13.83 -22.28 9.64
C SER B 112 -14.36 -22.80 8.34
N THR B 113 -15.51 -22.30 7.90
CA THR B 113 -16.10 -22.74 6.66
C THR B 113 -15.20 -22.38 5.47
N LEU B 114 -14.65 -21.16 5.49
CA LEU B 114 -13.76 -20.73 4.42
C LEU B 114 -12.60 -21.72 4.33
N ALA B 115 -11.92 -21.89 5.44
CA ALA B 115 -10.79 -22.80 5.52
C ALA B 115 -11.14 -24.18 5.00
N ALA B 116 -12.31 -24.69 5.39
CA ALA B 116 -12.75 -26.02 4.96
C ALA B 116 -12.86 -26.08 3.43
N MSE B 117 -13.49 -25.07 2.84
CA MSE B 117 -13.67 -25.06 1.38
C MSE B 117 -12.35 -25.04 0.66
O MSE B 117 -12.17 -25.76 -0.32
CB MSE B 117 -14.52 -23.85 0.98
CG MSE B 117 -15.94 -23.93 1.51
SE MSE B 117 -16.94 -22.33 1.18
CE MSE B 117 -17.01 -22.46 -0.77
N GLU B 118 -11.42 -24.24 1.15
CA GLU B 118 -10.09 -24.16 0.55
C GLU B 118 -9.33 -25.48 0.62
N ARG B 119 -9.46 -26.20 1.74
CA ARG B 119 -8.78 -27.50 1.89
C ARG B 119 -9.30 -28.50 0.87
N ALA B 120 -10.60 -28.45 0.64
CA ALA B 120 -11.28 -29.33 -0.32
C ALA B 120 -10.87 -28.98 -1.74
N ARG B 121 -10.85 -27.68 -2.03
CA ARG B 121 -10.51 -27.19 -3.35
C ARG B 121 -9.07 -27.56 -3.70
N ASN B 122 -8.18 -27.52 -2.70
CA ASN B 122 -6.79 -27.89 -2.91
C ASN B 122 -6.61 -29.35 -3.25
N VAL B 123 -7.44 -30.21 -2.65
CA VAL B 123 -7.37 -31.65 -2.91
C VAL B 123 -8.07 -32.01 -4.21
N GLY B 124 -8.87 -31.10 -4.76
CA GLY B 124 -9.54 -31.35 -6.03
C GLY B 124 -11.05 -31.50 -5.98
N HIS B 125 -11.64 -31.35 -4.81
CA HIS B 125 -13.09 -31.44 -4.69
C HIS B 125 -13.70 -30.17 -5.28
N ILE B 126 -14.93 -30.26 -5.78
CA ILE B 126 -15.64 -29.09 -6.30
C ILE B 126 -16.30 -28.39 -5.12
N THR B 127 -16.18 -27.07 -5.05
CA THR B 127 -16.75 -26.31 -3.95
C THR B 127 -17.85 -25.36 -4.43
N ALA B 128 -18.74 -25.01 -3.51
CA ALA B 128 -19.82 -24.08 -3.79
C ALA B 128 -20.10 -23.29 -2.53
N SER B 129 -20.58 -22.07 -2.67
CA SER B 129 -20.91 -21.28 -1.50
C SER B 129 -22.42 -21.02 -1.43
N MSE B 130 -22.95 -21.04 -0.22
CA MSE B 130 -24.34 -20.64 0.03
C MSE B 130 -24.34 -19.63 1.15
O MSE B 130 -24.52 -20.00 2.31
CB MSE B 130 -25.25 -21.80 0.43
CG MSE B 130 -25.69 -22.62 -0.73
SE MSE B 130 -27.21 -23.71 -0.27
CE MSE B 130 -27.05 -24.79 -1.87
N ALA B 131 -24.14 -18.38 0.80
CA ALA B 131 -24.16 -17.30 1.76
C ALA B 131 -25.55 -16.66 1.71
N GLY B 132 -25.88 -15.91 2.76
CA GLY B 132 -27.13 -15.17 2.80
C GLY B 132 -26.96 -13.80 2.17
N VAL B 133 -25.72 -13.46 1.79
CA VAL B 133 -25.43 -12.17 1.17
C VAL B 133 -24.41 -12.31 0.06
N ALA B 134 -24.40 -11.34 -0.85
CA ALA B 134 -23.46 -11.31 -1.94
C ALA B 134 -22.94 -9.88 -2.07
N PRO B 135 -21.60 -9.72 -2.13
CA PRO B 135 -20.64 -10.82 -2.08
C PRO B 135 -20.41 -11.33 -0.67
N ALA B 136 -20.04 -12.61 -0.57
CA ALA B 136 -19.71 -13.23 0.70
C ALA B 136 -18.22 -13.57 0.69
N THR B 137 -17.63 -13.71 1.88
CA THR B 137 -16.21 -14.04 1.97
C THR B 137 -15.97 -15.44 1.43
N ILE B 138 -16.86 -16.36 1.73
CA ILE B 138 -16.70 -17.74 1.28
C ILE B 138 -16.80 -17.91 -0.25
N ASP B 139 -17.24 -16.87 -0.96
CA ASP B 139 -17.33 -16.92 -2.42
C ASP B 139 -15.95 -17.03 -3.03
N ARG B 140 -14.94 -16.54 -2.29
CA ARG B 140 -13.54 -16.58 -2.71
C ARG B 140 -13.02 -18.00 -2.89
N ALA B 141 -13.64 -18.95 -2.18
CA ALA B 141 -13.23 -20.33 -2.24
C ALA B 141 -14.24 -21.20 -3.00
N ALA B 142 -15.23 -20.56 -3.62
CA ALA B 142 -16.30 -21.26 -4.32
C ALA B 142 -16.12 -21.31 -5.84
N ASP B 143 -16.25 -22.52 -6.40
CA ASP B 143 -16.22 -22.69 -7.84
C ASP B 143 -17.57 -22.24 -8.38
N TYR B 144 -18.59 -22.32 -7.53
CA TYR B 144 -19.95 -21.93 -7.91
C TYR B 144 -20.63 -21.16 -6.77
N ILE B 145 -21.01 -19.91 -7.04
CA ILE B 145 -21.71 -19.12 -6.02
C ILE B 145 -23.21 -19.41 -6.11
N LEU B 146 -23.73 -20.11 -5.11
CA LEU B 146 -25.14 -20.46 -5.07
C LEU B 146 -25.85 -19.67 -3.98
N THR B 147 -25.61 -18.35 -3.95
CA THR B 147 -26.16 -17.46 -2.92
C THR B 147 -27.65 -17.65 -2.66
N VAL B 148 -28.01 -17.74 -1.38
CA VAL B 148 -29.42 -17.81 -1.01
C VAL B 148 -30.00 -16.43 -1.28
N PRO B 149 -31.02 -16.34 -2.15
CA PRO B 149 -31.60 -15.05 -2.53
C PRO B 149 -32.44 -14.36 -1.46
N CYS B 150 -31.82 -13.46 -0.68
CA CYS B 150 -32.53 -12.77 0.40
C CYS B 150 -32.55 -11.23 0.26
N GLY B 151 -32.18 -10.72 -0.90
CA GLY B 151 -32.17 -9.29 -1.22
C GLY B 151 -31.97 -8.27 -0.11
N GLU B 152 -30.95 -7.42 -0.26
CA GLU B 152 -30.64 -6.36 0.70
C GLU B 152 -30.38 -6.91 2.10
N THR B 159 -35.13 -13.44 9.79
CA THR B 159 -36.15 -14.45 10.10
C THR B 159 -36.25 -15.57 9.05
N LYS B 160 -36.39 -15.18 7.79
CA LYS B 160 -36.54 -16.13 6.67
C LYS B 160 -35.31 -17.03 6.46
N GLY B 161 -34.14 -16.54 6.87
CA GLY B 161 -32.87 -17.25 6.69
C GLY B 161 -32.94 -18.75 6.60
N TYR B 162 -33.33 -19.38 7.70
CA TYR B 162 -33.43 -20.84 7.79
C TYR B 162 -34.30 -21.42 6.69
N HIS B 163 -35.51 -20.89 6.53
CA HIS B 163 -36.44 -21.36 5.50
C HIS B 163 -35.84 -21.28 4.10
N CYS B 164 -35.28 -20.13 3.77
CA CYS B 164 -34.68 -19.92 2.45
C CYS B 164 -33.49 -20.86 2.24
N THR B 165 -32.67 -21.01 3.27
CA THR B 165 -31.52 -21.89 3.18
C THR B 165 -32.00 -23.30 2.85
N VAL B 166 -33.06 -23.75 3.53
CA VAL B 166 -33.56 -25.10 3.29
C VAL B 166 -34.10 -25.26 1.87
N LEU B 167 -34.92 -24.33 1.41
CA LEU B 167 -35.47 -24.37 0.05
C LEU B 167 -34.36 -24.28 -1.00
N ASN B 168 -33.34 -23.44 -0.74
CA ASN B 168 -32.23 -23.31 -1.68
C ASN B 168 -31.54 -24.68 -1.91
N LEU B 169 -31.28 -25.39 -0.82
CA LEU B 169 -30.67 -26.72 -0.90
C LEU B 169 -31.56 -27.72 -1.64
N MSE B 170 -32.87 -27.63 -1.43
CA MSE B 170 -33.80 -28.53 -2.11
C MSE B 170 -33.85 -28.22 -3.61
O MSE B 170 -33.92 -29.15 -4.42
CB MSE B 170 -35.20 -28.43 -1.50
CG MSE B 170 -35.28 -28.97 -0.09
SE MSE B 170 -37.06 -28.89 0.67
CE MSE B 170 -36.67 -29.75 2.38
N LEU B 171 -33.81 -26.94 -3.95
CA LEU B 171 -33.80 -26.54 -5.36
C LEU B 171 -32.53 -27.04 -6.06
N LEU B 172 -31.43 -27.06 -5.33
CA LEU B 172 -30.18 -27.58 -5.87
C LEU B 172 -30.40 -29.07 -6.18
N ALA B 173 -30.99 -29.78 -5.23
CA ALA B 173 -31.28 -31.21 -5.40
C ALA B 173 -32.09 -31.44 -6.70
N LEU B 174 -33.12 -30.63 -6.90
CA LEU B 174 -33.95 -30.71 -8.10
C LEU B 174 -33.19 -30.34 -9.38
N ALA B 175 -32.26 -29.40 -9.28
CA ALA B 175 -31.44 -29.03 -10.43
C ALA B 175 -30.60 -30.24 -10.85
N VAL B 176 -30.02 -30.92 -9.87
CA VAL B 176 -29.21 -32.10 -10.14
C VAL B 176 -30.08 -33.21 -10.75
N ALA B 177 -31.28 -33.39 -10.21
CA ALA B 177 -32.19 -34.41 -10.71
C ALA B 177 -32.50 -34.20 -12.19
N GLY B 178 -32.82 -32.97 -12.56
CA GLY B 178 -33.15 -32.62 -13.94
C GLY B 178 -31.97 -32.73 -14.90
N GLN B 179 -30.80 -32.30 -14.45
CA GLN B 179 -29.59 -32.35 -15.26
C GLN B 179 -29.23 -33.81 -15.57
N GLN B 180 -29.56 -34.71 -14.66
CA GLN B 180 -29.32 -36.15 -14.83
C GLN B 180 -30.54 -36.84 -15.43
N GLN B 181 -31.44 -36.04 -15.99
CA GLN B 181 -32.67 -36.52 -16.60
C GLN B 181 -33.47 -37.50 -15.73
N ARG B 182 -33.68 -37.11 -14.48
CA ARG B 182 -34.45 -37.90 -13.53
C ARG B 182 -35.60 -37.08 -12.95
N LEU B 183 -35.95 -36.01 -13.65
CA LEU B 183 -37.02 -35.11 -13.23
C LEU B 183 -37.77 -34.60 -14.45
N ASP B 184 -38.91 -35.20 -14.75
CA ASP B 184 -39.69 -34.78 -15.91
C ASP B 184 -40.71 -33.72 -15.51
N GLY B 185 -41.50 -33.27 -16.49
CA GLY B 185 -42.48 -32.23 -16.27
C GLY B 185 -43.51 -32.54 -15.20
N GLU B 186 -44.02 -33.76 -15.20
CA GLU B 186 -45.03 -34.16 -14.21
C GLU B 186 -44.45 -34.18 -12.81
N GLN B 187 -43.21 -34.66 -12.68
CA GLN B 187 -42.54 -34.69 -11.40
C GLN B 187 -42.21 -33.26 -10.94
N ARG B 188 -41.63 -32.48 -11.84
CA ARG B 188 -41.24 -31.09 -11.55
C ARG B 188 -42.47 -30.33 -11.06
N ARG B 189 -43.59 -30.49 -11.75
CA ARG B 189 -44.83 -29.81 -11.37
CA ARG B 189 -44.79 -29.77 -11.33
C ARG B 189 -45.37 -30.32 -10.03
N SER B 190 -45.51 -31.63 -9.91
CA SER B 190 -46.04 -32.19 -8.69
C SER B 190 -45.30 -31.60 -7.49
N LEU B 191 -43.96 -31.62 -7.57
CA LEU B 191 -43.10 -31.06 -6.53
C LEU B 191 -43.39 -29.58 -6.26
N LEU B 192 -43.39 -28.76 -7.32
CA LEU B 192 -43.65 -27.34 -7.15
C LEU B 192 -45.05 -27.10 -6.56
N LEU B 193 -46.03 -27.89 -6.98
CA LEU B 193 -47.38 -27.76 -6.42
C LEU B 193 -47.34 -28.03 -4.92
N ARG B 194 -46.67 -29.11 -4.51
CA ARG B 194 -46.59 -29.47 -3.10
C ARG B 194 -45.90 -28.39 -2.28
N MSE B 195 -44.84 -27.82 -2.82
CA MSE B 195 -44.12 -26.76 -2.14
C MSE B 195 -45.01 -25.53 -2.02
O MSE B 195 -45.07 -24.88 -0.97
CB MSE B 195 -42.84 -26.41 -2.89
CG MSE B 195 -41.74 -27.46 -2.82
SE MSE B 195 -40.24 -26.98 -3.95
CE MSE B 195 -38.97 -28.33 -3.39
N GLU B 196 -45.68 -25.20 -3.11
CA GLU B 196 -46.54 -24.05 -3.12
C GLU B 196 -47.68 -24.21 -2.13
N LYS B 197 -48.27 -25.40 -2.10
CA LYS B 197 -49.38 -25.67 -1.19
C LYS B 197 -48.97 -25.43 0.26
N THR B 198 -47.80 -25.92 0.64
CA THR B 198 -47.30 -25.74 2.00
C THR B 198 -47.03 -24.27 2.33
N PHE B 199 -46.37 -23.56 1.41
CA PHE B 199 -46.09 -22.15 1.65
C PHE B 199 -47.38 -21.35 1.87
N ASN B 200 -48.38 -21.58 1.02
CA ASN B 200 -49.66 -20.88 1.14
C ASN B 200 -50.38 -21.14 2.46
N HIS B 201 -50.09 -22.27 3.10
CA HIS B 201 -50.72 -22.61 4.38
C HIS B 201 -49.96 -22.09 5.60
N LEU B 202 -48.77 -21.54 5.38
CA LEU B 202 -47.97 -20.99 6.50
C LEU B 202 -48.65 -19.80 7.22
N PRO B 203 -49.19 -18.83 6.46
CA PRO B 203 -49.84 -17.70 7.14
C PRO B 203 -50.88 -18.14 8.17
N ALA B 204 -51.69 -19.15 7.83
CA ALA B 204 -52.69 -19.66 8.76
C ALA B 204 -52.02 -20.24 10.02
N LEU B 205 -50.89 -20.91 9.82
CA LEU B 205 -50.11 -21.51 10.90
C LEU B 205 -49.42 -20.45 11.73
N VAL B 206 -49.03 -19.35 11.09
CA VAL B 206 -48.41 -18.26 11.82
C VAL B 206 -49.43 -17.69 12.80
N THR B 207 -50.65 -17.41 12.33
CA THR B 207 -51.70 -16.86 13.18
C THR B 207 -52.03 -17.80 14.34
N ALA B 208 -52.17 -19.08 14.04
CA ALA B 208 -52.49 -20.08 15.05
C ALA B 208 -51.39 -20.16 16.09
N SER B 209 -50.14 -20.15 15.62
CA SER B 209 -48.98 -20.22 16.48
C SER B 209 -48.95 -19.05 17.45
N GLN B 210 -49.34 -17.86 16.97
CA GLN B 210 -49.33 -16.69 17.83
C GLN B 210 -50.32 -16.84 18.96
N ALA B 211 -51.51 -17.33 18.63
CA ALA B 211 -52.55 -17.54 19.63
C ALA B 211 -52.01 -18.49 20.70
N TRP B 212 -51.50 -19.63 20.25
CA TRP B 212 -50.96 -20.67 21.13
C TRP B 212 -49.79 -20.16 21.98
N ALA B 213 -48.86 -19.46 21.32
CA ALA B 213 -47.69 -18.92 22.00
C ALA B 213 -48.07 -17.95 23.11
N GLN B 214 -49.10 -17.14 22.88
CA GLN B 214 -49.57 -16.17 23.86
C GLN B 214 -50.30 -16.83 25.02
N THR B 215 -51.09 -17.85 24.71
CA THR B 215 -51.84 -18.59 25.72
C THR B 215 -50.93 -19.27 26.75
N ASN B 216 -49.78 -19.78 26.30
CA ASN B 216 -48.87 -20.52 27.17
C ASN B 216 -47.57 -19.78 27.55
N ALA B 217 -47.53 -18.48 27.34
CA ALA B 217 -46.34 -17.68 27.66
C ALA B 217 -45.93 -17.76 29.13
N LEU B 218 -46.87 -17.49 30.03
CA LEU B 218 -46.58 -17.53 31.48
C LEU B 218 -45.95 -18.83 31.94
N ALA B 219 -46.51 -19.96 31.51
CA ALA B 219 -46.01 -21.28 31.89
C ALA B 219 -44.58 -21.54 31.39
N LEU B 220 -44.36 -21.35 30.09
CA LEU B 220 -43.04 -21.59 29.49
C LEU B 220 -41.93 -20.73 30.09
N ARG B 221 -42.26 -19.50 30.48
CA ARG B 221 -41.29 -18.61 31.13
C ARG B 221 -41.01 -19.16 32.53
N ASP B 222 -42.06 -19.63 33.22
CA ASP B 222 -41.94 -20.16 34.57
C ASP B 222 -41.18 -21.50 34.65
N SER B 223 -40.61 -21.96 33.53
CA SER B 223 -39.81 -23.19 33.54
C SER B 223 -38.34 -22.82 33.62
N ALA B 224 -37.55 -23.66 34.28
CA ALA B 224 -36.09 -23.43 34.43
C ALA B 224 -35.39 -23.52 33.08
N ASP B 225 -35.68 -24.58 32.35
CA ASP B 225 -35.12 -24.79 31.01
C ASP B 225 -36.17 -25.48 30.15
N ILE B 226 -35.92 -25.56 28.85
CA ILE B 226 -36.89 -26.13 27.92
C ILE B 226 -36.25 -27.16 27.00
N ARG B 227 -36.94 -28.29 26.82
CA ARG B 227 -36.45 -29.35 25.96
C ARG B 227 -37.41 -29.57 24.82
N LEU B 228 -36.88 -29.60 23.61
CA LEU B 228 -37.69 -29.82 22.42
C LEU B 228 -37.35 -31.19 21.90
N THR B 229 -38.31 -31.90 21.35
CA THR B 229 -38.02 -33.21 20.81
C THR B 229 -39.00 -33.55 19.69
N GLY B 230 -38.70 -34.61 18.95
CA GLY B 230 -39.54 -35.03 17.85
C GLY B 230 -38.90 -36.20 17.12
N PRO B 231 -39.57 -36.68 16.06
CA PRO B 231 -39.04 -37.80 15.31
C PRO B 231 -37.78 -37.40 14.57
N ALA B 232 -37.01 -38.38 14.12
CA ALA B 232 -35.76 -38.14 13.42
C ALA B 232 -35.99 -37.29 12.18
N THR B 233 -37.18 -37.41 11.58
CA THR B 233 -37.52 -36.63 10.40
C THR B 233 -37.56 -35.12 10.67
N LEU B 234 -37.65 -34.72 11.93
CA LEU B 234 -37.68 -33.30 12.26
C LEU B 234 -36.54 -32.92 13.19
N PHE B 235 -35.40 -33.60 13.06
CA PHE B 235 -34.26 -33.33 13.94
C PHE B 235 -33.71 -31.91 13.75
N GLY B 236 -33.48 -31.52 12.49
CA GLY B 236 -33.00 -30.19 12.19
C GLY B 236 -33.97 -29.14 12.69
N THR B 237 -35.25 -29.46 12.65
CA THR B 237 -36.27 -28.56 13.14
C THR B 237 -36.07 -28.29 14.63
N VAL B 238 -36.00 -29.34 15.44
CA VAL B 238 -35.85 -29.16 16.88
C VAL B 238 -34.51 -28.52 17.24
N GLN B 239 -33.48 -28.82 16.46
CA GLN B 239 -32.18 -28.23 16.68
C GLN B 239 -32.23 -26.71 16.44
N GLU B 240 -32.81 -26.31 15.30
CA GLU B 240 -32.93 -24.89 14.97
C GLU B 240 -33.83 -24.18 15.95
N GLY B 241 -34.93 -24.83 16.31
CA GLY B 241 -35.85 -24.28 17.30
C GLY B 241 -35.11 -24.01 18.60
N ALA B 242 -34.36 -25.01 19.07
CA ALA B 242 -33.62 -24.87 20.31
C ALA B 242 -32.61 -23.73 20.23
N LEU B 243 -31.92 -23.63 19.10
CA LEU B 243 -30.92 -22.57 18.93
C LEU B 243 -31.52 -21.17 18.95
N LYS B 244 -32.60 -20.95 18.22
CA LYS B 244 -33.21 -19.61 18.15
C LYS B 244 -33.86 -19.19 19.46
N MSE B 245 -34.30 -20.16 20.25
CA MSE B 245 -34.92 -19.87 21.53
C MSE B 245 -33.83 -19.52 22.51
O MSE B 245 -33.95 -18.56 23.27
CB MSE B 245 -35.76 -21.04 22.03
CG MSE B 245 -37.00 -21.28 21.17
SE MSE B 245 -38.12 -22.78 21.69
CE MSE B 245 -38.81 -22.11 23.40
N LEU B 246 -32.72 -20.26 22.47
CA LEU B 246 -31.58 -19.97 23.35
C LEU B 246 -31.09 -18.57 23.01
N GLU B 247 -30.87 -18.36 21.71
CA GLU B 247 -30.32 -17.12 21.19
C GLU B 247 -31.18 -15.88 21.45
N THR B 248 -32.50 -16.03 21.41
CA THR B 248 -33.41 -14.90 21.62
C THR B 248 -33.91 -14.75 23.06
N LEU B 249 -34.34 -15.85 23.67
CA LEU B 249 -34.89 -15.83 25.03
C LEU B 249 -33.82 -15.82 26.12
N ARG B 250 -32.62 -16.29 25.80
CA ARG B 250 -31.48 -16.28 26.73
C ARG B 250 -31.57 -17.25 27.90
N CYS B 251 -32.30 -18.35 27.74
CA CYS B 251 -32.34 -19.40 28.77
C CYS B 251 -32.13 -20.75 28.09
N PRO B 252 -31.66 -21.76 28.84
CA PRO B 252 -31.32 -23.03 28.20
C PRO B 252 -32.47 -23.69 27.47
N VAL B 253 -32.18 -24.14 26.25
CA VAL B 253 -33.13 -24.86 25.42
C VAL B 253 -32.34 -25.85 24.57
N SER B 254 -32.74 -27.11 24.57
CA SER B 254 -32.06 -28.12 23.77
C SER B 254 -33.07 -28.93 22.97
N GLY B 255 -32.65 -29.38 21.79
CA GLY B 255 -33.51 -30.17 20.88
C GLY B 255 -32.93 -31.56 20.64
N TYR B 256 -33.75 -32.59 20.84
CA TYR B 256 -33.28 -33.96 20.72
C TYR B 256 -34.13 -34.80 19.79
N GLU B 257 -33.50 -35.78 19.16
CA GLU B 257 -34.26 -36.75 18.40
C GLU B 257 -34.92 -37.54 19.52
N PHE B 258 -36.16 -37.96 19.29
CA PHE B 258 -36.95 -38.62 20.33
C PHE B 258 -36.29 -39.77 21.09
N GLU B 259 -35.81 -40.78 20.36
CA GLU B 259 -35.22 -41.94 21.01
C GLU B 259 -33.93 -41.60 21.79
N GLU B 260 -33.14 -40.66 21.29
CA GLU B 260 -31.93 -40.23 21.98
C GLU B 260 -32.31 -39.53 23.29
N PHE B 261 -33.42 -38.78 23.25
CA PHE B 261 -33.93 -38.10 24.42
C PHE B 261 -34.33 -39.14 25.47
N ILE B 262 -35.02 -40.19 25.04
CA ILE B 262 -35.45 -41.27 25.95
C ILE B 262 -34.25 -41.99 26.55
N HIS B 263 -33.33 -42.38 25.68
CA HIS B 263 -32.12 -43.10 26.09
C HIS B 263 -31.33 -42.32 27.14
N GLY B 264 -31.27 -41.00 27.00
CA GLY B 264 -30.56 -40.16 27.98
C GLY B 264 -31.46 -39.22 28.75
N ILE B 265 -32.71 -39.63 28.96
CA ILE B 265 -33.72 -38.80 29.61
C ILE B 265 -33.29 -38.11 30.91
N TYR B 266 -32.56 -38.80 31.78
CA TYR B 266 -32.20 -38.22 33.09
C TYR B 266 -31.08 -37.16 33.05
N ASN B 267 -30.39 -37.04 31.92
CA ASN B 267 -29.40 -35.99 31.73
C ASN B 267 -30.03 -34.87 30.91
N ALA B 268 -31.25 -35.11 30.43
CA ALA B 268 -31.93 -34.15 29.58
C ALA B 268 -33.22 -33.58 30.16
N PHE B 269 -33.58 -33.93 31.39
CA PHE B 269 -34.86 -33.47 31.93
C PHE B 269 -35.04 -33.74 33.43
N ASN B 270 -35.67 -32.79 34.12
CA ASN B 270 -36.00 -32.94 35.55
C ASN B 270 -37.35 -32.26 35.79
N ALA B 271 -37.85 -32.28 37.01
CA ALA B 271 -39.15 -31.68 37.31
C ALA B 271 -39.28 -30.20 36.92
N GLN B 272 -38.17 -29.48 36.87
CA GLN B 272 -38.20 -28.04 36.53
C GLN B 272 -38.27 -27.77 35.01
N SER B 273 -38.08 -28.80 34.20
CA SER B 273 -38.05 -28.63 32.75
C SER B 273 -39.43 -28.63 32.11
N ALA B 274 -39.50 -28.05 30.92
CA ALA B 274 -40.72 -28.02 30.12
C ALA B 274 -40.40 -28.76 28.84
N LEU B 275 -41.39 -29.49 28.32
CA LEU B 275 -41.20 -30.24 27.10
C LEU B 275 -42.14 -29.77 26.01
N ILE B 276 -41.57 -29.49 24.83
CA ILE B 276 -42.34 -29.16 23.64
C ILE B 276 -42.03 -30.32 22.69
N MSE B 277 -43.06 -31.07 22.32
CA MSE B 277 -42.87 -32.26 21.52
C MSE B 277 -43.54 -32.12 20.16
O MSE B 277 -44.67 -31.66 20.07
CB MSE B 277 -43.47 -33.46 22.25
CG MSE B 277 -42.72 -34.74 21.97
SE MSE B 277 -43.47 -36.34 22.78
CE MSE B 277 -44.06 -35.58 24.49
N LEU B 278 -42.85 -32.52 19.10
CA LEU B 278 -43.41 -32.46 17.76
C LEU B 278 -44.06 -33.80 17.46
N ASP B 279 -45.37 -33.78 17.21
CA ASP B 279 -46.16 -34.98 16.93
C ASP B 279 -46.85 -34.90 15.56
N PRO B 280 -46.07 -35.04 14.47
CA PRO B 280 -46.67 -34.96 13.13
C PRO B 280 -47.64 -36.11 12.81
N GLN B 281 -47.49 -37.23 13.50
CA GLN B 281 -48.38 -38.36 13.27
C GLN B 281 -48.52 -39.16 14.56
N PRO B 282 -49.60 -39.93 14.68
CA PRO B 282 -49.76 -40.71 15.91
C PRO B 282 -48.54 -41.58 16.15
N ASP B 283 -48.11 -41.67 17.42
CA ASP B 283 -46.96 -42.50 17.78
C ASP B 283 -47.11 -42.99 19.23
N ALA B 284 -47.20 -44.30 19.39
CA ALA B 284 -47.41 -44.89 20.72
C ALA B 284 -46.30 -44.50 21.68
N ARG B 285 -45.06 -44.59 21.21
CA ARG B 285 -43.91 -44.29 22.07
C ARG B 285 -43.89 -42.83 22.52
N GLN B 286 -44.20 -41.90 21.62
CA GLN B 286 -44.24 -40.50 22.02
C GLN B 286 -45.41 -40.24 22.97
N ASP B 287 -46.58 -40.82 22.68
CA ASP B 287 -47.73 -40.69 23.56
C ASP B 287 -47.39 -41.19 24.97
N ARG B 288 -46.68 -42.31 25.03
CA ARG B 288 -46.29 -42.93 26.30
C ARG B 288 -45.37 -42.01 27.12
N LEU B 289 -44.37 -41.41 26.46
CA LEU B 289 -43.48 -40.48 27.15
C LEU B 289 -44.28 -39.31 27.69
N ALA B 290 -45.17 -38.77 26.87
CA ALA B 290 -46.02 -37.66 27.26
C ALA B 290 -46.86 -38.02 28.49
N GLN B 291 -47.42 -39.23 28.48
CA GLN B 291 -48.24 -39.72 29.59
C GLN B 291 -47.44 -39.82 30.89
N ILE B 292 -46.19 -40.27 30.81
CA ILE B 292 -45.35 -40.43 31.99
C ILE B 292 -44.89 -39.09 32.54
N LEU B 293 -44.34 -38.25 31.69
CA LEU B 293 -43.91 -36.93 32.15
C LEU B 293 -45.09 -36.15 32.70
N GLY B 294 -46.26 -36.31 32.05
CA GLY B 294 -47.47 -35.63 32.47
C GLY B 294 -47.80 -35.84 33.92
N GLU B 295 -47.54 -37.04 34.43
CA GLU B 295 -47.79 -37.36 35.84
C GLU B 295 -46.89 -36.56 36.78
N TRP B 296 -45.73 -36.14 36.27
CA TRP B 296 -44.76 -35.40 37.07
C TRP B 296 -44.82 -33.89 36.87
N THR B 297 -45.13 -33.44 35.68
CA THR B 297 -45.19 -32.01 35.40
C THR B 297 -46.29 -31.65 34.41
N PRO B 298 -46.93 -30.50 34.63
CA PRO B 298 -47.96 -30.07 33.71
C PRO B 298 -47.37 -29.29 32.52
N SER B 299 -46.05 -29.12 32.52
CA SER B 299 -45.35 -28.36 31.48
C SER B 299 -45.01 -29.21 30.26
N ILE B 300 -46.03 -29.73 29.60
CA ILE B 300 -45.83 -30.53 28.41
C ILE B 300 -46.68 -29.90 27.33
N TYR B 301 -46.05 -29.62 26.19
CA TYR B 301 -46.71 -28.94 25.11
C TYR B 301 -46.47 -29.74 23.84
N ARG B 302 -47.54 -30.25 23.22
CA ARG B 302 -47.42 -31.04 22.01
C ARG B 302 -48.00 -30.29 20.80
N ILE B 303 -47.33 -30.46 19.64
CA ILE B 303 -47.71 -29.81 18.38
C ILE B 303 -47.97 -30.84 17.29
N GLY B 304 -49.18 -30.84 16.73
CA GLY B 304 -49.50 -31.79 15.68
C GLY B 304 -50.94 -31.73 15.27
N PRO B 305 -51.30 -32.41 14.16
CA PRO B 305 -52.67 -32.46 13.63
C PRO B 305 -53.66 -33.22 14.49
N GLN B 306 -53.18 -34.20 15.25
CA GLN B 306 -54.08 -35.00 16.07
C GLN B 306 -53.75 -35.05 17.55
N VAL B 307 -53.03 -34.04 18.03
CA VAL B 307 -52.71 -33.94 19.44
C VAL B 307 -53.98 -33.56 20.18
N GLU B 308 -54.02 -33.83 21.48
CA GLU B 308 -55.20 -33.52 22.28
C GLU B 308 -55.37 -32.01 22.33
N ASN B 309 -56.61 -31.55 22.20
CA ASN B 309 -56.85 -30.10 22.16
C ASN B 309 -57.07 -29.44 23.51
N ASN B 310 -56.17 -29.68 24.45
CA ASN B 310 -56.19 -28.99 25.73
C ASN B 310 -55.58 -27.60 25.47
N GLY B 311 -55.54 -26.73 26.46
CA GLY B 311 -54.99 -25.39 26.23
C GLY B 311 -53.51 -25.34 25.89
N LEU B 312 -52.77 -26.33 26.36
CA LEU B 312 -51.32 -26.37 26.21
C LEU B 312 -50.84 -26.74 24.80
N ASN B 313 -51.45 -27.76 24.21
CA ASN B 313 -51.04 -28.23 22.90
C ASN B 313 -51.39 -27.28 21.77
N LEU B 314 -50.77 -27.50 20.62
CA LEU B 314 -51.09 -26.75 19.42
C LEU B 314 -51.64 -27.77 18.44
N ASN B 315 -52.96 -27.88 18.42
CA ASN B 315 -53.62 -28.78 17.50
C ASN B 315 -53.94 -27.96 16.27
N PHE B 316 -53.26 -28.25 15.17
CA PHE B 316 -53.40 -27.48 13.95
C PHE B 316 -53.37 -28.42 12.74
N PRO B 317 -54.26 -28.20 11.77
CA PRO B 317 -54.27 -29.06 10.58
C PRO B 317 -53.09 -28.76 9.67
N PHE B 318 -51.93 -29.32 10.03
CA PHE B 318 -50.73 -29.14 9.23
C PHE B 318 -50.91 -29.82 7.87
N VAL B 319 -50.33 -29.24 6.82
CA VAL B 319 -50.41 -29.87 5.51
C VAL B 319 -49.73 -31.24 5.61
N ASN B 320 -48.68 -31.30 6.44
CA ASN B 320 -47.94 -32.53 6.68
C ASN B 320 -47.37 -33.22 5.46
N ASP B 321 -46.82 -32.43 4.54
CA ASP B 321 -46.19 -33.01 3.38
C ASP B 321 -44.96 -33.72 3.92
N GLU B 322 -44.71 -34.94 3.46
CA GLU B 322 -43.57 -35.71 3.94
C GLU B 322 -42.24 -35.02 3.78
N ASP B 323 -42.09 -34.24 2.72
CA ASP B 323 -40.83 -33.55 2.50
C ASP B 323 -40.86 -32.10 2.96
N PHE B 324 -42.00 -31.44 2.84
CA PHE B 324 -42.04 -30.00 3.10
C PHE B 324 -42.67 -29.53 4.41
N ALA B 325 -43.09 -30.47 5.24
CA ALA B 325 -43.66 -30.12 6.54
C ALA B 325 -42.58 -29.42 7.37
N VAL B 326 -41.32 -29.61 7.00
CA VAL B 326 -40.21 -28.97 7.70
C VAL B 326 -40.37 -27.45 7.71
N PHE B 327 -40.98 -26.90 6.67
CA PHE B 327 -41.22 -25.45 6.60
C PHE B 327 -42.34 -25.04 7.59
N GLU B 328 -43.20 -25.99 7.98
CA GLU B 328 -44.29 -25.69 8.91
C GLU B 328 -43.88 -25.81 10.37
N TYR B 329 -43.34 -26.96 10.74
CA TYR B 329 -43.04 -27.27 12.15
C TYR B 329 -42.03 -26.37 12.87
N ILE B 330 -41.26 -25.58 12.14
CA ILE B 330 -40.33 -24.67 12.78
C ILE B 330 -41.05 -23.38 13.20
N ILE B 331 -42.16 -23.07 12.54
CA ILE B 331 -42.88 -21.82 12.80
C ILE B 331 -43.38 -21.60 14.23
N PRO B 332 -43.98 -22.62 14.85
CA PRO B 332 -44.43 -22.38 16.22
C PRO B 332 -43.24 -22.08 17.14
N LEU B 333 -42.10 -22.73 16.87
CA LEU B 333 -40.92 -22.53 17.66
C LEU B 333 -40.34 -21.13 17.45
N GLN B 334 -40.41 -20.63 16.22
CA GLN B 334 -39.95 -19.27 15.92
C GLN B 334 -40.87 -18.26 16.58
N MSE B 335 -42.15 -18.60 16.68
CA MSE B 335 -43.13 -17.70 17.29
C MSE B 335 -42.84 -17.54 18.78
O MSE B 335 -43.03 -16.45 19.33
CB MSE B 335 -44.54 -18.25 17.06
CG MSE B 335 -45.67 -17.34 17.54
SE MSE B 335 -45.69 -15.58 16.68
CE MSE B 335 -45.77 -16.13 14.83
N LEU B 336 -42.40 -18.59 19.44
CA LEU B 336 -42.06 -18.50 20.86
C LEU B 336 -40.94 -17.48 21.02
N CYS B 337 -40.02 -17.46 20.05
CA CYS B 337 -38.93 -16.50 20.08
C CYS B 337 -39.43 -15.08 19.98
N ALA B 338 -40.50 -14.89 19.22
CA ALA B 338 -41.07 -13.56 19.00
C ALA B 338 -41.99 -13.07 20.10
N ILE B 339 -42.70 -13.96 20.79
CA ILE B 339 -43.66 -13.49 21.79
C ILE B 339 -43.22 -13.65 23.27
N LEU B 340 -42.31 -14.56 23.56
CA LEU B 340 -41.84 -14.74 24.94
C LEU B 340 -40.78 -13.69 25.28
N ASN C 14 -24.94 22.46 47.53
CA ASN C 14 -24.27 22.23 46.21
C ASN C 14 -24.49 23.44 45.29
N LEU C 15 -23.39 24.07 44.87
CA LEU C 15 -23.44 25.28 44.03
C LEU C 15 -23.77 24.98 42.56
N TYR C 16 -23.64 23.72 42.17
CA TYR C 16 -23.91 23.28 40.79
C TYR C 16 -25.43 23.26 40.56
N PHE C 17 -26.18 23.11 41.64
CA PHE C 17 -27.65 23.09 41.61
C PHE C 17 -28.26 24.47 41.37
N GLN C 18 -27.78 25.47 42.10
CA GLN C 18 -28.26 26.83 41.91
C GLN C 18 -28.26 27.16 40.41
N GLY C 19 -27.25 26.65 39.71
CA GLY C 19 -27.11 26.87 38.28
C GLY C 19 -28.08 26.08 37.43
N MSE C 20 -28.17 24.77 37.67
CA MSE C 20 -29.07 23.93 36.88
C MSE C 20 -30.51 24.36 37.04
O MSE C 20 -31.27 24.43 36.08
CB MSE C 20 -28.92 22.44 37.27
CG MSE C 20 -27.57 21.83 36.89
SE MSE C 20 -27.47 19.88 37.12
CE MSE C 20 -28.74 19.32 35.75
N ASN C 21 -30.89 24.66 38.28
CA ASN C 21 -32.25 25.06 38.58
C ASN C 21 -32.68 26.31 37.83
N GLU C 22 -31.73 27.20 37.55
CA GLU C 22 -32.02 28.45 36.85
C GLU C 22 -31.93 28.35 35.32
N THR C 23 -31.38 27.26 34.81
CA THR C 23 -31.22 27.11 33.35
C THR C 23 -32.54 27.27 32.60
N PRO C 24 -33.57 26.51 32.98
CA PRO C 24 -34.85 26.61 32.28
C PRO C 24 -35.36 28.04 32.17
N LEU C 25 -35.33 28.80 33.26
CA LEU C 25 -35.81 30.18 33.23
C LEU C 25 -34.97 31.03 32.26
N ARG C 26 -33.65 30.85 32.29
CA ARG C 26 -32.78 31.57 31.36
C ARG C 26 -33.16 31.27 29.91
N LEU C 27 -33.47 30.00 29.62
CA LEU C 27 -33.85 29.57 28.27
C LEU C 27 -35.20 30.12 27.87
N LEU C 28 -36.12 30.23 28.82
CA LEU C 28 -37.44 30.76 28.55
C LEU C 28 -37.33 32.24 28.22
N GLU C 29 -36.51 32.97 28.97
CA GLU C 29 -36.33 34.40 28.71
C GLU C 29 -35.80 34.65 27.31
N MSE C 30 -34.94 33.75 26.84
CA MSE C 30 -34.36 33.90 25.52
C MSE C 30 -35.41 33.84 24.41
O MSE C 30 -35.22 34.46 23.36
CB MSE C 30 -33.25 32.86 25.29
CG MSE C 30 -31.99 33.18 26.07
SE MSE C 30 -30.56 31.94 25.67
CE MSE C 30 -30.55 32.11 23.72
N LEU C 31 -36.50 33.12 24.64
CA LEU C 31 -37.57 33.00 23.66
C LEU C 31 -38.35 34.28 23.46
N THR C 32 -38.28 35.21 24.42
CA THR C 32 -39.03 36.46 24.36
C THR C 32 -38.20 37.69 24.06
N GLN C 33 -36.88 37.58 24.12
CA GLN C 33 -36.01 38.71 23.81
C GLN C 33 -36.11 39.03 22.33
N THR C 34 -36.00 40.30 21.99
CA THR C 34 -35.95 40.70 20.60
C THR C 34 -34.48 40.53 20.28
N ARG C 35 -34.17 40.01 19.12
CA ARG C 35 -32.79 39.77 18.78
C ARG C 35 -32.48 40.47 17.46
N GLU C 36 -32.31 41.78 17.52
CA GLU C 36 -32.01 42.53 16.31
C GLU C 36 -30.69 42.06 15.73
N ASP C 37 -29.79 41.60 16.61
CA ASP C 37 -28.50 41.09 16.18
C ASP C 37 -28.63 39.88 15.27
N LEU C 38 -29.53 38.95 15.61
CA LEU C 38 -29.70 37.75 14.79
C LEU C 38 -30.40 38.09 13.47
N TRP C 39 -31.33 39.04 13.53
CA TRP C 39 -32.05 39.45 12.32
C TRP C 39 -31.13 40.16 11.33
N ARG C 40 -30.19 40.98 11.82
CA ARG C 40 -29.24 41.66 10.95
C ARG C 40 -28.36 40.64 10.24
N ALA C 41 -27.96 39.61 10.99
CA ALA C 41 -27.15 38.53 10.44
C ALA C 41 -27.93 37.82 9.36
N ALA C 42 -29.19 37.52 9.64
CA ALA C 42 -30.05 36.85 8.67
C ALA C 42 -30.20 37.69 7.40
N GLN C 43 -30.38 39.00 7.55
CA GLN C 43 -30.52 39.86 6.38
C GLN C 43 -29.24 39.84 5.57
N ALA C 44 -28.12 39.97 6.26
CA ALA C 44 -26.81 39.97 5.60
C ALA C 44 -26.62 38.67 4.83
N LEU C 45 -26.90 37.55 5.48
CA LEU C 45 -26.77 36.25 4.86
C LEU C 45 -27.55 36.16 3.55
N THR C 46 -28.77 36.67 3.55
CA THR C 46 -29.62 36.64 2.36
C THR C 46 -29.12 37.56 1.26
N GLU C 47 -28.81 38.80 1.62
CA GLU C 47 -28.42 39.81 0.66
C GLU C 47 -27.02 39.69 0.08
N ARG C 48 -26.10 39.13 0.84
CA ARG C 48 -24.72 39.02 0.37
C ARG C 48 -24.34 37.70 -0.29
N GLY C 49 -25.35 36.94 -0.70
CA GLY C 49 -25.10 35.69 -1.40
C GLY C 49 -24.31 34.63 -0.65
N VAL C 50 -24.67 34.36 0.60
CA VAL C 50 -24.03 33.28 1.38
C VAL C 50 -24.57 31.95 0.86
N THR C 51 -23.70 30.96 0.67
CA THR C 51 -24.12 29.67 0.12
C THR C 51 -24.11 28.54 1.13
N ARG C 52 -23.57 28.78 2.32
CA ARG C 52 -23.49 27.76 3.36
C ARG C 52 -23.08 28.38 4.69
N ILE C 53 -23.34 27.66 5.79
CA ILE C 53 -22.93 28.12 7.10
C ILE C 53 -21.85 27.18 7.67
N ILE C 54 -20.81 27.77 8.24
CA ILE C 54 -19.74 27.01 8.84
C ILE C 54 -19.65 27.39 10.31
N LEU C 55 -19.93 26.45 11.21
CA LEU C 55 -19.84 26.70 12.64
C LEU C 55 -18.49 26.18 13.14
N THR C 56 -17.72 27.00 13.84
CA THR C 56 -16.40 26.56 14.29
C THR C 56 -16.15 26.88 15.76
N GLY C 57 -15.52 25.95 16.46
CA GLY C 57 -15.20 26.11 17.86
C GLY C 57 -14.61 24.82 18.43
N SER C 58 -14.39 24.81 19.73
CA SER C 58 -13.84 23.65 20.41
C SER C 58 -14.69 23.25 21.61
N GLY C 59 -14.55 22.00 22.04
CA GLY C 59 -15.26 21.52 23.22
C GLY C 59 -16.77 21.76 23.23
N THR C 60 -17.26 22.35 24.32
CA THR C 60 -18.68 22.58 24.47
C THR C 60 -19.23 23.34 23.27
N SER C 61 -18.50 24.33 22.78
CA SER C 61 -18.95 25.12 21.63
C SER C 61 -19.13 24.22 20.41
N TYR C 62 -18.16 23.36 20.16
CA TYR C 62 -18.20 22.41 19.06
C TYR C 62 -19.40 21.49 19.19
N HIS C 63 -19.64 21.01 20.41
CA HIS C 63 -20.75 20.10 20.67
C HIS C 63 -22.08 20.81 20.44
N GLY C 64 -22.15 22.06 20.89
CA GLY C 64 -23.33 22.88 20.66
C GLY C 64 -23.62 22.98 19.17
N ALA C 65 -22.57 23.22 18.39
CA ALA C 65 -22.70 23.30 16.94
C ALA C 65 -23.21 21.97 16.38
N LEU C 66 -22.63 20.86 16.84
CA LEU C 66 -23.07 19.53 16.41
C LEU C 66 -24.55 19.27 16.75
N THR C 67 -24.93 19.58 17.97
CA THR C 67 -26.30 19.39 18.44
C THR C 67 -27.34 20.20 17.64
N ALA C 68 -26.95 21.39 17.17
CA ALA C 68 -27.86 22.28 16.43
C ALA C 68 -27.79 22.19 14.88
N ARG C 69 -26.85 21.40 14.37
CA ARG C 69 -26.63 21.33 12.92
C ARG C 69 -27.89 21.04 12.12
N THR C 70 -28.52 19.90 12.40
CA THR C 70 -29.71 19.51 11.65
C THR C 70 -30.76 20.62 11.61
N PHE C 71 -31.07 21.19 12.78
CA PHE C 71 -32.06 22.24 12.85
C PHE C 71 -31.63 23.43 11.98
N MSE C 72 -30.34 23.74 12.00
CA MSE C 72 -29.86 24.85 11.19
C MSE C 72 -29.94 24.62 9.69
O MSE C 72 -30.20 25.55 8.94
CB MSE C 72 -28.44 25.22 11.55
CG MSE C 72 -28.33 25.81 12.92
SE MSE C 72 -27.17 27.33 12.80
CE MSE C 72 -28.20 28.43 11.65
N GLN C 73 -29.70 23.39 9.25
CA GLN C 73 -29.79 23.06 7.83
C GLN C 73 -31.20 23.28 7.35
N ARG C 74 -32.13 22.71 8.10
CA ARG C 74 -33.52 22.75 7.73
C ARG C 74 -33.99 24.17 7.53
N TRP C 75 -33.89 24.99 8.56
CA TRP C 75 -34.41 26.34 8.53
C TRP C 75 -33.57 27.38 7.81
N CYS C 76 -32.27 27.17 7.68
CA CYS C 76 -31.46 28.08 6.88
C CYS C 76 -31.58 27.66 5.40
N ALA C 77 -31.99 26.40 5.18
CA ALA C 77 -32.08 25.85 3.83
C ALA C 77 -30.73 25.98 3.13
N LEU C 78 -29.67 25.76 3.89
CA LEU C 78 -28.29 25.80 3.39
C LEU C 78 -27.46 24.71 4.04
N PRO C 79 -26.37 24.31 3.38
CA PRO C 79 -25.51 23.33 4.04
C PRO C 79 -24.93 23.94 5.31
N VAL C 80 -24.66 23.10 6.29
CA VAL C 80 -24.12 23.55 7.57
C VAL C 80 -22.98 22.64 7.97
N ASP C 81 -21.78 23.21 8.04
CA ASP C 81 -20.59 22.47 8.40
C ASP C 81 -20.23 22.77 9.83
N VAL C 82 -19.75 21.75 10.53
CA VAL C 82 -19.31 21.90 11.90
C VAL C 82 -17.88 21.36 11.98
N CYS C 83 -16.92 22.20 12.38
CA CYS C 83 -15.54 21.77 12.45
C CYS C 83 -14.71 22.55 13.44
N TRP C 84 -13.54 21.99 13.74
CA TRP C 84 -12.58 22.65 14.61
C TRP C 84 -11.90 23.73 13.79
N PRO C 85 -11.44 24.81 14.44
CA PRO C 85 -10.85 25.95 13.72
C PRO C 85 -9.66 25.64 12.83
N PHE C 86 -8.81 24.69 13.22
CA PHE C 86 -7.62 24.35 12.43
C PHE C 86 -7.95 23.70 11.07
N MSE C 87 -9.17 23.18 10.94
CA MSE C 87 -9.64 22.57 9.68
C MSE C 87 -9.95 23.68 8.66
O MSE C 87 -9.91 23.45 7.45
CB MSE C 87 -10.88 21.73 9.91
CG MSE C 87 -10.67 20.50 10.78
SE MSE C 87 -9.65 19.08 9.92
CE MSE C 87 -10.96 18.55 8.57
N LEU C 88 -10.27 24.88 9.15
CA LEU C 88 -10.55 26.00 8.26
C LEU C 88 -9.28 26.70 7.86
N ASP C 89 -8.42 26.00 7.12
CA ASP C 89 -7.17 26.58 6.64
C ASP C 89 -7.45 27.46 5.42
N ASP C 90 -6.41 28.12 4.90
CA ASP C 90 -6.59 29.00 3.74
C ASP C 90 -7.12 28.27 2.51
N GLU C 91 -6.53 27.11 2.17
CA GLU C 91 -7.01 26.36 0.99
C GLU C 91 -8.47 25.94 1.09
N THR C 92 -8.89 25.56 2.29
CA THR C 92 -10.28 25.18 2.51
C THR C 92 -11.17 26.40 2.29
N LEU C 93 -10.80 27.53 2.89
CA LEU C 93 -11.58 28.78 2.77
C LEU C 93 -11.59 29.35 1.34
N ALA C 94 -10.56 29.05 0.55
CA ALA C 94 -10.47 29.52 -0.84
C ALA C 94 -11.35 28.68 -1.78
N ARG C 95 -11.33 27.35 -1.63
CA ARG C 95 -12.15 26.45 -2.45
C ARG C 95 -13.63 26.55 -2.11
N SER C 96 -13.91 26.86 -0.86
CA SER C 96 -15.28 26.95 -0.38
C SER C 96 -16.02 28.09 -1.01
N GLY C 97 -17.33 27.91 -1.20
CA GLY C 97 -18.19 28.96 -1.72
C GLY C 97 -18.43 29.95 -0.61
N LYS C 98 -18.83 31.17 -0.94
CA LYS C 98 -19.06 32.19 0.07
C LYS C 98 -19.91 31.58 1.19
N ALA C 99 -19.48 31.81 2.41
CA ALA C 99 -20.16 31.23 3.54
C ALA C 99 -20.16 32.17 4.73
N LEU C 100 -21.01 31.87 5.69
CA LEU C 100 -21.03 32.59 6.95
C LEU C 100 -20.24 31.70 7.91
N VAL C 101 -19.10 32.19 8.38
CA VAL C 101 -18.30 31.46 9.34
C VAL C 101 -18.65 31.97 10.72
N VAL C 102 -19.27 31.12 11.54
CA VAL C 102 -19.62 31.51 12.90
C VAL C 102 -18.64 30.93 13.92
N GLY C 103 -17.85 31.80 14.55
CA GLY C 103 -16.90 31.40 15.58
C GLY C 103 -17.64 31.36 16.91
N ILE C 104 -17.56 30.23 17.62
CA ILE C 104 -18.31 30.04 18.86
C ILE C 104 -17.37 29.78 20.03
N SER C 105 -17.69 30.36 21.18
CA SER C 105 -16.89 30.16 22.37
C SER C 105 -17.74 30.30 23.63
N GLN C 106 -17.50 29.45 24.61
CA GLN C 106 -18.20 29.58 25.88
C GLN C 106 -17.65 30.79 26.62
N GLY C 107 -16.41 31.17 26.30
CA GLY C 107 -15.76 32.33 26.88
C GLY C 107 -15.63 33.47 25.87
N GLY C 108 -14.50 34.16 25.90
CA GLY C 108 -14.27 35.29 25.00
C GLY C 108 -13.64 34.90 23.67
N GLY C 109 -13.34 33.63 23.51
CA GLY C 109 -12.75 33.15 22.28
C GLY C 109 -11.33 32.67 22.43
N SER C 110 -11.01 31.65 21.63
CA SER C 110 -9.69 31.05 21.58
C SER C 110 -8.91 31.66 20.42
N LEU C 111 -7.59 31.53 20.46
CA LEU C 111 -6.75 32.04 19.39
C LEU C 111 -7.11 31.34 18.08
N SER C 112 -7.32 30.03 18.16
CA SER C 112 -7.63 29.22 16.99
C SER C 112 -8.88 29.69 16.26
N THR C 113 -9.93 29.95 17.02
CA THR C 113 -11.17 30.40 16.42
C THR C 113 -10.98 31.82 15.86
N LEU C 114 -10.33 32.68 16.64
CA LEU C 114 -10.09 34.04 16.16
C LEU C 114 -9.34 33.96 14.84
N ALA C 115 -8.27 33.17 14.80
CA ALA C 115 -7.43 33.04 13.61
C ALA C 115 -8.23 32.55 12.40
N ALA C 116 -9.00 31.50 12.61
CA ALA C 116 -9.83 30.94 11.55
C ALA C 116 -10.78 32.02 11.01
N MSE C 117 -11.44 32.74 11.92
CA MSE C 117 -12.34 33.81 11.53
C MSE C 117 -11.64 34.84 10.65
O MSE C 117 -12.18 35.25 9.62
CB MSE C 117 -12.94 34.49 12.77
CG MSE C 117 -13.89 33.61 13.55
SE MSE C 117 -14.58 34.41 15.16
CE MSE C 117 -15.52 35.92 14.37
N GLU C 118 -10.44 35.25 11.04
CA GLU C 118 -9.71 36.24 10.26
C GLU C 118 -9.30 35.72 8.88
N ARG C 119 -8.90 34.45 8.79
CA ARG C 119 -8.57 33.88 7.49
C ARG C 119 -9.80 33.91 6.59
N ALA C 120 -10.95 33.57 7.16
CA ALA C 120 -12.22 33.57 6.45
C ALA C 120 -12.55 34.97 5.94
N ARG C 121 -12.31 35.95 6.82
CA ARG C 121 -12.63 37.33 6.54
C ARG C 121 -11.75 37.88 5.41
N ASN C 122 -10.46 37.51 5.40
CA ASN C 122 -9.53 38.00 4.37
C ASN C 122 -9.91 37.56 2.96
N VAL C 123 -10.44 36.35 2.86
CA VAL C 123 -10.84 35.74 1.60
C VAL C 123 -12.21 36.22 1.09
N GLY C 124 -13.02 36.82 1.96
CA GLY C 124 -14.33 37.34 1.55
C GLY C 124 -15.58 36.75 2.18
N HIS C 125 -15.43 35.71 3.01
CA HIS C 125 -16.60 35.14 3.66
C HIS C 125 -17.10 36.12 4.72
N ILE C 126 -18.35 35.96 5.14
CA ILE C 126 -18.92 36.79 6.20
C ILE C 126 -18.67 36.07 7.51
N THR C 127 -18.37 36.82 8.56
CA THR C 127 -18.09 36.21 9.85
C THR C 127 -19.03 36.71 10.93
N ALA C 128 -19.34 35.83 11.88
CA ALA C 128 -20.17 36.22 13.03
C ALA C 128 -19.57 35.56 14.25
N SER C 129 -19.75 36.18 15.42
CA SER C 129 -19.22 35.63 16.66
C SER C 129 -20.34 35.24 17.62
N MSE C 130 -20.13 34.12 18.30
CA MSE C 130 -21.04 33.66 19.34
C MSE C 130 -20.25 33.34 20.61
O MSE C 130 -20.02 32.19 20.94
CB MSE C 130 -21.87 32.44 18.92
CG MSE C 130 -22.98 32.75 17.97
SE MSE C 130 -24.23 31.28 17.83
CE MSE C 130 -25.42 32.05 16.52
N ALA C 131 -19.82 34.40 21.29
CA ALA C 131 -19.09 34.26 22.53
C ALA C 131 -20.08 34.32 23.68
N GLY C 132 -19.69 33.80 24.84
CA GLY C 132 -20.57 33.80 26.01
C GLY C 132 -20.44 35.08 26.81
N VAL C 133 -19.59 35.99 26.36
CA VAL C 133 -19.38 37.24 27.03
C VAL C 133 -19.17 38.34 26.01
N ALA C 134 -19.37 39.58 26.44
CA ALA C 134 -19.17 40.76 25.59
C ALA C 134 -18.58 41.86 26.46
N PRO C 135 -17.51 42.50 25.99
CA PRO C 135 -16.84 42.29 24.71
C PRO C 135 -15.96 41.04 24.72
N ALA C 136 -15.99 40.26 23.64
CA ALA C 136 -15.19 39.03 23.52
C ALA C 136 -14.05 39.20 22.51
N THR C 137 -12.98 38.44 22.68
CA THR C 137 -11.83 38.56 21.77
C THR C 137 -12.19 38.27 20.33
N ILE C 138 -12.99 37.24 20.11
CA ILE C 138 -13.40 36.89 18.76
C ILE C 138 -14.32 37.95 18.12
N ASP C 139 -14.82 38.89 18.93
CA ASP C 139 -15.66 39.96 18.37
C ASP C 139 -14.87 40.85 17.40
N ARG C 140 -13.54 40.79 17.52
CA ARG C 140 -12.62 41.57 16.66
C ARG C 140 -12.70 41.18 15.19
N ALA C 141 -13.00 39.91 14.94
CA ALA C 141 -13.07 39.37 13.58
C ALA C 141 -14.50 39.10 13.14
N ALA C 142 -15.46 39.70 13.82
CA ALA C 142 -16.86 39.45 13.53
C ALA C 142 -17.56 40.60 12.81
N ASP C 143 -18.15 40.29 11.66
CA ASP C 143 -18.93 41.26 10.91
C ASP C 143 -20.26 41.46 11.66
N TYR C 144 -20.64 40.45 12.45
CA TYR C 144 -21.88 40.50 13.23
C TYR C 144 -21.67 39.80 14.59
N ILE C 145 -21.79 40.55 15.68
CA ILE C 145 -21.62 39.98 17.01
C ILE C 145 -22.97 39.39 17.46
N LEU C 146 -23.02 38.07 17.64
CA LEU C 146 -24.27 37.40 18.03
C LEU C 146 -24.13 36.77 19.41
N THR C 147 -23.61 37.56 20.35
CA THR C 147 -23.33 37.07 21.71
C THR C 147 -24.45 36.25 22.34
N VAL C 148 -24.06 35.13 22.96
CA VAL C 148 -24.98 34.26 23.70
C VAL C 148 -25.27 35.01 25.01
N PRO C 149 -26.54 35.41 25.22
CA PRO C 149 -26.95 36.22 26.39
C PRO C 149 -26.96 35.51 27.75
N CYS C 150 -25.85 35.56 28.47
CA CYS C 150 -25.72 34.93 29.78
C CYS C 150 -25.39 35.92 30.90
N GLY C 151 -25.74 37.19 30.70
CA GLY C 151 -25.50 38.23 31.69
C GLY C 151 -24.12 38.14 32.31
N THR C 159 -22.96 26.56 33.85
CA THR C 159 -23.83 25.40 33.60
C THR C 159 -24.78 25.53 32.40
N LYS C 160 -25.36 26.71 32.23
CA LYS C 160 -26.31 26.95 31.13
C LYS C 160 -25.65 27.05 29.75
N GLY C 161 -24.36 27.38 29.74
CA GLY C 161 -23.58 27.59 28.51
C GLY C 161 -23.94 26.78 27.28
N TYR C 162 -23.93 25.46 27.41
CA TYR C 162 -24.24 24.55 26.30
C TYR C 162 -25.69 24.75 25.81
N HIS C 163 -26.65 24.74 26.74
CA HIS C 163 -28.07 24.96 26.42
C HIS C 163 -28.29 26.29 25.70
N CYS C 164 -27.76 27.36 26.29
CA CYS C 164 -27.89 28.69 25.72
C CYS C 164 -27.26 28.78 24.33
N THR C 165 -26.12 28.10 24.15
CA THR C 165 -25.42 28.13 22.87
C THR C 165 -26.25 27.40 21.83
N VAL C 166 -26.83 26.28 22.23
CA VAL C 166 -27.66 25.53 21.31
C VAL C 166 -28.86 26.36 20.90
N LEU C 167 -29.57 26.91 21.87
CA LEU C 167 -30.75 27.72 21.56
C LEU C 167 -30.37 28.93 20.70
N ASN C 168 -29.22 29.56 21.00
CA ASN C 168 -28.77 30.73 20.26
C ASN C 168 -28.64 30.42 18.78
N LEU C 169 -28.08 29.25 18.48
CA LEU C 169 -27.92 28.77 17.12
C LEU C 169 -29.27 28.49 16.46
N MSE C 170 -30.19 27.93 17.24
CA MSE C 170 -31.52 27.62 16.70
C MSE C 170 -32.32 28.90 16.42
O MSE C 170 -33.05 28.98 15.44
CB MSE C 170 -32.28 26.69 17.63
CG MSE C 170 -31.71 25.27 17.65
SE MSE C 170 -32.64 24.14 18.92
CE MSE C 170 -31.94 22.41 18.37
N LEU C 171 -32.17 29.89 17.28
CA LEU C 171 -32.85 31.17 17.07
C LEU C 171 -32.29 31.87 15.82
N LEU C 172 -31.01 31.66 15.51
CA LEU C 172 -30.42 32.25 14.31
C LEU C 172 -31.07 31.60 13.08
N ALA C 173 -31.27 30.28 13.14
CA ALA C 173 -31.88 29.56 12.03
C ALA C 173 -33.30 30.09 11.80
N LEU C 174 -34.06 30.29 12.88
CA LEU C 174 -35.41 30.84 12.79
C LEU C 174 -35.40 32.25 12.17
N ALA C 175 -34.40 33.05 12.54
CA ALA C 175 -34.26 34.40 11.98
C ALA C 175 -34.02 34.34 10.47
N VAL C 176 -33.14 33.43 10.04
CA VAL C 176 -32.88 33.25 8.61
C VAL C 176 -34.15 32.81 7.89
N ALA C 177 -34.84 31.81 8.44
CA ALA C 177 -36.07 31.31 7.86
C ALA C 177 -37.07 32.46 7.71
N GLY C 178 -37.15 33.30 8.73
CA GLY C 178 -38.04 34.46 8.70
C GLY C 178 -37.69 35.46 7.60
N GLN C 179 -36.42 35.88 7.55
CA GLN C 179 -35.96 36.82 6.52
C GLN C 179 -36.27 36.35 5.12
N GLN C 180 -36.08 35.06 4.87
CA GLN C 180 -36.30 34.49 3.55
C GLN C 180 -37.76 34.08 3.36
N GLN C 181 -38.62 34.52 4.26
CA GLN C 181 -40.06 34.26 4.20
C GLN C 181 -40.42 32.80 4.01
N ARG C 182 -39.82 31.93 4.82
CA ARG C 182 -40.13 30.51 4.81
C ARG C 182 -40.65 30.09 6.17
N LEU C 183 -41.09 31.09 6.95
CA LEU C 183 -41.60 30.89 8.29
C LEU C 183 -42.54 32.05 8.63
N ASP C 184 -43.85 31.80 8.60
CA ASP C 184 -44.82 32.84 8.96
C ASP C 184 -44.97 32.92 10.48
N GLY C 185 -45.86 33.78 10.97
CA GLY C 185 -46.10 33.93 12.41
C GLY C 185 -46.53 32.64 13.08
N GLU C 186 -47.52 31.97 12.48
CA GLU C 186 -48.03 30.68 12.97
C GLU C 186 -46.91 29.66 13.13
N GLN C 187 -46.16 29.43 12.05
CA GLN C 187 -45.04 28.50 12.01
C GLN C 187 -43.98 28.88 13.04
N ARG C 188 -43.63 30.16 13.04
CA ARG C 188 -42.68 30.72 13.99
C ARG C 188 -43.09 30.38 15.40
N ARG C 189 -44.29 30.79 15.78
CA ARG C 189 -44.78 30.56 17.13
C ARG C 189 -44.89 29.09 17.48
N SER C 190 -45.29 28.29 16.49
CA SER C 190 -45.41 26.84 16.65
C SER C 190 -44.10 26.25 17.19
N LEU C 191 -42.98 26.69 16.63
CA LEU C 191 -41.65 26.25 17.07
C LEU C 191 -41.32 26.81 18.46
N LEU C 192 -41.65 28.09 18.69
CA LEU C 192 -41.38 28.71 19.99
C LEU C 192 -42.19 28.03 21.10
N LEU C 193 -43.41 27.59 20.78
CA LEU C 193 -44.24 26.88 21.76
C LEU C 193 -43.66 25.50 22.09
N ARG C 194 -43.06 24.83 21.12
CA ARG C 194 -42.47 23.51 21.38
C ARG C 194 -41.22 23.65 22.22
N MSE C 195 -40.46 24.72 22.00
CA MSE C 195 -39.27 24.96 22.80
C MSE C 195 -39.74 25.25 24.23
O MSE C 195 -39.18 24.72 25.20
CB MSE C 195 -38.48 26.15 22.26
CG MSE C 195 -37.88 25.94 20.89
SE MSE C 195 -37.06 27.58 20.23
CE MSE C 195 -36.34 26.92 18.55
N GLU C 196 -40.76 26.08 24.36
CA GLU C 196 -41.28 26.48 25.66
C GLU C 196 -41.76 25.27 26.46
N LYS C 197 -42.48 24.36 25.82
CA LYS C 197 -42.98 23.20 26.53
C LYS C 197 -41.81 22.37 27.05
N THR C 198 -40.82 22.16 26.20
CA THR C 198 -39.67 21.41 26.63
C THR C 198 -39.00 22.08 27.83
N PHE C 199 -38.79 23.39 27.77
CA PHE C 199 -38.15 24.10 28.88
C PHE C 199 -38.95 23.96 30.18
N ASN C 200 -40.28 24.08 30.09
CA ASN C 200 -41.14 23.92 31.26
C ASN C 200 -41.01 22.54 31.90
N HIS C 201 -40.72 21.52 31.10
CA HIS C 201 -40.59 20.15 31.60
C HIS C 201 -39.19 19.82 32.11
N LEU C 202 -38.24 20.74 31.98
CA LEU C 202 -36.89 20.49 32.45
C LEU C 202 -36.79 20.38 34.00
N PRO C 203 -37.44 21.29 34.74
CA PRO C 203 -37.35 21.20 36.20
C PRO C 203 -37.72 19.82 36.76
N ALA C 204 -38.75 19.20 36.21
CA ALA C 204 -39.15 17.86 36.63
C ALA C 204 -38.03 16.86 36.33
N LEU C 205 -37.35 17.06 35.21
CA LEU C 205 -36.27 16.17 34.78
C LEU C 205 -35.02 16.33 35.65
N VAL C 206 -34.77 17.54 36.12
CA VAL C 206 -33.65 17.79 37.01
C VAL C 206 -33.89 17.01 38.32
N THR C 207 -35.09 17.14 38.86
CA THR C 207 -35.45 16.42 40.06
C THR C 207 -35.38 14.90 39.86
N ALA C 208 -35.86 14.41 38.73
CA ALA C 208 -35.82 12.98 38.46
C ALA C 208 -34.36 12.53 38.27
N SER C 209 -33.57 13.34 37.58
CA SER C 209 -32.15 13.02 37.30
C SER C 209 -31.32 12.96 38.58
N GLN C 210 -31.58 13.86 39.51
CA GLN C 210 -30.84 13.88 40.77
C GLN C 210 -31.11 12.62 41.54
N ALA C 211 -32.36 12.17 41.55
CA ALA C 211 -32.74 10.94 42.25
C ALA C 211 -32.02 9.73 41.64
N TRP C 212 -31.91 9.74 40.32
CA TRP C 212 -31.26 8.67 39.58
C TRP C 212 -29.73 8.71 39.78
N ALA C 213 -29.16 9.90 39.79
CA ALA C 213 -27.73 10.04 39.99
C ALA C 213 -27.31 9.55 41.39
N GLN C 214 -28.12 9.84 42.39
CA GLN C 214 -27.80 9.44 43.76
C GLN C 214 -27.95 7.93 43.96
N THR C 215 -29.02 7.35 43.42
CA THR C 215 -29.22 5.92 43.54
C THR C 215 -28.03 5.18 42.95
N ASN C 216 -27.68 5.54 41.72
CA ASN C 216 -26.62 4.85 41.00
C ASN C 216 -25.21 5.39 41.19
N ALA C 217 -25.03 6.33 42.12
CA ALA C 217 -23.71 6.94 42.34
C ALA C 217 -22.58 5.95 42.66
N LEU C 218 -22.79 5.10 43.66
CA LEU C 218 -21.78 4.12 44.05
C LEU C 218 -21.31 3.31 42.86
N ALA C 219 -22.21 2.55 42.26
CA ALA C 219 -21.87 1.70 41.13
C ALA C 219 -21.10 2.44 40.02
N LEU C 220 -21.50 3.66 39.68
CA LEU C 220 -20.80 4.39 38.61
C LEU C 220 -19.37 4.76 39.01
N ARG C 221 -19.19 5.17 40.26
CA ARG C 221 -17.87 5.56 40.77
C ARG C 221 -16.87 4.40 40.73
N ASP C 222 -17.34 3.20 41.09
CA ASP C 222 -16.49 2.01 41.10
C ASP C 222 -16.04 1.57 39.70
N SER C 223 -16.52 2.24 38.65
CA SER C 223 -16.12 1.91 37.28
C SER C 223 -14.78 2.54 36.93
N ALA C 224 -14.01 1.82 36.10
CA ALA C 224 -12.70 2.29 35.65
C ALA C 224 -12.90 3.46 34.70
N ASP C 225 -13.79 3.28 33.72
CA ASP C 225 -14.11 4.34 32.76
C ASP C 225 -15.60 4.24 32.40
N ILE C 226 -16.09 5.23 31.65
CA ILE C 226 -17.50 5.28 31.28
C ILE C 226 -17.70 5.54 29.77
N ARG C 227 -18.64 4.81 29.16
CA ARG C 227 -18.93 4.95 27.73
C ARG C 227 -20.38 5.36 27.54
N LEU C 228 -20.60 6.48 26.86
CA LEU C 228 -21.93 6.97 26.60
C LEU C 228 -22.27 6.68 25.16
N THR C 229 -23.47 6.23 24.90
CA THR C 229 -23.88 6.00 23.52
C THR C 229 -25.32 6.43 23.27
N GLY C 230 -25.65 6.63 22.00
CA GLY C 230 -26.99 7.04 21.63
C GLY C 230 -27.14 7.12 20.12
N PRO C 231 -28.36 7.40 19.65
CA PRO C 231 -28.59 7.50 18.22
C PRO C 231 -27.92 8.73 17.64
N ALA C 232 -27.58 8.67 16.35
CA ALA C 232 -26.95 9.79 15.64
C ALA C 232 -27.59 11.13 16.00
N THR C 233 -28.90 11.15 16.21
CA THR C 233 -29.61 12.40 16.55
C THR C 233 -29.24 12.95 17.93
N LEU C 234 -28.39 12.25 18.67
CA LEU C 234 -27.96 12.73 19.99
C LEU C 234 -26.44 12.68 20.13
N PHE C 235 -25.73 12.73 19.00
CA PHE C 235 -24.28 12.66 19.02
C PHE C 235 -23.69 13.81 19.81
N GLY C 236 -24.20 15.01 19.57
CA GLY C 236 -23.72 16.21 20.25
C GLY C 236 -23.92 16.08 21.75
N THR C 237 -25.01 15.43 22.13
CA THR C 237 -25.37 15.24 23.53
C THR C 237 -24.39 14.33 24.28
N VAL C 238 -24.10 13.17 23.69
CA VAL C 238 -23.17 12.25 24.33
C VAL C 238 -21.74 12.80 24.30
N GLN C 239 -21.42 13.61 23.29
CA GLN C 239 -20.09 14.20 23.22
C GLN C 239 -19.92 15.25 24.31
N GLU C 240 -20.94 16.08 24.50
CA GLU C 240 -20.88 17.07 25.56
C GLU C 240 -20.92 16.33 26.89
N GLY C 241 -21.83 15.37 27.02
CA GLY C 241 -21.92 14.58 28.24
C GLY C 241 -20.60 13.94 28.62
N ALA C 242 -19.91 13.34 27.66
CA ALA C 242 -18.64 12.70 27.96
C ALA C 242 -17.63 13.73 28.43
N LEU C 243 -17.57 14.87 27.75
CA LEU C 243 -16.60 15.91 28.08
C LEU C 243 -16.77 16.48 29.48
N LYS C 244 -18.01 16.78 29.88
CA LYS C 244 -18.24 17.36 31.21
C LYS C 244 -17.94 16.36 32.31
N MSE C 245 -18.30 15.10 32.06
CA MSE C 245 -18.03 14.05 33.02
C MSE C 245 -16.52 13.85 33.13
O MSE C 245 -15.96 13.75 34.21
CB MSE C 245 -18.76 12.76 32.63
CG MSE C 245 -20.28 12.89 32.70
SE MSE C 245 -21.27 11.34 32.07
CE MSE C 245 -20.57 10.07 33.36
N LEU C 246 -15.85 13.82 31.97
CA LEU C 246 -14.40 13.68 31.94
C LEU C 246 -13.77 14.80 32.73
N GLU C 247 -14.25 16.02 32.49
CA GLU C 247 -13.71 17.22 33.09
C GLU C 247 -13.93 17.32 34.59
N THR C 248 -15.13 16.96 35.04
CA THR C 248 -15.50 17.07 36.45
C THR C 248 -15.10 15.88 37.30
N LEU C 249 -15.30 14.67 36.77
CA LEU C 249 -15.06 13.44 37.53
C LEU C 249 -13.61 12.94 37.43
N ARG C 250 -12.87 13.47 36.47
CA ARG C 250 -11.45 13.15 36.30
C ARG C 250 -11.11 11.70 35.92
N CYS C 251 -12.06 10.96 35.35
CA CYS C 251 -11.76 9.61 34.85
C CYS C 251 -12.19 9.58 33.38
N PRO C 252 -11.72 8.57 32.61
CA PRO C 252 -12.04 8.53 31.19
C PRO C 252 -13.52 8.38 30.88
N VAL C 253 -14.02 9.17 29.93
CA VAL C 253 -15.40 9.09 29.51
C VAL C 253 -15.45 9.48 28.04
N SER C 254 -16.11 8.66 27.23
CA SER C 254 -16.23 8.92 25.80
C SER C 254 -17.65 8.71 25.32
N GLY C 255 -18.06 9.48 24.31
CA GLY C 255 -19.40 9.39 23.75
C GLY C 255 -19.34 8.93 22.31
N TYR C 256 -20.17 7.95 21.96
CA TYR C 256 -20.18 7.38 20.63
C TYR C 256 -21.56 7.35 20.01
N GLU C 257 -21.62 7.45 18.69
CA GLU C 257 -22.87 7.22 17.99
C GLU C 257 -23.03 5.70 18.07
N PHE C 258 -24.25 5.22 18.28
CA PHE C 258 -24.48 3.79 18.51
C PHE C 258 -23.77 2.82 17.58
N GLU C 259 -24.07 2.92 16.28
CA GLU C 259 -23.49 2.02 15.29
C GLU C 259 -21.97 2.09 15.20
N GLU C 260 -21.39 3.26 15.45
CA GLU C 260 -19.92 3.36 15.48
C GLU C 260 -19.41 2.56 16.68
N PHE C 261 -20.14 2.65 17.79
CA PHE C 261 -19.77 1.94 19.00
C PHE C 261 -19.76 0.44 18.80
N ILE C 262 -20.77 -0.09 18.14
CA ILE C 262 -20.85 -1.52 17.86
C ILE C 262 -19.70 -1.97 16.95
N HIS C 263 -19.48 -1.18 15.91
CA HIS C 263 -18.44 -1.46 14.93
C HIS C 263 -17.06 -1.56 15.60
N GLY C 264 -16.76 -0.66 16.54
CA GLY C 264 -15.49 -0.68 17.25
C GLY C 264 -15.69 -1.03 18.71
N ILE C 265 -16.67 -1.89 18.99
CA ILE C 265 -17.01 -2.25 20.37
C ILE C 265 -15.78 -2.67 21.15
N TYR C 266 -14.95 -3.47 20.50
CA TYR C 266 -13.81 -4.03 21.16
C TYR C 266 -12.78 -3.00 21.68
N ASN C 267 -12.61 -1.91 20.94
CA ASN C 267 -11.71 -0.85 21.35
C ASN C 267 -12.45 0.23 22.14
N ALA C 268 -13.78 0.11 22.23
CA ALA C 268 -14.59 1.11 22.89
C ALA C 268 -15.25 0.64 24.19
N PHE C 269 -14.98 -0.58 24.63
CA PHE C 269 -15.58 -1.06 25.87
C PHE C 269 -14.81 -2.24 26.46
N ASN C 270 -14.48 -2.16 27.73
CA ASN C 270 -13.76 -3.24 28.39
C ASN C 270 -14.47 -3.72 29.65
N ALA C 271 -14.03 -4.86 30.17
CA ALA C 271 -14.65 -5.50 31.33
C ALA C 271 -14.97 -4.57 32.50
N GLN C 272 -14.22 -3.47 32.64
CA GLN C 272 -14.39 -2.55 33.75
C GLN C 272 -15.13 -1.26 33.40
N SER C 273 -15.67 -1.20 32.19
CA SER C 273 -16.38 -0.01 31.77
C SER C 273 -17.85 -0.07 32.18
N ALA C 274 -18.44 1.12 32.29
CA ALA C 274 -19.87 1.28 32.54
C ALA C 274 -20.44 1.84 31.25
N LEU C 275 -21.65 1.41 30.90
CA LEU C 275 -22.33 1.90 29.71
C LEU C 275 -23.54 2.74 30.11
N ILE C 276 -23.65 3.95 29.56
CA ILE C 276 -24.82 4.79 29.78
C ILE C 276 -25.37 5.04 28.39
N MSE C 277 -26.56 4.51 28.13
CA MSE C 277 -27.15 4.56 26.80
C MSE C 277 -28.40 5.43 26.75
O MSE C 277 -29.25 5.34 27.63
CB MSE C 277 -27.52 3.13 26.39
CG MSE C 277 -27.40 2.89 24.90
SE MSE C 277 -27.78 1.05 24.41
CE MSE C 277 -27.35 0.13 26.06
N LEU C 278 -28.50 6.24 25.70
CA LEU C 278 -29.67 7.11 25.51
C LEU C 278 -30.66 6.38 24.61
N ASP C 279 -31.88 6.18 25.12
CA ASP C 279 -32.93 5.45 24.43
C ASP C 279 -34.19 6.28 24.26
N PRO C 280 -34.16 7.29 23.37
CA PRO C 280 -35.32 8.16 23.17
C PRO C 280 -36.54 7.39 22.69
N GLN C 281 -36.32 6.36 21.88
CA GLN C 281 -37.41 5.54 21.39
C GLN C 281 -37.02 4.07 21.38
N PRO C 282 -38.01 3.18 21.35
CA PRO C 282 -37.69 1.76 21.30
C PRO C 282 -36.83 1.44 20.09
N ASP C 283 -35.78 0.65 20.29
CA ASP C 283 -34.84 0.27 19.23
C ASP C 283 -34.30 -1.15 19.46
N ALA C 284 -34.67 -2.07 18.59
CA ALA C 284 -34.27 -3.48 18.71
C ALA C 284 -32.76 -3.67 18.81
N ARG C 285 -32.00 -2.93 18.03
CA ARG C 285 -30.55 -3.05 18.06
C ARG C 285 -29.99 -2.58 19.38
N GLN C 286 -30.45 -1.45 19.88
CA GLN C 286 -29.98 -0.97 21.19
C GLN C 286 -30.42 -1.94 22.30
N ASP C 287 -31.66 -2.42 22.25
CA ASP C 287 -32.14 -3.41 23.22
C ASP C 287 -31.29 -4.69 23.19
N ARG C 288 -30.89 -5.10 22.00
CA ARG C 288 -30.11 -6.31 21.83
C ARG C 288 -28.73 -6.16 22.46
N LEU C 289 -28.05 -5.04 22.19
CA LEU C 289 -26.74 -4.81 22.75
C LEU C 289 -26.83 -4.84 24.27
N ALA C 290 -27.75 -4.05 24.82
CA ALA C 290 -27.92 -3.99 26.27
C ALA C 290 -28.15 -5.37 26.85
N GLN C 291 -28.90 -6.19 26.12
CA GLN C 291 -29.22 -7.54 26.57
C GLN C 291 -27.97 -8.42 26.69
N ILE C 292 -27.20 -8.50 25.62
CA ILE C 292 -26.01 -9.35 25.60
C ILE C 292 -24.93 -8.80 26.52
N LEU C 293 -24.72 -7.50 26.47
CA LEU C 293 -23.71 -6.85 27.28
C LEU C 293 -24.08 -6.99 28.75
N GLY C 294 -25.38 -7.07 29.02
CA GLY C 294 -25.88 -7.25 30.36
C GLY C 294 -25.48 -8.61 30.92
N GLU C 295 -25.21 -9.57 30.05
CA GLU C 295 -24.79 -10.89 30.50
C GLU C 295 -23.30 -10.90 30.85
N TRP C 296 -22.60 -9.84 30.47
CA TRP C 296 -21.16 -9.70 30.73
C TRP C 296 -20.82 -8.65 31.80
N THR C 297 -21.68 -7.66 31.99
CA THR C 297 -21.46 -6.66 33.03
C THR C 297 -22.79 -6.10 33.52
N PRO C 298 -22.90 -5.88 34.83
CA PRO C 298 -24.15 -5.33 35.32
C PRO C 298 -24.14 -3.81 35.26
N SER C 299 -23.06 -3.23 34.76
CA SER C 299 -22.94 -1.77 34.73
C SER C 299 -23.52 -1.15 33.46
N ILE C 300 -24.82 -1.33 33.27
CA ILE C 300 -25.53 -0.80 32.12
C ILE C 300 -26.69 0.09 32.62
N TYR C 301 -26.67 1.36 32.24
CA TYR C 301 -27.68 2.34 32.66
C TYR C 301 -28.32 2.97 31.43
N ARG C 302 -29.64 2.85 31.29
CA ARG C 302 -30.34 3.38 30.11
C ARG C 302 -31.29 4.54 30.44
N ILE C 303 -31.33 5.54 29.55
CA ILE C 303 -32.14 6.73 29.75
C ILE C 303 -33.17 6.89 28.63
N GLY C 304 -34.45 6.96 29.01
CA GLY C 304 -35.52 7.10 28.03
C GLY C 304 -36.89 6.92 28.64
N PRO C 305 -37.94 7.18 27.84
CA PRO C 305 -39.33 7.07 28.29
C PRO C 305 -39.84 5.66 28.44
N GLN C 306 -39.24 4.73 27.73
CA GLN C 306 -39.71 3.36 27.73
C GLN C 306 -38.67 2.31 28.13
N VAL C 307 -37.62 2.74 28.81
CA VAL C 307 -36.61 1.82 29.30
C VAL C 307 -37.16 1.09 30.51
N GLU C 308 -36.79 -0.18 30.66
CA GLU C 308 -37.25 -0.99 31.78
C GLU C 308 -37.01 -0.19 33.06
N ASN C 309 -37.99 -0.19 33.94
CA ASN C 309 -37.89 0.61 35.15
C ASN C 309 -37.19 -0.11 36.31
N ASN C 310 -35.98 -0.60 36.07
CA ASN C 310 -35.18 -1.17 37.14
C ASN C 310 -34.58 0.02 37.88
N GLY C 311 -33.71 -0.21 38.85
CA GLY C 311 -33.12 0.91 39.59
C GLY C 311 -32.04 1.59 38.78
N LEU C 312 -31.38 0.82 37.92
CA LEU C 312 -30.26 1.29 37.13
C LEU C 312 -30.65 2.33 36.08
N ASN C 313 -31.76 2.09 35.40
CA ASN C 313 -32.20 3.00 34.34
C ASN C 313 -32.95 4.22 34.87
N LEU C 314 -32.99 5.25 34.04
CA LEU C 314 -33.74 6.45 34.32
C LEU C 314 -34.93 6.43 33.37
N ASN C 315 -36.04 5.87 33.84
CA ASN C 315 -37.27 5.86 33.07
C ASN C 315 -37.96 7.16 33.40
N PHE C 316 -38.21 7.98 32.40
CA PHE C 316 -38.79 9.31 32.61
C PHE C 316 -39.63 9.72 31.38
N PRO C 317 -40.77 10.36 31.61
CA PRO C 317 -41.62 10.80 30.50
C PRO C 317 -41.07 12.03 29.81
N PHE C 318 -40.04 11.84 28.99
CA PHE C 318 -39.43 12.95 28.26
C PHE C 318 -40.41 13.54 27.26
N VAL C 319 -40.37 14.85 27.05
CA VAL C 319 -41.24 15.49 26.06
C VAL C 319 -40.89 14.93 24.68
N ASN C 320 -39.63 14.54 24.50
CA ASN C 320 -39.15 13.91 23.26
C ASN C 320 -39.48 14.64 21.96
N ASP C 321 -39.45 15.96 21.98
CA ASP C 321 -39.64 16.71 20.75
C ASP C 321 -38.50 16.27 19.82
N GLU C 322 -38.81 15.99 18.56
CA GLU C 322 -37.80 15.51 17.62
C GLU C 322 -36.64 16.50 17.41
N ASP C 323 -36.89 17.78 17.66
CA ASP C 323 -35.84 18.80 17.52
C ASP C 323 -35.28 19.29 18.85
N PHE C 324 -36.11 19.40 19.87
CA PHE C 324 -35.69 20.00 21.13
C PHE C 324 -35.43 19.09 22.34
N ALA C 325 -35.57 17.77 22.16
CA ALA C 325 -35.26 16.81 23.22
C ALA C 325 -33.78 16.90 23.60
N VAL C 326 -32.97 17.46 22.70
CA VAL C 326 -31.55 17.64 22.95
C VAL C 326 -31.33 18.41 24.25
N PHE C 327 -32.25 19.31 24.59
CA PHE C 327 -32.16 20.07 25.84
C PHE C 327 -32.52 19.21 27.06
N GLU C 328 -33.16 18.07 26.83
CA GLU C 328 -33.52 17.18 27.92
C GLU C 328 -32.44 16.13 28.19
N TYR C 329 -32.09 15.37 27.16
CA TYR C 329 -31.14 14.27 27.32
C TYR C 329 -29.76 14.63 27.85
N ILE C 330 -29.38 15.89 27.78
CA ILE C 330 -28.07 16.28 28.30
C ILE C 330 -28.12 16.43 29.83
N ILE C 331 -29.30 16.76 30.34
CA ILE C 331 -29.47 17.02 31.77
C ILE C 331 -28.98 15.91 32.71
N PRO C 332 -29.43 14.67 32.49
CA PRO C 332 -28.98 13.62 33.39
C PRO C 332 -27.47 13.46 33.37
N LEU C 333 -26.86 13.65 32.20
CA LEU C 333 -25.41 13.50 32.06
C LEU C 333 -24.72 14.60 32.86
N GLN C 334 -25.27 15.81 32.78
CA GLN C 334 -24.76 16.94 33.56
C GLN C 334 -24.97 16.69 35.06
N MSE C 335 -26.09 16.07 35.42
CA MSE C 335 -26.40 15.79 36.81
C MSE C 335 -25.37 14.83 37.43
O MSE C 335 -25.05 14.95 38.61
CB MSE C 335 -27.84 15.24 36.93
CG MSE C 335 -28.29 14.93 38.36
SE MSE C 335 -28.30 16.47 39.54
CE MSE C 335 -29.58 17.57 38.56
N LEU C 336 -24.86 13.88 36.63
CA LEU C 336 -23.82 12.98 37.12
C LEU C 336 -22.59 13.80 37.52
N CYS C 337 -22.28 14.83 36.72
CA CYS C 337 -21.16 15.70 37.02
C CYS C 337 -21.33 16.36 38.37
N ALA C 338 -22.57 16.73 38.69
CA ALA C 338 -22.87 17.44 39.94
C ALA C 338 -22.95 16.57 41.19
N ILE C 339 -23.16 15.27 41.07
CA ILE C 339 -23.33 14.48 42.28
C ILE C 339 -22.33 13.33 42.53
N LEU C 340 -21.64 12.85 41.50
CA LEU C 340 -20.69 11.74 41.69
C LEU C 340 -19.43 12.06 42.53
N PRO C 341 -18.84 13.25 42.35
CA PRO C 341 -17.63 13.54 43.14
C PRO C 341 -17.92 13.87 44.60
N ASN D 14 8.28 -10.41 15.38
CA ASN D 14 6.86 -10.06 15.14
C ASN D 14 6.40 -10.39 13.72
N LEU D 15 5.10 -10.63 13.59
CA LEU D 15 4.49 -10.82 12.28
C LEU D 15 4.26 -9.39 11.77
N TYR D 16 4.31 -8.45 12.71
CA TYR D 16 4.12 -7.03 12.45
C TYR D 16 5.29 -6.48 11.64
N PHE D 17 6.51 -6.96 11.93
CA PHE D 17 7.71 -6.49 11.23
C PHE D 17 7.72 -6.83 9.75
N GLN D 18 7.39 -8.07 9.41
CA GLN D 18 7.37 -8.46 8.00
C GLN D 18 6.40 -7.54 7.24
N GLY D 19 5.36 -7.06 7.91
CA GLY D 19 4.38 -6.18 7.32
C GLY D 19 4.88 -4.76 7.07
N MSE D 20 5.62 -4.21 8.03
CA MSE D 20 6.15 -2.86 7.88
C MSE D 20 7.27 -2.82 6.85
O MSE D 20 7.36 -1.91 6.05
CB MSE D 20 6.65 -2.33 9.23
CG MSE D 20 5.59 -2.25 10.31
SE MSE D 20 6.23 -1.39 11.94
CE MSE D 20 6.48 0.40 11.23
N ASN D 21 8.14 -3.83 6.88
CA ASN D 21 9.25 -3.92 5.95
C ASN D 21 8.83 -3.90 4.48
N GLU D 22 7.68 -4.52 4.18
CA GLU D 22 7.21 -4.58 2.80
C GLU D 22 6.37 -3.39 2.36
N THR D 23 5.92 -2.57 3.31
CA THR D 23 5.07 -1.44 2.99
C THR D 23 5.66 -0.53 1.91
N PRO D 24 6.93 -0.13 2.07
CA PRO D 24 7.56 0.73 1.07
C PRO D 24 7.47 0.14 -0.34
N LEU D 25 7.83 -1.14 -0.48
CA LEU D 25 7.77 -1.78 -1.78
C LEU D 25 6.34 -1.74 -2.34
N ARG D 26 5.34 -2.05 -1.50
CA ARG D 26 3.95 -2.02 -1.97
C ARG D 26 3.60 -0.64 -2.48
N LEU D 27 4.02 0.39 -1.74
CA LEU D 27 3.75 1.77 -2.14
C LEU D 27 4.43 2.12 -3.46
N LEU D 28 5.67 1.66 -3.65
CA LEU D 28 6.38 1.94 -4.91
C LEU D 28 5.67 1.29 -6.09
N GLU D 29 5.13 0.09 -5.87
CA GLU D 29 4.42 -0.64 -6.92
C GLU D 29 3.17 0.12 -7.36
N MSE D 30 2.48 0.75 -6.41
CA MSE D 30 1.26 1.48 -6.72
C MSE D 30 1.52 2.67 -7.63
O MSE D 30 0.61 3.13 -8.33
CB MSE D 30 0.56 1.94 -5.44
CG MSE D 30 -0.09 0.80 -4.66
SE MSE D 30 -1.05 1.42 -3.10
CE MSE D 30 -2.28 2.62 -4.00
N LEU D 31 2.75 3.19 -7.63
CA LEU D 31 3.09 4.32 -8.51
C LEU D 31 3.25 3.87 -9.96
N THR D 32 3.46 2.58 -10.19
CA THR D 32 3.68 2.05 -11.56
C THR D 32 2.40 1.54 -12.23
N GLN D 33 1.38 1.23 -11.42
CA GLN D 33 0.14 0.67 -11.94
C GLN D 33 -0.67 1.65 -12.79
N THR D 34 -1.18 1.14 -13.91
CA THR D 34 -2.06 1.92 -14.75
C THR D 34 -3.38 1.79 -14.02
N ARG D 35 -3.98 2.90 -13.63
CA ARG D 35 -5.22 2.84 -12.87
C ARG D 35 -6.44 3.28 -13.68
N GLU D 36 -6.86 2.42 -14.61
CA GLU D 36 -8.03 2.66 -15.44
C GLU D 36 -9.21 3.12 -14.58
N ASP D 37 -9.32 2.51 -13.40
CA ASP D 37 -10.41 2.79 -12.47
C ASP D 37 -10.41 4.22 -11.92
N LEU D 38 -9.23 4.73 -11.57
CA LEU D 38 -9.13 6.09 -11.06
C LEU D 38 -9.44 7.11 -12.16
N TRP D 39 -9.08 6.79 -13.40
CA TRP D 39 -9.36 7.66 -14.54
C TRP D 39 -10.85 7.69 -14.91
N ARG D 40 -11.50 6.53 -14.95
CA ARG D 40 -12.94 6.49 -15.24
C ARG D 40 -13.70 7.36 -14.26
N ALA D 41 -13.29 7.31 -12.99
CA ALA D 41 -13.91 8.10 -11.93
C ALA D 41 -13.69 9.58 -12.23
N ALA D 42 -12.43 9.95 -12.48
CA ALA D 42 -12.08 11.33 -12.80
C ALA D 42 -12.89 11.82 -13.99
N GLN D 43 -13.02 10.99 -15.01
CA GLN D 43 -13.78 11.35 -16.20
C GLN D 43 -15.25 11.60 -15.86
N ALA D 44 -15.81 10.77 -15.00
CA ALA D 44 -17.20 10.91 -14.58
C ALA D 44 -17.39 12.21 -13.79
N LEU D 45 -16.52 12.40 -12.81
CA LEU D 45 -16.58 13.58 -11.96
C LEU D 45 -16.69 14.87 -12.77
N THR D 46 -15.95 14.95 -13.88
CA THR D 46 -15.95 16.17 -14.71
C THR D 46 -17.18 16.28 -15.61
N GLU D 47 -17.58 15.16 -16.19
CA GLU D 47 -18.71 15.13 -17.11
C GLU D 47 -20.09 15.15 -16.45
N ARG D 48 -20.15 14.79 -15.17
CA ARG D 48 -21.44 14.76 -14.47
C ARG D 48 -21.62 15.91 -13.48
N GLY D 49 -20.89 17.00 -13.69
CA GLY D 49 -21.01 18.20 -12.87
C GLY D 49 -20.89 18.02 -11.37
N VAL D 50 -19.90 17.24 -10.92
CA VAL D 50 -19.66 17.04 -9.49
C VAL D 50 -19.09 18.34 -8.92
N THR D 51 -19.65 18.82 -7.81
CA THR D 51 -19.23 20.10 -7.23
C THR D 51 -18.32 20.01 -6.01
N ARG D 52 -18.30 18.85 -5.36
CA ARG D 52 -17.46 18.64 -4.17
C ARG D 52 -17.20 17.15 -3.97
N ILE D 53 -16.22 16.81 -3.14
CA ILE D 53 -15.92 15.42 -2.84
C ILE D 53 -16.18 15.16 -1.37
N ILE D 54 -16.90 14.07 -1.07
CA ILE D 54 -17.19 13.71 0.31
C ILE D 54 -16.58 12.34 0.62
N LEU D 55 -15.60 12.32 1.52
CA LEU D 55 -14.94 11.09 1.91
C LEU D 55 -15.58 10.61 3.21
N THR D 56 -16.08 9.38 3.24
CA THR D 56 -16.70 8.86 4.45
C THR D 56 -16.21 7.47 4.86
N GLY D 57 -16.11 7.27 6.17
CA GLY D 57 -15.62 6.02 6.75
C GLY D 57 -15.35 6.17 8.24
N SER D 58 -14.77 5.12 8.83
CA SER D 58 -14.46 5.10 10.26
C SER D 58 -13.01 4.69 10.54
N GLY D 59 -12.58 4.96 11.77
CA GLY D 59 -11.24 4.59 12.21
C GLY D 59 -10.15 4.94 11.22
N THR D 60 -9.38 3.93 10.84
CA THR D 60 -8.25 4.10 9.93
C THR D 60 -8.64 4.74 8.59
N SER D 61 -9.77 4.29 8.04
CA SER D 61 -10.24 4.82 6.77
C SER D 61 -10.53 6.30 6.90
N TYR D 62 -11.13 6.67 8.03
CA TYR D 62 -11.45 8.06 8.30
C TYR D 62 -10.16 8.89 8.43
N HIS D 63 -9.19 8.35 9.18
CA HIS D 63 -7.90 9.04 9.37
C HIS D 63 -7.14 9.24 8.03
N GLY D 64 -7.17 8.22 7.18
CA GLY D 64 -6.55 8.30 5.86
C GLY D 64 -7.13 9.45 5.06
N ALA D 65 -8.46 9.61 5.15
CA ALA D 65 -9.16 10.69 4.47
C ALA D 65 -8.73 12.04 5.03
N LEU D 66 -8.71 12.17 6.36
CA LEU D 66 -8.24 13.39 7.01
C LEU D 66 -6.85 13.74 6.50
N THR D 67 -5.99 12.73 6.40
CA THR D 67 -4.62 12.92 5.97
C THR D 67 -4.47 13.35 4.51
N ALA D 68 -5.32 12.82 3.64
CA ALA D 68 -5.25 13.14 2.21
C ALA D 68 -6.06 14.37 1.82
N ARG D 69 -6.86 14.90 2.75
CA ARG D 69 -7.76 16.01 2.43
C ARG D 69 -7.12 17.16 1.65
N THR D 70 -6.14 17.83 2.24
CA THR D 70 -5.47 18.97 1.60
C THR D 70 -5.04 18.67 0.18
N PHE D 71 -4.31 17.58 0.03
CA PHE D 71 -3.78 17.17 -1.26
C PHE D 71 -4.91 17.05 -2.26
N MSE D 72 -6.01 16.43 -1.84
CA MSE D 72 -7.14 16.26 -2.74
C MSE D 72 -7.82 17.57 -3.10
O MSE D 72 -8.19 17.78 -4.25
CB MSE D 72 -8.16 15.29 -2.19
CG MSE D 72 -7.60 13.89 -2.01
SE MSE D 72 -9.02 12.59 -2.22
CE MSE D 72 -9.52 13.09 -4.04
N GLN D 73 -8.00 18.46 -2.12
CA GLN D 73 -8.59 19.76 -2.40
C GLN D 73 -7.81 20.43 -3.51
N ARG D 74 -6.50 20.45 -3.30
CA ARG D 74 -5.59 21.12 -4.20
C ARG D 74 -5.72 20.58 -5.61
N TRP D 75 -5.51 19.29 -5.78
CA TRP D 75 -5.48 18.70 -7.12
C TRP D 75 -6.84 18.45 -7.77
N CYS D 76 -7.88 18.33 -6.96
CA CYS D 76 -9.22 18.18 -7.53
C CYS D 76 -9.76 19.58 -7.82
N ALA D 77 -9.23 20.57 -7.10
CA ALA D 77 -9.68 21.94 -7.26
C ALA D 77 -11.16 21.95 -6.90
N LEU D 78 -11.48 21.31 -5.79
CA LEU D 78 -12.85 21.23 -5.28
C LEU D 78 -12.85 21.10 -3.77
N PRO D 79 -13.97 21.50 -3.13
CA PRO D 79 -14.07 21.29 -1.69
C PRO D 79 -14.04 19.81 -1.39
N VAL D 80 -13.40 19.42 -0.29
CA VAL D 80 -13.33 18.02 0.10
C VAL D 80 -13.78 17.88 1.55
N ASP D 81 -14.84 17.11 1.78
CA ASP D 81 -15.36 16.90 3.14
C ASP D 81 -14.98 15.52 3.63
N VAL D 82 -14.70 15.43 4.93
CA VAL D 82 -14.38 14.16 5.55
C VAL D 82 -15.34 14.00 6.72
N CYS D 83 -16.03 12.87 6.80
CA CYS D 83 -16.94 12.68 7.91
C CYS D 83 -17.28 11.22 8.16
N TRP D 84 -17.94 10.98 9.28
CA TRP D 84 -18.40 9.66 9.64
C TRP D 84 -19.71 9.47 8.92
N PRO D 85 -20.03 8.24 8.52
CA PRO D 85 -21.23 8.00 7.72
C PRO D 85 -22.55 8.50 8.32
N PHE D 86 -22.72 8.37 9.64
CA PHE D 86 -23.97 8.81 10.26
C PHE D 86 -24.22 10.31 10.08
N MSE D 87 -23.17 11.06 9.74
CA MSE D 87 -23.29 12.49 9.50
C MSE D 87 -23.95 12.73 8.15
O MSE D 87 -24.59 13.76 7.94
CB MSE D 87 -21.93 13.19 9.54
CG MSE D 87 -21.23 13.16 10.90
SE MSE D 87 -22.02 14.39 12.19
CE MSE D 87 -21.45 16.07 11.37
N LEU D 88 -23.77 11.79 7.22
CA LEU D 88 -24.39 11.90 5.89
C LEU D 88 -25.83 11.43 5.89
N ASP D 89 -26.69 12.16 6.59
CA ASP D 89 -28.09 11.82 6.65
C ASP D 89 -28.78 12.35 5.38
N ASP D 90 -30.05 11.99 5.19
CA ASP D 90 -30.78 12.40 4.00
C ASP D 90 -30.88 13.89 3.84
N GLU D 91 -31.00 14.59 4.96
CA GLU D 91 -31.17 16.03 4.91
C GLU D 91 -29.86 16.69 4.47
N THR D 92 -28.74 16.19 4.96
CA THR D 92 -27.43 16.69 4.57
C THR D 92 -27.16 16.41 3.07
N LEU D 93 -27.49 15.21 2.63
CA LEU D 93 -27.30 14.85 1.24
C LEU D 93 -28.19 15.66 0.29
N ALA D 94 -29.38 16.02 0.78
CA ALA D 94 -30.34 16.80 -0.01
C ALA D 94 -29.93 18.27 -0.16
N ARG D 95 -29.33 18.85 0.88
CA ARG D 95 -28.90 20.25 0.83
C ARG D 95 -27.57 20.41 0.11
N SER D 96 -26.81 19.33 0.00
CA SER D 96 -25.49 19.39 -0.62
C SER D 96 -25.51 19.48 -2.12
N GLY D 97 -24.51 20.15 -2.67
CA GLY D 97 -24.36 20.23 -4.11
C GLY D 97 -23.97 18.83 -4.56
N LYS D 98 -24.24 18.52 -5.83
CA LYS D 98 -23.90 17.21 -6.36
C LYS D 98 -22.49 16.90 -5.95
N ALA D 99 -22.28 15.70 -5.42
CA ALA D 99 -20.96 15.32 -4.93
C ALA D 99 -20.57 13.89 -5.29
N LEU D 100 -19.28 13.64 -5.29
CA LEU D 100 -18.75 12.30 -5.43
C LEU D 100 -18.59 11.84 -3.99
N VAL D 101 -19.45 10.94 -3.54
CA VAL D 101 -19.31 10.42 -2.20
C VAL D 101 -18.42 9.19 -2.29
N VAL D 102 -17.36 9.14 -1.50
CA VAL D 102 -16.45 7.99 -1.51
C VAL D 102 -16.47 7.23 -0.19
N GLY D 103 -16.91 5.98 -0.25
CA GLY D 103 -16.97 5.13 0.94
C GLY D 103 -15.66 4.39 1.07
N ILE D 104 -14.97 4.61 2.19
CA ILE D 104 -13.66 4.02 2.41
C ILE D 104 -13.71 2.96 3.51
N SER D 105 -13.02 1.85 3.28
CA SER D 105 -12.95 0.74 4.24
C SER D 105 -11.63 0.00 4.13
N GLN D 106 -11.11 -0.44 5.27
CA GLN D 106 -9.90 -1.24 5.30
C GLN D 106 -10.28 -2.68 4.97
N GLY D 107 -11.55 -3.01 5.16
CA GLY D 107 -12.06 -4.35 4.85
C GLY D 107 -13.07 -4.25 3.71
N GLY D 108 -14.14 -5.04 3.80
CA GLY D 108 -15.18 -5.05 2.78
C GLY D 108 -16.19 -3.93 2.93
N GLY D 109 -16.19 -3.27 4.09
CA GLY D 109 -17.13 -2.18 4.33
C GLY D 109 -18.09 -2.42 5.48
N SER D 110 -18.51 -1.34 6.11
CA SER D 110 -19.42 -1.38 7.23
C SER D 110 -20.85 -1.15 6.74
N LEU D 111 -21.82 -1.49 7.58
CA LEU D 111 -23.20 -1.26 7.22
C LEU D 111 -23.43 0.25 7.15
N SER D 112 -22.85 0.98 8.09
CA SER D 112 -22.98 2.44 8.08
C SER D 112 -22.49 3.05 6.77
N THR D 113 -21.32 2.64 6.31
CA THR D 113 -20.77 3.20 5.08
C THR D 113 -21.66 2.85 3.89
N LEU D 114 -22.10 1.61 3.84
CA LEU D 114 -22.97 1.16 2.75
C LEU D 114 -24.27 1.96 2.77
N ALA D 115 -24.83 2.17 3.95
CA ALA D 115 -26.08 2.91 4.11
C ALA D 115 -25.91 4.36 3.67
N ALA D 116 -24.76 4.95 3.97
CA ALA D 116 -24.46 6.33 3.60
C ALA D 116 -24.39 6.46 2.08
N MSE D 117 -23.73 5.50 1.45
CA MSE D 117 -23.56 5.52 0.00
C MSE D 117 -24.90 5.41 -0.72
O MSE D 117 -25.15 6.13 -1.67
CB MSE D 117 -22.62 4.39 -0.43
CG MSE D 117 -21.19 4.58 0.07
SE MSE D 117 -20.04 3.06 -0.30
CE MSE D 117 -20.03 3.16 -2.23
N GLU D 118 -25.75 4.50 -0.23
CA GLU D 118 -27.06 4.28 -0.80
C GLU D 118 -27.96 5.50 -0.66
N ARG D 119 -27.83 6.23 0.43
CA ARG D 119 -28.60 7.45 0.63
C ARG D 119 -28.16 8.53 -0.35
N ALA D 120 -26.85 8.58 -0.60
CA ALA D 120 -26.30 9.56 -1.52
C ALA D 120 -26.73 9.23 -2.94
N ARG D 121 -26.66 7.94 -3.26
CA ARG D 121 -26.98 7.46 -4.58
C ARG D 121 -28.44 7.72 -4.92
N ASN D 122 -29.33 7.45 -3.97
CA ASN D 122 -30.77 7.66 -4.19
C ASN D 122 -31.17 9.10 -4.44
N VAL D 123 -30.34 10.05 -4.00
CA VAL D 123 -30.64 11.45 -4.21
C VAL D 123 -29.94 11.99 -5.47
N GLY D 124 -29.12 11.16 -6.12
CA GLY D 124 -28.44 11.55 -7.35
C GLY D 124 -26.95 11.84 -7.30
N HIS D 125 -26.32 11.69 -6.13
CA HIS D 125 -24.88 11.93 -6.01
C HIS D 125 -24.14 10.74 -6.61
N ILE D 126 -22.93 10.96 -7.11
CA ILE D 126 -22.12 9.88 -7.65
C ILE D 126 -21.41 9.19 -6.49
N THR D 127 -21.32 7.85 -6.51
CA THR D 127 -20.60 7.13 -5.47
C THR D 127 -19.38 6.38 -6.00
N ALA D 128 -18.42 6.16 -5.10
CA ALA D 128 -17.22 5.40 -5.39
C ALA D 128 -16.88 4.62 -4.13
N SER D 129 -16.21 3.49 -4.29
CA SER D 129 -15.83 2.69 -3.14
C SER D 129 -14.33 2.48 -3.11
N MSE D 130 -13.76 2.56 -1.91
CA MSE D 130 -12.36 2.28 -1.68
C MSE D 130 -12.26 1.29 -0.56
O MSE D 130 -11.92 1.65 0.57
CB MSE D 130 -11.55 3.52 -1.34
CG MSE D 130 -11.31 4.45 -2.48
SE MSE D 130 -10.02 5.81 -2.04
CE MSE D 130 -10.10 6.79 -3.72
N ALA D 131 -12.56 0.03 -0.87
CA ALA D 131 -12.48 -1.05 0.10
C ALA D 131 -11.08 -1.59 0.04
N GLY D 132 -10.71 -2.42 1.02
CA GLY D 132 -9.39 -3.02 1.05
C GLY D 132 -9.38 -4.41 0.42
N VAL D 133 -10.53 -4.84 -0.07
CA VAL D 133 -10.66 -6.16 -0.68
C VAL D 133 -11.64 -6.04 -1.85
N ALA D 134 -11.58 -7.03 -2.74
CA ALA D 134 -12.52 -7.07 -3.88
C ALA D 134 -12.92 -8.52 -4.12
N PRO D 135 -14.23 -8.76 -4.29
CA PRO D 135 -15.30 -7.77 -4.23
C PRO D 135 -15.60 -7.36 -2.78
N ALA D 136 -16.12 -6.15 -2.59
CA ALA D 136 -16.44 -5.66 -1.25
C ALA D 136 -17.93 -5.39 -1.13
N THR D 137 -18.42 -5.41 0.11
CA THR D 137 -19.84 -5.16 0.36
C THR D 137 -20.25 -3.80 -0.19
N ILE D 138 -19.48 -2.78 0.17
CA ILE D 138 -19.77 -1.41 -0.28
C ILE D 138 -19.62 -1.21 -1.80
N ASP D 139 -19.11 -2.20 -2.52
CA ASP D 139 -19.02 -2.09 -3.99
C ASP D 139 -20.42 -2.06 -4.60
N ARG D 140 -21.37 -2.69 -3.93
CA ARG D 140 -22.76 -2.75 -4.38
C ARG D 140 -23.39 -1.37 -4.59
N ALA D 141 -23.00 -0.40 -3.76
CA ALA D 141 -23.56 0.94 -3.89
C ALA D 141 -22.58 1.88 -4.56
N ALA D 142 -21.58 1.33 -5.23
CA ALA D 142 -20.54 2.14 -5.86
C ALA D 142 -20.68 2.27 -7.36
N ASP D 143 -20.84 3.50 -7.84
CA ASP D 143 -20.89 3.75 -9.29
C ASP D 143 -19.50 3.47 -9.85
N TYR D 144 -18.49 3.64 -9.00
CA TYR D 144 -17.10 3.38 -9.39
C TYR D 144 -16.33 2.62 -8.30
N ILE D 145 -15.87 1.42 -8.64
CA ILE D 145 -15.09 0.62 -7.71
C ILE D 145 -13.64 1.04 -7.81
N LEU D 146 -13.12 1.65 -6.75
CA LEU D 146 -11.75 2.15 -6.74
C LEU D 146 -10.93 1.43 -5.66
N THR D 147 -11.05 0.12 -5.60
CA THR D 147 -10.39 -0.68 -4.58
C THR D 147 -8.93 -0.31 -4.33
N VAL D 148 -8.57 -0.26 -3.05
CA VAL D 148 -7.19 -0.04 -2.61
C VAL D 148 -6.50 -1.39 -2.88
N PRO D 149 -5.45 -1.40 -3.72
CA PRO D 149 -4.78 -2.65 -4.10
C PRO D 149 -3.92 -3.30 -3.01
N CYS D 150 -4.44 -4.35 -2.39
CA CYS D 150 -3.73 -5.05 -1.31
C CYS D 150 -3.65 -6.58 -1.45
N GLY D 151 -4.26 -7.13 -2.50
CA GLY D 151 -4.22 -8.58 -2.78
C GLY D 151 -4.56 -9.59 -1.69
N GLU D 152 -5.84 -9.97 -1.61
CA GLU D 152 -6.31 -10.99 -0.64
C GLU D 152 -6.55 -10.39 0.75
N THR D 159 -1.19 -3.93 7.96
CA THR D 159 -0.20 -2.90 8.32
C THR D 159 -0.19 -1.74 7.32
N LYS D 160 -0.01 -2.08 6.05
CA LYS D 160 0.05 -1.11 4.95
C LYS D 160 -1.28 -0.39 4.71
N GLY D 161 -2.37 -0.95 5.21
CA GLY D 161 -3.68 -0.35 5.01
C GLY D 161 -3.76 1.17 4.98
N TYR D 162 -3.35 1.80 6.09
CA TYR D 162 -3.40 3.26 6.17
C TYR D 162 -2.56 3.92 5.06
N HIS D 163 -1.33 3.46 4.89
CA HIS D 163 -0.45 3.99 3.84
C HIS D 163 -1.05 3.83 2.44
N CYS D 164 -1.58 2.65 2.14
CA CYS D 164 -2.17 2.40 0.84
C CYS D 164 -3.42 3.23 0.62
N THR D 165 -4.26 3.32 1.65
CA THR D 165 -5.50 4.08 1.54
C THR D 165 -5.18 5.53 1.22
N VAL D 166 -4.23 6.11 1.97
CA VAL D 166 -3.83 7.51 1.74
C VAL D 166 -3.31 7.71 0.30
N LEU D 167 -2.39 6.86 -0.14
CA LEU D 167 -1.86 6.95 -1.49
C LEU D 167 -2.96 6.77 -2.52
N ASN D 168 -3.89 5.85 -2.26
CA ASN D 168 -5.00 5.62 -3.19
C ASN D 168 -5.75 6.94 -3.38
N LEU D 169 -6.12 7.57 -2.27
CA LEU D 169 -6.81 8.84 -2.32
C LEU D 169 -5.99 9.88 -3.07
N MSE D 170 -4.68 9.89 -2.85
CA MSE D 170 -3.82 10.86 -3.54
C MSE D 170 -3.75 10.63 -5.05
O MSE D 170 -3.75 11.58 -5.82
CB MSE D 170 -2.41 10.88 -2.93
CG MSE D 170 -2.36 11.61 -1.61
SE MSE D 170 -0.60 11.64 -0.81
CE MSE D 170 -1.01 12.82 0.68
N LEU D 171 -3.71 9.37 -5.48
CA LEU D 171 -3.68 9.05 -6.89
C LEU D 171 -4.97 9.46 -7.60
N LEU D 172 -6.11 9.32 -6.91
CA LEU D 172 -7.39 9.75 -7.47
C LEU D 172 -7.28 11.25 -7.77
N ALA D 173 -6.75 12.00 -6.80
CA ALA D 173 -6.60 13.45 -6.96
C ALA D 173 -5.74 13.76 -8.20
N LEU D 174 -4.69 12.99 -8.42
CA LEU D 174 -3.83 13.20 -9.59
C LEU D 174 -4.56 12.83 -10.88
N ALA D 175 -5.45 11.85 -10.81
CA ALA D 175 -6.20 11.41 -11.98
C ALA D 175 -7.20 12.49 -12.39
N VAL D 176 -7.80 13.13 -11.40
CA VAL D 176 -8.75 14.22 -11.63
C VAL D 176 -8.02 15.46 -12.18
N ALA D 177 -6.81 15.71 -11.68
CA ALA D 177 -6.01 16.84 -12.16
C ALA D 177 -5.62 16.62 -13.62
N GLY D 178 -5.45 15.35 -14.00
CA GLY D 178 -5.12 15.00 -15.37
C GLY D 178 -6.27 15.23 -16.32
N GLN D 179 -7.43 14.64 -16.00
CA GLN D 179 -8.64 14.80 -16.82
C GLN D 179 -8.98 16.26 -17.13
N GLN D 180 -8.83 17.10 -16.11
CA GLN D 180 -9.16 18.52 -16.26
C GLN D 180 -7.97 19.32 -16.81
N GLN D 181 -6.92 18.60 -17.22
CA GLN D 181 -5.72 19.19 -17.81
C GLN D 181 -5.05 20.26 -16.94
N ARG D 182 -4.91 19.96 -15.65
CA ARG D 182 -4.23 20.86 -14.73
C ARG D 182 -2.98 20.18 -14.16
N LEU D 183 -2.51 19.14 -14.89
CA LEU D 183 -1.34 18.37 -14.50
C LEU D 183 -0.63 17.82 -15.73
N ASP D 184 0.41 18.49 -16.19
CA ASP D 184 1.15 18.01 -17.36
C ASP D 184 2.22 16.98 -16.95
N GLY D 185 2.99 16.51 -17.92
CA GLY D 185 4.01 15.49 -17.68
C GLY D 185 5.04 15.88 -16.65
N GLU D 186 5.50 17.12 -16.73
CA GLU D 186 6.48 17.61 -15.77
C GLU D 186 5.94 17.52 -14.35
N GLN D 187 4.81 18.17 -14.13
CA GLN D 187 4.15 18.17 -12.83
C GLN D 187 3.88 16.74 -12.37
N ARG D 188 3.40 15.92 -13.29
CA ARG D 188 3.12 14.51 -13.02
C ARG D 188 4.38 13.80 -12.54
N ARG D 189 5.44 13.89 -13.34
CA ARG D 189 6.71 13.24 -12.99
C ARG D 189 7.28 13.80 -11.68
N SER D 190 7.28 15.11 -11.54
CA SER D 190 7.77 15.71 -10.33
C SER D 190 7.04 15.10 -9.13
N LEU D 191 5.71 15.05 -9.20
CA LEU D 191 4.93 14.47 -8.11
C LEU D 191 5.30 13.02 -7.81
N LEU D 192 5.39 12.19 -8.84
CA LEU D 192 5.75 10.79 -8.64
C LEU D 192 7.18 10.64 -8.08
N LEU D 193 8.11 11.48 -8.55
CA LEU D 193 9.50 11.43 -8.07
C LEU D 193 9.53 11.73 -6.58
N ARG D 194 8.77 12.73 -6.14
CA ARG D 194 8.71 13.10 -4.72
C ARG D 194 8.14 11.97 -3.87
N MSE D 195 7.12 11.30 -4.39
CA MSE D 195 6.52 10.17 -3.67
C MSE D 195 7.52 9.02 -3.60
O MSE D 195 7.72 8.42 -2.55
CB MSE D 195 5.24 9.70 -4.37
CG MSE D 195 4.11 10.68 -4.26
SE MSE D 195 2.59 10.13 -5.30
CE MSE D 195 1.45 11.65 -5.00
N GLU D 196 8.15 8.73 -4.74
CA GLU D 196 9.12 7.65 -4.82
C GLU D 196 10.30 7.90 -3.87
N LYS D 197 10.73 9.15 -3.77
CA LYS D 197 11.84 9.47 -2.87
C LYS D 197 11.44 9.15 -1.43
N THR D 198 10.29 9.67 -1.00
CA THR D 198 9.82 9.41 0.37
C THR D 198 9.73 7.92 0.67
N PHE D 199 9.15 7.14 -0.25
CA PHE D 199 9.03 5.70 -0.04
C PHE D 199 10.39 5.03 0.09
N ASN D 200 11.38 5.50 -0.66
CA ASN D 200 12.74 4.95 -0.59
C ASN D 200 13.43 5.23 0.74
N HIS D 201 13.02 6.31 1.41
CA HIS D 201 13.61 6.68 2.70
C HIS D 201 12.87 6.05 3.87
N LEU D 202 11.79 5.31 3.61
CA LEU D 202 11.03 4.71 4.70
C LEU D 202 11.79 3.57 5.39
N PRO D 203 12.50 2.72 4.63
CA PRO D 203 13.23 1.65 5.32
C PRO D 203 14.21 2.16 6.39
N ALA D 204 14.85 3.29 6.13
CA ALA D 204 15.79 3.88 7.09
C ALA D 204 15.04 4.38 8.32
N LEU D 205 13.83 4.86 8.10
CA LEU D 205 12.99 5.41 9.16
C LEU D 205 12.44 4.30 10.03
N VAL D 206 12.20 3.15 9.42
CA VAL D 206 11.69 2.00 10.14
C VAL D 206 12.78 1.53 11.10
N THR D 207 13.99 1.35 10.57
CA THR D 207 15.11 0.93 11.39
C THR D 207 15.33 1.91 12.54
N ALA D 208 15.40 3.20 12.22
CA ALA D 208 15.64 4.24 13.23
C ALA D 208 14.53 4.24 14.28
N SER D 209 13.29 4.04 13.84
CA SER D 209 12.13 4.01 14.74
C SER D 209 12.20 2.85 15.72
N GLN D 210 12.60 1.69 15.22
CA GLN D 210 12.72 0.49 16.06
C GLN D 210 13.73 0.70 17.18
N ALA D 211 14.84 1.36 16.89
CA ALA D 211 15.86 1.64 17.89
C ALA D 211 15.29 2.60 18.93
N TRP D 212 14.67 3.67 18.45
CA TRP D 212 14.08 4.67 19.31
C TRP D 212 13.05 4.05 20.24
N ALA D 213 12.17 3.24 19.67
CA ALA D 213 11.11 2.57 20.44
C ALA D 213 11.70 1.63 21.52
N GLN D 214 12.68 0.82 21.15
CA GLN D 214 13.28 -0.09 22.13
C GLN D 214 14.03 0.65 23.24
N THR D 215 14.55 1.85 22.93
CA THR D 215 15.24 2.68 23.91
C THR D 215 14.26 3.27 24.93
N ASN D 216 13.17 3.84 24.43
CA ASN D 216 12.17 4.47 25.27
C ASN D 216 10.95 3.57 25.49
N ALA D 217 11.20 2.28 25.61
CA ALA D 217 10.14 1.28 25.80
C ALA D 217 9.58 1.32 27.21
N LEU D 218 10.43 1.00 28.19
CA LEU D 218 10.02 0.97 29.60
C LEU D 218 9.33 2.26 30.06
N ALA D 219 9.96 3.39 29.78
CA ALA D 219 9.41 4.68 30.19
C ALA D 219 7.97 4.83 29.70
N LEU D 220 7.74 4.57 28.41
CA LEU D 220 6.41 4.71 27.83
C LEU D 220 5.44 3.66 28.37
N ARG D 221 5.91 2.44 28.57
CA ARG D 221 5.06 1.38 29.11
C ARG D 221 4.56 1.74 30.52
N ASP D 222 5.45 2.26 31.35
CA ASP D 222 5.15 2.60 32.74
C ASP D 222 4.29 3.85 32.98
N SER D 223 3.83 4.51 31.91
CA SER D 223 3.00 5.71 32.07
C SER D 223 1.50 5.36 32.05
N ALA D 224 0.72 6.14 32.81
CA ALA D 224 -0.73 5.94 32.93
C ALA D 224 -1.43 6.10 31.59
N ASP D 225 -1.17 7.23 30.93
CA ASP D 225 -1.73 7.48 29.61
C ASP D 225 -0.71 8.19 28.73
N ILE D 226 -0.94 8.13 27.42
CA ILE D 226 -0.04 8.74 26.46
C ILE D 226 -0.84 9.73 25.64
N ARG D 227 -0.20 10.85 25.28
CA ARG D 227 -0.85 11.87 24.49
C ARG D 227 0.05 12.21 23.32
N LEU D 228 -0.54 12.26 22.13
CA LEU D 228 0.18 12.60 20.92
C LEU D 228 -0.30 13.95 20.43
N THR D 229 0.61 14.75 19.92
CA THR D 229 0.24 16.04 19.38
C THR D 229 1.16 16.37 18.21
N GLY D 230 0.70 17.27 17.36
CA GLY D 230 1.47 17.72 16.20
C GLY D 230 0.73 18.85 15.52
N PRO D 231 1.34 19.45 14.50
CA PRO D 231 0.67 20.54 13.80
C PRO D 231 -0.55 20.04 13.01
N ALA D 232 -1.45 20.95 12.65
CA ALA D 232 -2.66 20.59 11.92
C ALA D 232 -2.37 19.70 10.71
N THR D 233 -1.24 19.94 10.05
CA THR D 233 -0.86 19.17 8.87
C THR D 233 -0.62 17.66 9.12
N LEU D 234 -0.54 17.25 10.39
CA LEU D 234 -0.34 15.84 10.72
C LEU D 234 -1.43 15.33 11.66
N PHE D 235 -2.60 15.99 11.62
CA PHE D 235 -3.68 15.61 12.50
C PHE D 235 -4.10 14.18 12.23
N GLY D 236 -4.26 13.84 10.96
CA GLY D 236 -4.60 12.48 10.58
C GLY D 236 -3.57 11.49 11.09
N THR D 237 -2.30 11.90 11.08
CA THR D 237 -1.22 11.05 11.57
C THR D 237 -1.33 10.75 13.09
N VAL D 238 -1.58 11.78 13.89
CA VAL D 238 -1.68 11.58 15.34
C VAL D 238 -2.95 10.84 15.73
N GLN D 239 -3.98 10.96 14.90
CA GLN D 239 -5.24 10.28 15.16
C GLN D 239 -5.06 8.78 14.95
N GLU D 240 -4.47 8.41 13.82
CA GLU D 240 -4.26 7.01 13.51
C GLU D 240 -3.25 6.41 14.49
N GLY D 241 -2.25 7.20 14.87
CA GLY D 241 -1.26 6.76 15.82
C GLY D 241 -1.92 6.46 17.15
N ALA D 242 -2.75 7.39 17.59
CA ALA D 242 -3.46 7.25 18.85
C ALA D 242 -4.31 5.97 18.83
N LEU D 243 -5.07 5.79 17.74
CA LEU D 243 -5.94 4.63 17.58
C LEU D 243 -5.22 3.29 17.63
N LYS D 244 -4.18 3.15 16.80
CA LYS D 244 -3.43 1.89 16.74
C LYS D 244 -2.75 1.59 18.07
N MSE D 245 -2.27 2.63 18.74
CA MSE D 245 -1.61 2.45 20.03
C MSE D 245 -2.62 2.03 21.09
O MSE D 245 -2.34 1.13 21.87
CB MSE D 245 -0.86 3.71 20.45
CG MSE D 245 0.40 3.97 19.62
SE MSE D 245 1.26 5.63 20.07
CE MSE D 245 1.63 5.25 21.95
N LEU D 246 -3.78 2.66 21.11
CA LEU D 246 -4.84 2.29 22.03
C LEU D 246 -5.21 0.83 21.83
N GLU D 247 -5.43 0.48 20.58
CA GLU D 247 -5.83 -0.86 20.20
C GLU D 247 -4.79 -1.93 20.53
N THR D 248 -3.52 -1.57 20.47
CA THR D 248 -2.43 -2.53 20.74
C THR D 248 -1.94 -2.51 22.18
N LEU D 249 -1.63 -1.34 22.68
CA LEU D 249 -1.12 -1.20 24.03
C LEU D 249 -2.22 -1.40 25.06
N ARG D 250 -3.46 -1.21 24.64
CA ARG D 250 -4.61 -1.40 25.54
C ARG D 250 -4.58 -0.47 26.73
N CYS D 251 -4.29 0.80 26.47
CA CYS D 251 -4.37 1.82 27.51
C CYS D 251 -4.61 3.16 26.80
N PRO D 252 -5.09 4.16 27.54
CA PRO D 252 -5.48 5.42 26.92
C PRO D 252 -4.39 6.12 26.13
N VAL D 253 -4.72 6.46 24.89
CA VAL D 253 -3.83 7.17 24.01
C VAL D 253 -4.72 8.01 23.13
N SER D 254 -4.55 9.33 23.17
CA SER D 254 -5.35 10.26 22.37
C SER D 254 -4.43 11.13 21.54
N GLY D 255 -4.88 11.55 20.37
CA GLY D 255 -4.09 12.38 19.48
C GLY D 255 -4.75 13.72 19.26
N TYR D 256 -4.01 14.80 19.49
CA TYR D 256 -4.56 16.14 19.36
C TYR D 256 -3.79 17.03 18.39
N GLU D 257 -4.49 17.98 17.78
CA GLU D 257 -3.85 19.03 16.99
C GLU D 257 -3.27 19.96 18.06
N PHE D 258 -2.04 20.44 17.84
CA PHE D 258 -1.34 21.25 18.84
C PHE D 258 -2.13 22.36 19.56
N GLU D 259 -2.69 23.30 18.81
CA GLU D 259 -3.41 24.41 19.43
C GLU D 259 -4.63 23.96 20.26
N GLU D 260 -5.35 22.95 19.77
CA GLU D 260 -6.49 22.38 20.50
C GLU D 260 -6.02 21.76 21.82
N PHE D 261 -4.86 21.10 21.76
CA PHE D 261 -4.27 20.48 22.93
C PHE D 261 -3.97 21.54 23.99
N ILE D 262 -3.38 22.66 23.57
CA ILE D 262 -3.07 23.75 24.50
C ILE D 262 -4.34 24.32 25.10
N HIS D 263 -5.32 24.55 24.26
CA HIS D 263 -6.57 25.15 24.69
C HIS D 263 -7.28 24.33 25.77
N GLY D 264 -7.20 23.00 25.68
CA GLY D 264 -7.85 22.13 26.67
C GLY D 264 -6.84 21.26 27.37
N ILE D 265 -5.66 21.83 27.63
CA ILE D 265 -4.54 21.11 28.23
C ILE D 265 -4.90 20.37 29.54
N TYR D 266 -5.62 21.03 30.44
CA TYR D 266 -5.91 20.43 31.74
C TYR D 266 -6.89 19.25 31.72
N ASN D 267 -7.57 19.05 30.58
CA ASN D 267 -8.44 17.90 30.40
C ASN D 267 -7.76 16.84 29.54
N ALA D 268 -6.58 17.17 29.01
CA ALA D 268 -5.86 16.27 28.13
C ALA D 268 -4.50 15.84 28.67
N PHE D 269 -4.05 16.43 29.78
CA PHE D 269 -2.71 16.12 30.29
C PHE D 269 -2.54 16.41 31.78
N ASN D 270 -1.66 15.65 32.43
CA ASN D 270 -1.31 15.87 33.82
C ASN D 270 0.06 15.26 34.05
N ALA D 271 0.60 15.38 35.26
CA ALA D 271 1.94 14.87 35.56
C ALA D 271 2.14 13.37 35.29
N GLN D 272 1.06 12.61 35.25
CA GLN D 272 1.16 11.16 35.06
C GLN D 272 1.14 10.77 33.59
N SER D 273 0.97 11.74 32.72
CA SER D 273 0.91 11.48 31.30
C SER D 273 2.27 11.53 30.62
N ALA D 274 2.36 10.91 29.44
CA ALA D 274 3.56 10.96 28.64
C ALA D 274 3.17 11.68 27.36
N LEU D 275 4.03 12.54 26.86
CA LEU D 275 3.74 13.28 25.65
C LEU D 275 4.66 12.87 24.51
N ILE D 276 4.07 12.68 23.33
CA ILE D 276 4.84 12.41 22.11
C ILE D 276 4.37 13.51 21.16
N MSE D 277 5.32 14.31 20.67
CA MSE D 277 5.03 15.46 19.84
C MSE D 277 5.77 15.39 18.52
O MSE D 277 6.95 15.04 18.48
CB MSE D 277 5.46 16.73 20.57
CG MSE D 277 4.80 18.01 20.08
SE MSE D 277 5.48 19.55 21.04
CE MSE D 277 5.75 18.74 22.79
N LEU D 278 5.08 15.73 17.44
CA LEU D 278 5.67 15.74 16.13
C LEU D 278 6.17 17.14 15.83
N ASP D 279 7.45 17.25 15.52
CA ASP D 279 8.10 18.53 15.24
C ASP D 279 8.74 18.50 13.85
N PRO D 280 7.90 18.46 12.80
CA PRO D 280 8.44 18.41 11.44
C PRO D 280 9.36 19.59 11.09
N GLN D 281 9.19 20.71 11.78
CA GLN D 281 10.02 21.88 11.57
C GLN D 281 10.04 22.68 12.85
N PRO D 282 11.06 23.54 13.02
CA PRO D 282 11.19 24.36 14.22
C PRO D 282 9.96 25.21 14.52
N ASP D 283 9.49 25.19 15.76
CA ASP D 283 8.30 25.94 16.14
C ASP D 283 8.43 26.51 17.55
N ALA D 284 8.44 27.84 17.65
CA ALA D 284 8.56 28.53 18.92
C ALA D 284 7.53 28.04 19.93
N ARG D 285 6.26 27.97 19.54
CA ARG D 285 5.21 27.51 20.45
C ARG D 285 5.40 26.08 20.90
N GLN D 286 5.62 25.15 19.97
CA GLN D 286 5.83 23.76 20.36
C GLN D 286 7.05 23.63 21.28
N ASP D 287 8.10 24.39 21.03
CA ASP D 287 9.25 24.35 21.90
C ASP D 287 8.86 24.82 23.31
N ARG D 288 8.13 25.92 23.37
CA ARG D 288 7.72 26.50 24.65
CA ARG D 288 7.72 26.49 24.65
C ARG D 288 6.87 25.52 25.46
N LEU D 289 5.97 24.81 24.80
CA LEU D 289 5.14 23.85 25.52
C LEU D 289 6.03 22.76 26.10
N ALA D 290 6.95 22.27 25.27
CA ALA D 290 7.86 21.20 25.67
C ALA D 290 8.73 21.62 26.86
N GLN D 291 9.07 22.91 26.93
CA GLN D 291 9.85 23.42 28.04
C GLN D 291 8.99 23.48 29.29
N ILE D 292 7.79 24.02 29.14
CA ILE D 292 6.89 24.16 30.27
C ILE D 292 6.54 22.80 30.86
N LEU D 293 5.98 21.90 30.05
CA LEU D 293 5.65 20.56 30.54
C LEU D 293 6.87 19.82 31.07
N GLY D 294 8.04 20.11 30.47
CA GLY D 294 9.29 19.47 30.89
C GLY D 294 9.61 19.67 32.36
N GLU D 295 9.22 20.82 32.91
CA GLU D 295 9.44 21.13 34.30
C GLU D 295 8.58 20.27 35.20
N TRP D 296 7.51 19.70 34.64
CA TRP D 296 6.55 18.90 35.41
C TRP D 296 6.71 17.40 35.22
N THR D 297 7.38 16.98 34.15
CA THR D 297 7.55 15.57 33.86
C THR D 297 8.68 15.39 32.85
N PRO D 298 9.47 14.33 33.00
CA PRO D 298 10.54 14.06 32.07
C PRO D 298 10.06 13.24 30.90
N SER D 299 8.79 12.83 30.95
CA SER D 299 8.19 11.98 29.93
C SER D 299 7.76 12.76 28.69
N ILE D 300 8.69 13.46 28.06
CA ILE D 300 8.39 14.22 26.85
C ILE D 300 9.24 13.69 25.71
N TYR D 301 8.56 13.24 24.65
CA TYR D 301 9.24 12.64 23.52
C TYR D 301 8.90 13.41 22.24
N ARG D 302 9.93 13.96 21.59
CA ARG D 302 9.73 14.74 20.39
C ARG D 302 10.33 14.05 19.16
N ILE D 303 9.57 14.05 18.08
CA ILE D 303 9.98 13.43 16.82
C ILE D 303 10.17 14.48 15.72
N GLY D 304 11.37 14.56 15.15
CA GLY D 304 11.64 15.51 14.07
C GLY D 304 13.09 15.58 13.63
N PRO D 305 13.34 16.24 12.49
CA PRO D 305 14.69 16.38 11.95
C PRO D 305 15.63 17.22 12.80
N GLN D 306 15.10 18.17 13.55
CA GLN D 306 15.95 19.05 14.35
C GLN D 306 15.66 19.09 15.86
N VAL D 307 15.00 18.07 16.38
CA VAL D 307 14.74 18.03 17.81
C VAL D 307 16.02 17.70 18.56
N GLU D 308 16.16 18.27 19.75
CA GLU D 308 17.34 18.01 20.55
C GLU D 308 17.63 16.52 20.53
N ASN D 309 18.91 16.18 20.43
CA ASN D 309 19.33 14.79 20.31
C ASN D 309 19.60 14.10 21.66
N ASN D 310 18.60 14.10 22.55
CA ASN D 310 18.71 13.40 23.83
C ASN D 310 18.25 11.96 23.59
N GLY D 311 18.22 11.14 24.65
CA GLY D 311 17.82 9.74 24.47
C GLY D 311 16.34 9.56 24.21
N LEU D 312 15.54 10.52 24.65
CA LEU D 312 14.08 10.43 24.53
C LEU D 312 13.56 10.74 23.13
N ASN D 313 14.07 11.80 22.52
CA ASN D 313 13.61 12.21 21.19
C ASN D 313 14.11 11.32 20.06
N LEU D 314 13.37 11.35 18.96
CA LEU D 314 13.75 10.64 17.76
C LEU D 314 14.20 11.69 16.79
N ASN D 315 15.50 11.96 16.80
CA ASN D 315 16.07 12.90 15.87
C ASN D 315 16.43 12.12 14.62
N PHE D 316 15.80 12.45 13.50
CA PHE D 316 15.97 11.70 12.26
C PHE D 316 15.85 12.61 11.04
N PRO D 317 16.68 12.37 10.00
CA PRO D 317 16.63 13.22 8.82
C PRO D 317 15.47 12.85 7.90
N PHE D 318 14.27 13.23 8.30
CA PHE D 318 13.07 12.98 7.52
C PHE D 318 13.20 13.67 6.18
N VAL D 319 12.62 13.09 5.14
CA VAL D 319 12.60 13.74 3.83
C VAL D 319 11.79 15.03 3.96
N ASN D 320 10.74 14.99 4.79
CA ASN D 320 9.88 16.15 5.05
C ASN D 320 9.18 16.77 3.86
N ASP D 321 8.71 15.97 2.92
CA ASP D 321 7.99 16.53 1.79
C ASP D 321 6.70 17.13 2.32
N GLU D 322 6.41 18.38 1.93
CA GLU D 322 5.25 19.09 2.44
C GLU D 322 3.94 18.33 2.26
N ASP D 323 3.85 17.50 1.23
CA ASP D 323 2.64 16.73 1.00
C ASP D 323 2.81 15.26 1.38
N PHE D 324 4.01 14.72 1.24
CA PHE D 324 4.20 13.29 1.49
C PHE D 324 4.90 12.91 2.79
N ALA D 325 5.15 13.88 3.66
CA ALA D 325 5.77 13.59 4.95
C ALA D 325 4.83 12.73 5.82
N VAL D 326 3.54 12.77 5.50
CA VAL D 326 2.54 11.99 6.23
C VAL D 326 2.85 10.49 6.19
N PHE D 327 3.50 10.05 5.12
CA PHE D 327 3.90 8.65 4.99
C PHE D 327 5.10 8.32 5.89
N GLU D 328 5.75 9.34 6.43
CA GLU D 328 6.90 9.12 7.30
C GLU D 328 6.56 9.16 8.78
N TYR D 329 5.84 10.21 9.19
CA TYR D 329 5.59 10.46 10.62
C TYR D 329 4.70 9.46 11.32
N ILE D 330 3.92 8.68 10.57
CA ILE D 330 3.07 7.67 11.17
C ILE D 330 3.88 6.44 11.59
N ILE D 331 5.02 6.22 10.93
CA ILE D 331 5.84 5.02 11.16
C ILE D 331 6.38 4.83 12.58
N PRO D 332 6.92 5.88 13.21
CA PRO D 332 7.43 5.72 14.56
C PRO D 332 6.31 5.35 15.52
N LEU D 333 5.13 5.92 15.29
CA LEU D 333 3.96 5.66 16.12
C LEU D 333 3.47 4.24 15.88
N GLN D 334 3.57 3.77 14.63
CA GLN D 334 3.22 2.40 14.28
C GLN D 334 4.22 1.41 14.86
N MSE D 335 5.47 1.85 15.04
CA MSE D 335 6.53 0.99 15.60
C MSE D 335 6.32 0.79 17.10
O MSE D 335 6.64 -0.28 17.63
CB MSE D 335 7.89 1.63 15.35
CG MSE D 335 9.07 0.81 15.85
SE MSE D 335 9.20 -0.93 14.99
CE MSE D 335 9.18 -0.32 13.13
N LEU D 336 5.81 1.81 17.78
CA LEU D 336 5.52 1.70 19.21
C LEU D 336 4.49 0.60 19.47
N CYS D 337 3.53 0.44 18.56
CA CYS D 337 2.52 -0.61 18.67
C CYS D 337 3.17 -1.98 18.62
N ALA D 338 4.14 -2.11 17.72
CA ALA D 338 4.82 -3.37 17.50
C ALA D 338 5.79 -3.79 18.60
N ILE D 339 6.43 -2.83 19.27
CA ILE D 339 7.44 -3.21 20.26
C ILE D 339 7.11 -2.94 21.74
N LEU D 340 6.22 -1.99 22.05
CA LEU D 340 5.93 -1.70 23.47
C LEU D 340 5.44 -2.93 24.26
N PRO D 341 4.41 -3.63 23.78
CA PRO D 341 3.96 -4.83 24.51
C PRO D 341 4.94 -6.01 24.34
N ASN E 14 41.99 -2.21 -7.11
CA ASN E 14 42.57 -0.97 -7.72
C ASN E 14 41.99 0.25 -7.01
N LEU E 15 42.83 1.27 -6.80
CA LEU E 15 42.42 2.51 -6.13
C LEU E 15 41.44 3.32 -7.00
N TYR E 16 41.21 2.84 -8.23
CA TYR E 16 40.31 3.50 -9.17
C TYR E 16 38.87 3.35 -8.71
N PHE E 17 38.56 2.21 -8.08
CA PHE E 17 37.22 1.96 -7.54
C PHE E 17 36.96 2.90 -6.37
N GLN E 18 37.99 3.11 -5.54
CA GLN E 18 37.88 4.01 -4.40
C GLN E 18 37.39 5.37 -4.88
N GLY E 19 37.53 5.61 -6.18
CA GLY E 19 37.09 6.84 -6.81
C GLY E 19 35.73 6.70 -7.46
N MSE E 20 35.47 5.57 -8.12
CA MSE E 20 34.18 5.37 -8.77
C MSE E 20 33.06 5.18 -7.76
O MSE E 20 31.98 5.76 -7.89
CB MSE E 20 34.22 4.20 -9.76
CG MSE E 20 35.09 4.45 -10.98
SE MSE E 20 34.75 3.22 -12.46
CE MSE E 20 32.93 3.77 -12.93
N ASN E 21 33.30 4.37 -6.72
CA ASN E 21 32.29 4.10 -5.71
C ASN E 21 31.87 5.33 -4.92
N GLU E 22 32.76 6.32 -4.83
CA GLU E 22 32.49 7.52 -4.06
C GLU E 22 31.94 8.69 -4.90
N THR E 23 31.94 8.54 -6.22
CA THR E 23 31.45 9.62 -7.09
C THR E 23 29.98 9.99 -6.84
N PRO E 24 29.08 9.00 -6.74
CA PRO E 24 27.68 9.36 -6.49
C PRO E 24 27.50 10.22 -5.23
N LEU E 25 28.11 9.81 -4.14
CA LEU E 25 27.97 10.55 -2.90
C LEU E 25 28.48 11.99 -3.05
N ARG E 26 29.55 12.17 -3.82
CA ARG E 26 30.12 13.51 -3.99
C ARG E 26 29.18 14.39 -4.80
N LEU E 27 28.55 13.82 -5.82
CA LEU E 27 27.58 14.55 -6.64
C LEU E 27 26.33 14.88 -5.83
N LEU E 28 25.85 13.94 -5.01
CA LEU E 28 24.68 14.19 -4.17
C LEU E 28 24.96 15.34 -3.21
N GLU E 29 26.16 15.34 -2.63
CA GLU E 29 26.58 16.39 -1.72
C GLU E 29 26.55 17.75 -2.42
N MSE E 30 26.93 17.77 -3.69
CA MSE E 30 26.95 19.04 -4.43
C MSE E 30 25.56 19.64 -4.61
O MSE E 30 25.42 20.85 -4.76
CB MSE E 30 27.63 18.86 -5.80
CG MSE E 30 29.12 18.65 -5.68
SE MSE E 30 29.96 18.56 -7.41
CE MSE E 30 29.54 20.33 -8.09
N LEU E 31 24.53 18.80 -4.60
CA LEU E 31 23.16 19.30 -4.72
C LEU E 31 22.71 20.03 -3.46
N THR E 32 23.28 19.67 -2.31
CA THR E 32 22.87 20.27 -1.03
C THR E 32 23.78 21.38 -0.53
N GLN E 33 24.60 21.96 -1.41
CA GLN E 33 25.48 23.06 -1.01
C GLN E 33 24.91 24.40 -1.40
N THR E 34 25.07 25.39 -0.51
CA THR E 34 24.66 26.74 -0.84
C THR E 34 25.80 27.26 -1.69
N ARG E 35 25.55 27.43 -2.98
CA ARG E 35 26.56 27.92 -3.89
C ARG E 35 26.40 29.41 -4.08
N GLU E 36 26.84 30.15 -3.07
CA GLU E 36 26.77 31.58 -3.07
C GLU E 36 27.63 32.13 -4.22
N ASP E 37 28.74 31.45 -4.50
CA ASP E 37 29.63 31.84 -5.61
C ASP E 37 28.90 31.79 -6.98
N LEU E 38 28.13 30.73 -7.20
CA LEU E 38 27.37 30.59 -8.44
C LEU E 38 26.31 31.69 -8.58
N TRP E 39 25.67 32.06 -7.47
CA TRP E 39 24.65 33.12 -7.49
C TRP E 39 25.23 34.51 -7.69
N ARG E 40 26.40 34.78 -7.12
CA ARG E 40 27.07 36.06 -7.35
C ARG E 40 27.37 36.18 -8.83
N ALA E 41 27.75 35.06 -9.44
CA ALA E 41 28.06 35.01 -10.86
C ALA E 41 26.80 35.23 -11.72
N ALA E 42 25.70 34.56 -11.38
CA ALA E 42 24.45 34.70 -12.14
C ALA E 42 23.93 36.14 -12.05
N GLN E 43 24.13 36.77 -10.90
CA GLN E 43 23.69 38.13 -10.71
C GLN E 43 24.49 39.09 -11.60
N ALA E 44 25.80 38.91 -11.62
CA ALA E 44 26.65 39.78 -12.44
C ALA E 44 26.27 39.68 -13.91
N LEU E 45 26.14 38.44 -14.37
CA LEU E 45 25.79 38.16 -15.74
C LEU E 45 24.57 38.99 -16.14
N THR E 46 23.54 38.93 -15.31
CA THR E 46 22.29 39.63 -15.56
C THR E 46 22.41 41.15 -15.50
N GLU E 47 23.14 41.66 -14.52
CA GLU E 47 23.27 43.09 -14.31
C GLU E 47 24.32 43.78 -15.16
N ARG E 48 25.33 43.05 -15.61
CA ARG E 48 26.41 43.65 -16.40
C ARG E 48 26.29 43.46 -17.92
N GLY E 49 25.11 43.12 -18.41
CA GLY E 49 24.85 42.97 -19.84
C GLY E 49 25.60 41.88 -20.60
N VAL E 50 25.78 40.72 -20.01
CA VAL E 50 26.46 39.61 -20.71
C VAL E 50 25.55 39.13 -21.84
N THR E 51 26.12 38.89 -23.02
CA THR E 51 25.31 38.45 -24.16
C THR E 51 25.51 36.98 -24.49
N ARG E 52 26.60 36.39 -24.01
CA ARG E 52 26.86 34.96 -24.21
C ARG E 52 27.79 34.42 -23.12
N ILE E 53 27.96 33.11 -23.13
CA ILE E 53 28.89 32.44 -22.23
C ILE E 53 29.87 31.66 -23.09
N ILE E 54 31.17 31.86 -22.84
CA ILE E 54 32.21 31.14 -23.55
C ILE E 54 32.95 30.26 -22.57
N LEU E 55 32.73 28.95 -22.68
CA LEU E 55 33.38 27.98 -21.81
C LEU E 55 34.67 27.60 -22.51
N THR E 56 35.77 27.74 -21.81
CA THR E 56 37.06 27.47 -22.39
C THR E 56 37.73 26.34 -21.64
N GLY E 57 38.41 25.45 -22.35
CA GLY E 57 39.10 24.35 -21.69
C GLY E 57 39.72 23.36 -22.64
N SER E 58 40.32 22.32 -22.05
CA SER E 58 40.96 21.24 -22.81
C SER E 58 40.61 19.90 -22.20
N GLY E 59 40.75 18.84 -23.00
CA GLY E 59 40.47 17.48 -22.55
C GLY E 59 39.15 17.30 -21.80
N THR E 60 39.26 16.78 -20.59
CA THR E 60 38.10 16.50 -19.75
C THR E 60 37.26 17.74 -19.51
N SER E 61 37.92 18.87 -19.28
CA SER E 61 37.23 20.13 -19.05
C SER E 61 36.41 20.52 -20.28
N TYR E 62 37.05 20.37 -21.44
CA TYR E 62 36.40 20.67 -22.72
C TYR E 62 35.21 19.73 -22.94
N HIS E 63 35.41 18.43 -22.67
CA HIS E 63 34.34 17.45 -22.85
C HIS E 63 33.20 17.73 -21.89
N GLY E 64 33.53 18.04 -20.65
CA GLY E 64 32.50 18.41 -19.67
C GLY E 64 31.65 19.56 -20.20
N ALA E 65 32.30 20.53 -20.85
CA ALA E 65 31.60 21.69 -21.40
C ALA E 65 30.66 21.28 -22.53
N LEU E 66 31.14 20.43 -23.43
CA LEU E 66 30.30 19.93 -24.54
C LEU E 66 29.07 19.23 -23.99
N THR E 67 29.25 18.44 -22.94
CA THR E 67 28.15 17.71 -22.33
C THR E 67 27.11 18.62 -21.67
N ALA E 68 27.54 19.71 -21.06
CA ALA E 68 26.60 20.60 -20.38
C ALA E 68 26.01 21.67 -21.30
N ARG E 69 26.60 21.84 -22.48
CA ARG E 69 26.20 22.90 -23.41
C ARG E 69 24.69 23.08 -23.63
N THR E 70 24.03 22.02 -24.08
CA THR E 70 22.59 22.09 -24.36
C THR E 70 21.78 22.55 -23.15
N PHE E 71 22.04 21.91 -22.01
CA PHE E 71 21.35 22.22 -20.76
C PHE E 71 21.59 23.68 -20.36
N MSE E 72 22.82 24.17 -20.58
CA MSE E 72 23.15 25.52 -20.23
C MSE E 72 22.44 26.54 -21.12
O MSE E 72 21.90 27.52 -20.64
CB MSE E 72 24.66 25.75 -20.27
CG MSE E 72 25.42 24.89 -19.29
SE MSE E 72 27.21 25.54 -19.05
CE MSE E 72 26.78 27.21 -18.14
N GLN E 73 22.47 26.28 -22.43
CA GLN E 73 21.82 27.19 -23.37
C GLN E 73 20.34 27.31 -23.07
N ARG E 74 19.75 26.21 -22.64
CA ARG E 74 18.35 26.19 -22.31
C ARG E 74 18.06 27.05 -21.09
N TRP E 75 18.75 26.79 -19.99
CA TRP E 75 18.46 27.51 -18.75
C TRP E 75 19.09 28.90 -18.60
N CYS E 76 20.12 29.20 -19.38
CA CYS E 76 20.69 30.55 -19.34
C CYS E 76 20.00 31.43 -20.37
N ALA E 77 19.35 30.81 -21.35
CA ALA E 77 18.69 31.56 -22.41
C ALA E 77 19.71 32.48 -23.07
N LEU E 78 20.91 31.95 -23.28
CA LEU E 78 21.99 32.67 -23.93
C LEU E 78 22.82 31.67 -24.70
N PRO E 79 23.52 32.13 -25.74
CA PRO E 79 24.42 31.23 -26.46
C PRO E 79 25.54 30.79 -25.52
N VAL E 80 25.94 29.52 -25.64
CA VAL E 80 27.03 28.99 -24.83
C VAL E 80 27.98 28.30 -25.77
N ASP E 81 29.19 28.83 -25.88
CA ASP E 81 30.20 28.29 -26.77
C ASP E 81 31.26 27.58 -25.97
N VAL E 82 31.89 26.60 -26.61
CA VAL E 82 32.96 25.84 -25.99
C VAL E 82 34.15 25.93 -26.92
N CYS E 83 35.32 26.19 -26.37
CA CYS E 83 36.51 26.25 -27.20
C CYS E 83 37.79 26.17 -26.37
N TRP E 84 38.90 25.91 -27.04
CA TRP E 84 40.20 25.89 -26.38
C TRP E 84 40.60 27.36 -26.13
N PRO E 85 41.35 27.61 -25.06
CA PRO E 85 41.73 28.97 -24.66
C PRO E 85 42.43 29.80 -25.74
N PHE E 86 43.35 29.20 -26.48
CA PHE E 86 44.07 29.92 -27.53
C PHE E 86 43.11 30.42 -28.63
N MSE E 87 41.92 29.83 -28.72
CA MSE E 87 40.91 30.27 -29.68
C MSE E 87 40.52 31.71 -29.43
O MSE E 87 40.20 32.44 -30.36
CB MSE E 87 39.65 29.42 -29.54
CG MSE E 87 39.86 27.94 -29.68
SE MSE E 87 40.12 27.52 -31.50
CE MSE E 87 38.23 27.50 -32.01
N LEU E 88 40.53 32.11 -28.17
CA LEU E 88 40.11 33.45 -27.79
C LEU E 88 41.22 34.48 -27.90
N ASP E 89 41.66 34.73 -29.13
CA ASP E 89 42.68 35.72 -29.40
C ASP E 89 42.06 37.11 -29.26
N ASP E 90 42.85 38.15 -29.50
CA ASP E 90 42.37 39.52 -29.37
C ASP E 90 41.34 39.86 -30.44
N GLU E 91 41.52 39.28 -31.63
CA GLU E 91 40.61 39.54 -32.76
C GLU E 91 39.22 39.00 -32.43
N THR E 92 39.18 37.81 -31.86
CA THR E 92 37.93 37.15 -31.49
C THR E 92 37.20 37.85 -30.34
N LEU E 93 37.95 38.20 -29.29
CA LEU E 93 37.37 38.89 -28.13
C LEU E 93 36.89 40.30 -28.46
N ALA E 94 37.44 40.88 -29.53
CA ALA E 94 37.06 42.23 -29.95
C ALA E 94 35.77 42.27 -30.79
N ARG E 95 35.52 41.22 -31.57
CA ARG E 95 34.32 41.17 -32.41
CA ARG E 95 34.33 41.15 -32.43
C ARG E 95 33.16 40.44 -31.72
N SER E 96 33.36 40.04 -30.48
CA SER E 96 32.32 39.35 -29.74
C SER E 96 31.54 40.30 -28.85
N GLY E 97 30.25 40.00 -28.68
CA GLY E 97 29.43 40.77 -27.78
C GLY E 97 29.94 40.45 -26.38
N LYS E 98 29.62 41.30 -25.41
CA LYS E 98 30.07 41.09 -24.03
C LYS E 98 29.79 39.64 -23.60
N ALA E 99 30.75 39.04 -22.91
CA ALA E 99 30.63 37.64 -22.53
C ALA E 99 31.11 37.33 -21.12
N LEU E 100 30.68 36.17 -20.63
CA LEU E 100 31.19 35.61 -19.40
C LEU E 100 32.12 34.50 -19.89
N VAL E 101 33.43 34.71 -19.75
CA VAL E 101 34.38 33.71 -20.17
C VAL E 101 34.73 32.89 -18.95
N VAL E 102 34.40 31.60 -19.00
CA VAL E 102 34.65 30.70 -17.88
C VAL E 102 35.79 29.75 -18.20
N GLY E 103 36.90 29.89 -17.49
CA GLY E 103 38.06 29.03 -17.65
C GLY E 103 37.88 27.79 -16.80
N ILE E 104 37.75 26.64 -17.46
CA ILE E 104 37.57 25.36 -16.79
C ILE E 104 38.88 24.58 -16.80
N SER E 105 39.26 24.07 -15.64
CA SER E 105 40.47 23.26 -15.52
C SER E 105 40.28 22.18 -14.45
N GLN E 106 40.84 21.00 -14.69
CA GLN E 106 40.75 19.92 -13.72
C GLN E 106 41.76 20.20 -12.62
N GLY E 107 42.86 20.87 -12.98
CA GLY E 107 43.89 21.22 -12.01
C GLY E 107 43.73 22.67 -11.60
N GLY E 108 44.83 23.41 -11.58
CA GLY E 108 44.78 24.81 -11.18
C GLY E 108 44.72 25.80 -12.33
N GLY E 109 44.72 25.30 -13.57
CA GLY E 109 44.69 26.15 -14.76
C GLY E 109 46.05 26.32 -15.42
N SER E 110 46.08 26.20 -16.74
CA SER E 110 47.31 26.34 -17.52
C SER E 110 47.53 27.81 -17.85
N LEU E 111 48.73 28.11 -18.35
CA LEU E 111 49.08 29.48 -18.74
C LEU E 111 48.26 29.99 -19.93
N SER E 112 47.78 29.06 -20.78
CA SER E 112 46.92 29.44 -21.91
C SER E 112 45.59 29.92 -21.40
N THR E 113 45.01 29.19 -20.44
CA THR E 113 43.72 29.57 -19.89
C THR E 113 43.88 30.89 -19.16
N LEU E 114 44.94 31.01 -18.36
CA LEU E 114 45.18 32.25 -17.64
C LEU E 114 45.27 33.43 -18.61
N ALA E 115 46.06 33.27 -19.67
CA ALA E 115 46.22 34.35 -20.64
C ALA E 115 44.90 34.69 -21.35
N ALA E 116 44.12 33.67 -21.70
CA ALA E 116 42.86 33.89 -22.38
C ALA E 116 41.91 34.73 -21.52
N MSE E 117 41.83 34.39 -20.23
CA MSE E 117 40.95 35.11 -19.31
C MSE E 117 41.46 36.53 -19.15
O MSE E 117 40.68 37.48 -19.04
CB MSE E 117 40.91 34.40 -17.96
CG MSE E 117 40.28 33.03 -18.01
SE MSE E 117 40.56 32.08 -16.36
CE MSE E 117 39.61 33.26 -15.14
N GLU E 118 42.79 36.68 -19.14
CA GLU E 118 43.39 38.00 -19.05
C GLU E 118 43.06 38.84 -20.28
N ARG E 119 43.20 38.28 -21.48
CA ARG E 119 42.85 39.02 -22.70
C ARG E 119 41.37 39.39 -22.67
N ALA E 120 40.53 38.46 -22.25
CA ALA E 120 39.10 38.68 -22.14
C ALA E 120 38.80 39.86 -21.21
N ARG E 121 39.40 39.81 -20.04
CA ARG E 121 39.20 40.82 -19.01
C ARG E 121 39.63 42.22 -19.45
N ASN E 122 40.78 42.30 -20.12
CA ASN E 122 41.32 43.58 -20.59
C ASN E 122 40.45 44.29 -21.63
N VAL E 123 39.60 43.54 -22.32
CA VAL E 123 38.73 44.12 -23.34
C VAL E 123 37.34 44.43 -22.77
N GLY E 124 37.08 44.01 -21.54
CA GLY E 124 35.79 44.30 -20.92
C GLY E 124 34.88 43.12 -20.64
N HIS E 125 35.25 41.93 -21.05
CA HIS E 125 34.41 40.77 -20.75
C HIS E 125 34.50 40.44 -19.26
N ILE E 126 33.55 39.66 -18.74
CA ILE E 126 33.58 39.19 -17.36
C ILE E 126 34.20 37.79 -17.41
N THR E 127 34.97 37.45 -16.39
CA THR E 127 35.63 36.17 -16.34
C THR E 127 35.26 35.39 -15.09
N ALA E 128 35.33 34.08 -15.16
CA ALA E 128 35.05 33.22 -14.00
C ALA E 128 35.99 32.03 -14.09
N SER E 129 36.31 31.44 -12.95
CA SER E 129 37.18 30.29 -12.93
C SER E 129 36.46 29.03 -12.45
N MSE E 130 36.87 27.89 -13.00
CA MSE E 130 36.36 26.59 -12.57
C MSE E 130 37.53 25.65 -12.54
O MSE E 130 37.65 24.77 -13.39
CB MSE E 130 35.31 26.01 -13.52
CG MSE E 130 33.95 26.64 -13.40
SE MSE E 130 32.58 25.48 -14.15
CE MSE E 130 31.07 26.64 -13.79
N ALA E 131 38.42 25.85 -11.58
CA ALA E 131 39.55 24.98 -11.40
C ALA E 131 39.10 23.81 -10.54
N GLY E 132 39.97 22.82 -10.43
CA GLY E 132 39.69 21.66 -9.59
C GLY E 132 40.30 21.85 -8.21
N VAL E 133 41.06 22.93 -8.06
CA VAL E 133 41.67 23.26 -6.78
C VAL E 133 41.40 24.71 -6.41
N ALA E 134 41.59 25.03 -5.14
CA ALA E 134 41.40 26.38 -4.65
C ALA E 134 42.44 26.64 -3.57
N PRO E 135 43.26 27.70 -3.74
CA PRO E 135 43.28 28.64 -4.86
C PRO E 135 43.98 28.08 -6.11
N ALA E 136 43.53 28.52 -7.27
CA ALA E 136 44.08 28.07 -8.54
C ALA E 136 44.79 29.21 -9.24
N THR E 137 45.73 28.86 -10.11
CA THR E 137 46.45 29.82 -10.92
C THR E 137 45.47 30.73 -11.65
N ILE E 138 44.46 30.14 -12.26
CA ILE E 138 43.50 30.95 -13.04
C ILE E 138 42.60 31.87 -12.19
N ASP E 139 42.65 31.75 -10.87
CA ASP E 139 41.89 32.63 -9.97
C ASP E 139 42.39 34.08 -10.02
N ARG E 140 43.67 34.24 -10.36
CA ARG E 140 44.29 35.55 -10.48
C ARG E 140 43.67 36.42 -11.59
N ALA E 141 42.97 35.77 -12.52
CA ALA E 141 42.34 36.48 -13.64
C ALA E 141 40.83 36.32 -13.64
N ALA E 142 40.27 35.93 -12.49
CA ALA E 142 38.83 35.67 -12.37
C ALA E 142 38.05 36.73 -11.60
N ASP E 143 36.95 37.21 -12.19
CA ASP E 143 36.08 38.15 -11.50
C ASP E 143 35.23 37.38 -10.50
N TYR E 144 35.01 36.09 -10.78
CA TYR E 144 34.22 35.23 -9.92
C TYR E 144 34.81 33.83 -9.87
N ILE E 145 35.24 33.40 -8.68
CA ILE E 145 35.80 32.05 -8.50
C ILE E 145 34.65 31.04 -8.34
N LEU E 146 34.49 30.16 -9.31
CA LEU E 146 33.42 29.14 -9.29
C LEU E 146 33.99 27.73 -9.22
N THR E 147 34.94 27.54 -8.29
CA THR E 147 35.67 26.27 -8.12
C THR E 147 34.80 25.01 -8.07
N VAL E 148 35.24 23.97 -8.78
CA VAL E 148 34.59 22.67 -8.74
C VAL E 148 34.97 22.08 -7.36
N PRO E 149 33.97 21.81 -6.52
CA PRO E 149 34.27 21.32 -5.16
C PRO E 149 34.82 19.88 -5.04
N CYS E 150 36.15 19.76 -4.95
CA CYS E 150 36.81 18.46 -4.81
C CYS E 150 37.69 18.37 -3.55
N GLY E 151 38.62 19.31 -3.40
CA GLY E 151 39.50 19.36 -2.22
C GLY E 151 40.67 18.38 -2.19
N GLU E 152 41.61 18.55 -3.12
CA GLU E 152 42.81 17.68 -3.21
C GLU E 152 43.61 17.98 -4.47
N THR E 159 38.98 10.86 -11.14
CA THR E 159 37.80 10.06 -11.49
C THR E 159 36.54 10.91 -11.55
N LYS E 160 36.18 11.53 -10.43
CA LYS E 160 34.98 12.35 -10.36
C LYS E 160 35.07 13.64 -11.19
N GLY E 161 36.30 14.10 -11.44
CA GLY E 161 36.53 15.34 -12.18
C GLY E 161 35.49 15.68 -13.23
N TYR E 162 35.34 14.79 -14.21
CA TYR E 162 34.38 15.00 -15.28
C TYR E 162 32.97 15.22 -14.74
N HIS E 163 32.47 14.26 -13.94
CA HIS E 163 31.14 14.36 -13.35
C HIS E 163 30.95 15.69 -12.63
N CYS E 164 31.84 15.99 -11.70
CA CYS E 164 31.77 17.24 -10.93
C CYS E 164 31.78 18.47 -11.82
N THR E 165 32.57 18.45 -12.89
CA THR E 165 32.65 19.59 -13.78
C THR E 165 31.31 19.75 -14.50
N VAL E 166 30.77 18.65 -15.03
CA VAL E 166 29.48 18.72 -15.70
C VAL E 166 28.41 19.27 -14.73
N LEU E 167 28.34 18.71 -13.52
CA LEU E 167 27.36 19.14 -12.51
C LEU E 167 27.57 20.61 -12.11
N ASN E 168 28.83 21.00 -11.92
CA ASN E 168 29.13 22.38 -11.58
C ASN E 168 28.54 23.31 -12.66
N LEU E 169 28.81 23.01 -13.92
CA LEU E 169 28.29 23.80 -15.02
C LEU E 169 26.75 23.86 -15.07
N MSE E 170 26.09 22.75 -14.75
CA MSE E 170 24.61 22.70 -14.74
C MSE E 170 24.04 23.52 -13.59
O MSE E 170 23.02 24.22 -13.75
CB MSE E 170 24.10 21.25 -14.70
CG MSE E 170 24.31 20.51 -16.01
SE MSE E 170 23.80 18.64 -15.98
CE MSE E 170 23.99 18.25 -17.87
N LEU E 171 24.67 23.43 -12.43
CA LEU E 171 24.24 24.23 -11.29
C LEU E 171 24.37 25.72 -11.61
N LEU E 172 25.40 26.11 -12.35
CA LEU E 172 25.54 27.51 -12.75
C LEU E 172 24.36 27.91 -13.64
N ALA E 173 23.95 26.99 -14.51
CA ALA E 173 22.84 27.24 -15.41
C ALA E 173 21.57 27.49 -14.59
N LEU E 174 21.33 26.62 -13.60
CA LEU E 174 20.20 26.76 -12.68
C LEU E 174 20.21 28.09 -11.91
N ALA E 175 21.40 28.56 -11.53
CA ALA E 175 21.53 29.82 -10.80
C ALA E 175 21.12 31.00 -11.67
N VAL E 176 21.51 30.97 -12.94
CA VAL E 176 21.16 32.03 -13.88
C VAL E 176 19.66 32.03 -14.13
N ALA E 177 19.11 30.84 -14.32
CA ALA E 177 17.66 30.68 -14.52
C ALA E 177 16.92 31.18 -13.28
N GLY E 178 17.52 31.01 -12.11
CA GLY E 178 16.93 31.50 -10.87
C GLY E 178 16.94 33.02 -10.80
N GLN E 179 18.11 33.63 -10.97
CA GLN E 179 18.26 35.10 -10.92
C GLN E 179 17.39 35.82 -11.92
N GLN E 180 17.23 35.22 -13.11
CA GLN E 180 16.41 35.85 -14.14
C GLN E 180 14.92 35.50 -13.98
N GLN E 181 14.59 34.90 -12.84
CA GLN E 181 13.23 34.51 -12.48
C GLN E 181 12.53 33.63 -13.50
N ARG E 182 13.27 32.73 -14.11
CA ARG E 182 12.70 31.79 -15.06
C ARG E 182 12.68 30.39 -14.45
N LEU E 183 12.87 30.33 -13.14
CA LEU E 183 12.91 29.06 -12.44
C LEU E 183 12.48 29.26 -10.99
N ASP E 184 11.28 28.81 -10.63
CA ASP E 184 10.78 28.93 -9.26
C ASP E 184 11.17 27.70 -8.43
N GLY E 185 10.76 27.68 -7.16
CA GLY E 185 11.06 26.57 -6.25
C GLY E 185 10.67 25.21 -6.82
N GLU E 186 9.42 25.11 -7.28
CA GLU E 186 8.90 23.88 -7.88
C GLU E 186 9.82 23.33 -8.95
N GLN E 187 10.06 24.14 -9.97
CA GLN E 187 10.89 23.77 -11.11
C GLN E 187 12.29 23.41 -10.61
N ARG E 188 12.85 24.28 -9.79
CA ARG E 188 14.15 24.08 -9.17
C ARG E 188 14.26 22.72 -8.51
N ARG E 189 13.38 22.46 -7.54
CA ARG E 189 13.41 21.19 -6.82
C ARG E 189 13.18 20.01 -7.76
N SER E 190 12.27 20.18 -8.72
CA SER E 190 11.99 19.13 -9.68
C SER E 190 13.27 18.72 -10.39
N LEU E 191 14.07 19.71 -10.79
CA LEU E 191 15.33 19.45 -11.47
C LEU E 191 16.36 18.79 -10.54
N LEU E 192 16.38 19.20 -9.28
CA LEU E 192 17.32 18.63 -8.33
C LEU E 192 16.88 17.19 -7.99
N LEU E 193 15.57 16.96 -7.95
CA LEU E 193 15.04 15.61 -7.71
C LEU E 193 15.49 14.69 -8.84
N ARG E 194 15.50 15.21 -10.06
CA ARG E 194 15.90 14.43 -11.21
C ARG E 194 17.37 14.03 -11.18
N MSE E 195 18.22 14.98 -10.78
CA MSE E 195 19.65 14.72 -10.67
C MSE E 195 19.90 13.69 -9.56
O MSE E 195 20.68 12.75 -9.73
CB MSE E 195 20.41 16.02 -10.34
CG MSE E 195 20.33 17.10 -11.41
SE MSE E 195 21.07 18.78 -10.83
CE MSE E 195 20.77 19.85 -12.42
N GLU E 196 19.22 13.88 -8.44
CA GLU E 196 19.35 12.99 -7.29
C GLU E 196 19.01 11.55 -7.67
N LYS E 197 17.89 11.36 -8.36
CA LYS E 197 17.49 10.01 -8.74
C LYS E 197 18.59 9.38 -9.58
N THR E 198 19.11 10.13 -10.54
CA THR E 198 20.18 9.63 -11.39
C THR E 198 21.40 9.22 -10.53
N PHE E 199 21.79 10.07 -9.58
CA PHE E 199 22.95 9.76 -8.73
C PHE E 199 22.72 8.49 -7.88
N ASN E 200 21.53 8.35 -7.30
CA ASN E 200 21.20 7.18 -6.51
C ASN E 200 21.24 5.88 -7.32
N HIS E 201 21.09 6.02 -8.64
CA HIS E 201 21.07 4.87 -9.54
C HIS E 201 22.43 4.56 -10.19
N LEU E 202 23.46 5.31 -9.83
CA LEU E 202 24.81 5.08 -10.40
C LEU E 202 25.54 3.89 -9.76
N PRO E 203 25.40 3.69 -8.43
CA PRO E 203 26.07 2.57 -7.79
C PRO E 203 25.67 1.23 -8.38
N ALA E 204 24.42 1.11 -8.82
CA ALA E 204 23.94 -0.11 -9.47
C ALA E 204 24.55 -0.22 -10.86
N LEU E 205 24.69 0.93 -11.52
CA LEU E 205 25.29 0.98 -12.85
C LEU E 205 26.76 0.63 -12.80
N VAL E 206 27.43 0.96 -11.70
CA VAL E 206 28.84 0.61 -11.55
C VAL E 206 28.99 -0.91 -11.48
N THR E 207 28.17 -1.53 -10.64
CA THR E 207 28.18 -2.99 -10.49
C THR E 207 27.89 -3.69 -11.80
N ALA E 208 26.83 -3.25 -12.48
CA ALA E 208 26.47 -3.83 -13.77
C ALA E 208 27.61 -3.60 -14.78
N SER E 209 28.18 -2.40 -14.78
CA SER E 209 29.29 -2.08 -15.69
C SER E 209 30.52 -2.97 -15.45
N GLN E 210 30.85 -3.19 -14.19
CA GLN E 210 32.02 -4.00 -13.84
C GLN E 210 31.87 -5.43 -14.39
N ALA E 211 30.74 -6.06 -14.08
CA ALA E 211 30.48 -7.42 -14.56
C ALA E 211 30.57 -7.46 -16.08
N TRP E 212 29.90 -6.51 -16.72
CA TRP E 212 29.91 -6.42 -18.17
C TRP E 212 31.33 -6.24 -18.68
N ALA E 213 32.07 -5.38 -18.00
CA ALA E 213 33.45 -5.12 -18.38
C ALA E 213 34.26 -6.41 -18.29
N GLN E 214 34.12 -7.15 -17.19
CA GLN E 214 34.90 -8.37 -17.01
C GLN E 214 34.46 -9.54 -17.91
N THR E 215 33.17 -9.63 -18.19
CA THR E 215 32.66 -10.67 -19.09
C THR E 215 33.22 -10.51 -20.50
N ASN E 216 33.36 -9.25 -20.92
CA ASN E 216 33.85 -8.92 -22.26
C ASN E 216 35.31 -8.45 -22.29
N ALA E 217 36.01 -8.65 -21.18
CA ALA E 217 37.40 -8.22 -21.04
C ALA E 217 38.32 -8.78 -22.12
N LEU E 218 38.39 -10.10 -22.24
CA LEU E 218 39.28 -10.74 -23.22
C LEU E 218 39.08 -10.28 -24.65
N ALA E 219 37.84 -10.25 -25.12
CA ALA E 219 37.56 -9.82 -26.48
C ALA E 219 38.08 -8.43 -26.79
N LEU E 220 37.84 -7.49 -25.86
CA LEU E 220 38.26 -6.11 -26.04
C LEU E 220 39.77 -5.91 -26.03
N ARG E 221 40.50 -6.68 -25.23
CA ARG E 221 41.97 -6.58 -25.21
C ARG E 221 42.56 -7.12 -26.51
N ASP E 222 41.92 -8.14 -27.08
CA ASP E 222 42.39 -8.76 -28.33
C ASP E 222 41.99 -7.99 -29.59
N SER E 223 41.48 -6.77 -29.43
CA SER E 223 41.14 -5.94 -30.56
C SER E 223 42.33 -5.03 -30.81
N ALA E 224 42.61 -4.72 -32.08
CA ALA E 224 43.73 -3.84 -32.40
C ALA E 224 43.40 -2.43 -31.92
N ASP E 225 42.16 -2.00 -32.17
CA ASP E 225 41.71 -0.69 -31.72
C ASP E 225 40.24 -0.72 -31.33
N ILE E 226 39.75 0.38 -30.76
CA ILE E 226 38.37 0.49 -30.30
C ILE E 226 37.74 1.79 -30.80
N ARG E 227 36.52 1.68 -31.32
CA ARG E 227 35.79 2.84 -31.82
C ARG E 227 34.51 3.01 -31.02
N LEU E 228 34.36 4.18 -30.41
CA LEU E 228 33.18 4.48 -29.63
C LEU E 228 32.27 5.34 -30.47
N THR E 229 30.98 5.10 -30.38
CA THR E 229 30.03 5.93 -31.09
C THR E 229 28.75 6.10 -30.30
N GLY E 230 28.00 7.15 -30.65
CA GLY E 230 26.74 7.44 -29.97
C GLY E 230 26.02 8.56 -30.69
N PRO E 231 24.81 8.89 -30.22
CA PRO E 231 24.08 9.99 -30.81
C PRO E 231 24.75 11.31 -30.43
N ALA E 232 24.55 12.33 -31.27
CA ALA E 232 25.12 13.65 -31.04
C ALA E 232 24.86 14.11 -29.61
N THR E 233 23.71 13.71 -29.09
CA THR E 233 23.31 14.08 -27.74
C THR E 233 24.26 13.58 -26.65
N LEU E 234 25.14 12.63 -26.97
CA LEU E 234 26.12 12.11 -26.01
C LEU E 234 27.54 12.20 -26.54
N PHE E 235 27.78 13.19 -27.39
CA PHE E 235 29.10 13.35 -27.99
C PHE E 235 30.22 13.58 -26.97
N GLY E 236 29.91 14.34 -25.92
CA GLY E 236 30.88 14.61 -24.87
C GLY E 236 31.24 13.35 -24.10
N THR E 237 30.26 12.44 -23.98
CA THR E 237 30.46 11.17 -23.30
C THR E 237 31.46 10.30 -24.05
N VAL E 238 31.26 10.19 -25.37
CA VAL E 238 32.15 9.36 -26.19
C VAL E 238 33.53 9.98 -26.29
N GLN E 239 33.62 11.30 -26.34
CA GLN E 239 34.92 11.94 -26.39
C GLN E 239 35.67 11.71 -25.09
N GLU E 240 35.01 11.94 -23.95
CA GLU E 240 35.66 11.70 -22.66
C GLU E 240 36.00 10.21 -22.51
N GLY E 241 35.05 9.35 -22.83
CA GLY E 241 35.28 7.91 -22.77
C GLY E 241 36.48 7.50 -23.61
N ALA E 242 36.65 8.12 -24.78
CA ALA E 242 37.76 7.79 -25.68
C ALA E 242 39.09 8.29 -25.14
N LEU E 243 39.06 9.45 -24.48
CA LEU E 243 40.25 10.03 -23.91
C LEU E 243 40.80 9.17 -22.78
N LYS E 244 39.94 8.81 -21.84
CA LYS E 244 40.39 8.01 -20.71
C LYS E 244 40.86 6.64 -21.14
N MSE E 245 40.14 6.01 -22.07
CA MSE E 245 40.55 4.69 -22.57
C MSE E 245 41.90 4.77 -23.30
O MSE E 245 42.76 3.91 -23.11
CB MSE E 245 39.48 4.07 -23.49
CG MSE E 245 38.23 3.62 -22.75
SE MSE E 245 36.79 3.02 -23.91
CE MSE E 245 37.70 1.55 -24.76
N LEU E 246 42.09 5.79 -24.13
CA LEU E 246 43.35 5.97 -24.86
C LEU E 246 44.50 6.14 -23.89
N GLU E 247 44.23 6.98 -22.89
CA GLU E 247 45.18 7.35 -21.84
C GLU E 247 45.52 6.20 -20.88
N THR E 248 44.62 5.22 -20.77
CA THR E 248 44.79 4.10 -19.82
C THR E 248 45.01 2.75 -20.47
N LEU E 249 44.28 2.46 -21.54
CA LEU E 249 44.38 1.15 -22.18
C LEU E 249 45.57 1.04 -23.13
N ARG E 250 46.32 2.13 -23.27
CA ARG E 250 47.53 2.12 -24.08
C ARG E 250 47.35 1.55 -25.49
N CYS E 251 46.19 1.80 -26.08
CA CYS E 251 45.95 1.43 -27.48
C CYS E 251 44.93 2.39 -28.08
N PRO E 252 44.88 2.47 -29.42
CA PRO E 252 44.03 3.44 -30.10
C PRO E 252 42.53 3.34 -29.80
N VAL E 253 41.95 4.46 -29.39
CA VAL E 253 40.53 4.56 -29.14
C VAL E 253 40.07 5.88 -29.72
N SER E 254 38.90 5.87 -30.33
CA SER E 254 38.36 7.07 -30.94
C SER E 254 36.84 7.06 -30.83
N GLY E 255 36.29 8.21 -30.45
CA GLY E 255 34.86 8.37 -30.30
C GLY E 255 34.34 9.19 -31.47
N TYR E 256 33.12 8.86 -31.90
CA TYR E 256 32.51 9.57 -33.01
C TYR E 256 31.02 9.76 -32.78
N GLU E 257 30.46 10.78 -33.41
CA GLU E 257 29.02 10.95 -33.43
C GLU E 257 28.61 9.91 -34.49
N PHE E 258 27.48 9.27 -34.26
CA PHE E 258 27.03 8.17 -35.13
C PHE E 258 27.06 8.38 -36.65
N GLU E 259 26.39 9.41 -37.15
CA GLU E 259 26.36 9.61 -38.60
C GLU E 259 27.75 9.87 -39.18
N GLU E 260 28.61 10.55 -38.42
CA GLU E 260 29.96 10.82 -38.89
CA GLU E 260 29.99 10.82 -38.84
C GLU E 260 30.76 9.51 -38.95
N PHE E 261 30.48 8.62 -38.02
CA PHE E 261 31.13 7.31 -38.01
C PHE E 261 30.76 6.56 -39.28
N ILE E 262 29.48 6.60 -39.65
CA ILE E 262 28.99 5.95 -40.86
C ILE E 262 29.65 6.52 -42.12
N HIS E 263 29.60 7.84 -42.27
CA HIS E 263 30.18 8.52 -43.41
C HIS E 263 31.65 8.14 -43.66
N GLY E 264 32.42 7.97 -42.58
CA GLY E 264 33.84 7.62 -42.69
C GLY E 264 34.18 6.22 -42.22
N ILE E 265 33.23 5.32 -42.38
CA ILE E 265 33.35 3.92 -41.93
C ILE E 265 34.58 3.16 -42.45
N TYR E 266 35.08 3.54 -43.62
CA TYR E 266 36.22 2.82 -44.21
C TYR E 266 37.58 3.24 -43.70
N ASN E 267 37.68 4.47 -43.22
CA ASN E 267 38.92 4.97 -42.67
C ASN E 267 38.95 4.62 -41.18
N ALA E 268 37.81 4.84 -40.52
CA ALA E 268 37.66 4.70 -39.07
C ALA E 268 37.30 3.30 -38.54
N PHE E 269 37.42 2.25 -39.35
CA PHE E 269 37.05 0.90 -38.89
C PHE E 269 37.61 -0.22 -39.77
N ASN E 270 37.94 -1.35 -39.16
CA ASN E 270 38.49 -2.48 -39.89
C ASN E 270 38.07 -3.84 -39.29
N ALA E 271 38.67 -4.91 -39.76
CA ALA E 271 38.29 -6.25 -39.29
C ALA E 271 38.69 -6.59 -37.86
N GLN E 272 39.67 -5.89 -37.31
CA GLN E 272 40.12 -6.19 -35.96
C GLN E 272 39.78 -5.08 -34.97
N SER E 273 38.87 -4.20 -35.37
CA SER E 273 38.43 -3.12 -34.51
C SER E 273 37.29 -3.58 -33.62
N ALA E 274 37.08 -2.88 -32.51
CA ALA E 274 35.98 -3.21 -31.61
C ALA E 274 35.07 -2.00 -31.59
N LEU E 275 33.78 -2.18 -31.84
CA LEU E 275 32.85 -1.07 -31.81
C LEU E 275 31.99 -1.11 -30.56
N ILE E 276 32.00 -0.01 -29.81
CA ILE E 276 31.16 0.15 -28.64
C ILE E 276 30.19 1.25 -29.00
N MSE E 277 28.90 0.94 -28.89
CA MSE E 277 27.87 1.84 -29.34
C MSE E 277 26.94 2.20 -28.21
O MSE E 277 26.51 1.34 -27.44
CB MSE E 277 27.09 1.08 -30.40
CG MSE E 277 26.45 1.90 -31.51
SE MSE E 277 25.83 0.61 -32.84
CE MSE E 277 27.42 -0.45 -33.08
N LEU E 278 26.63 3.49 -28.08
CA LEU E 278 25.69 3.93 -27.05
C LEU E 278 24.30 4.03 -27.67
N ASP E 279 23.37 3.25 -27.12
CA ASP E 279 21.98 3.21 -27.59
C ASP E 279 21.01 3.58 -26.47
N PRO E 280 20.98 4.85 -26.07
CA PRO E 280 20.08 5.26 -24.99
C PRO E 280 18.61 5.00 -25.34
N GLN E 281 18.29 5.00 -26.63
CA GLN E 281 16.93 4.76 -27.10
C GLN E 281 16.93 4.05 -28.45
N PRO E 282 15.80 3.40 -28.79
CA PRO E 282 15.72 2.68 -30.06
C PRO E 282 15.93 3.60 -31.25
N ASP E 283 16.84 3.21 -32.13
CA ASP E 283 17.17 3.96 -33.33
C ASP E 283 17.23 3.00 -34.52
N ALA E 284 16.40 3.24 -35.53
CA ALA E 284 16.35 2.37 -36.71
C ALA E 284 17.70 2.33 -37.41
N ARG E 285 18.30 3.49 -37.63
CA ARG E 285 19.60 3.54 -38.29
C ARG E 285 20.67 2.83 -37.47
N GLN E 286 20.71 3.02 -36.16
CA GLN E 286 21.73 2.34 -35.36
C GLN E 286 21.54 0.83 -35.38
N ASP E 287 20.29 0.38 -35.31
CA ASP E 287 20.04 -1.06 -35.37
C ASP E 287 20.52 -1.58 -36.72
N ARG E 288 20.19 -0.85 -37.77
CA ARG E 288 20.57 -1.24 -39.12
C ARG E 288 22.09 -1.37 -39.30
N LEU E 289 22.88 -0.53 -38.61
CA LEU E 289 24.34 -0.64 -38.67
C LEU E 289 24.81 -1.87 -37.93
N ALA E 290 24.33 -2.04 -36.70
CA ALA E 290 24.72 -3.18 -35.87
C ALA E 290 24.39 -4.50 -36.56
N GLN E 291 23.31 -4.51 -37.33
CA GLN E 291 22.85 -5.69 -38.04
C GLN E 291 23.80 -6.02 -39.18
N ILE E 292 24.08 -5.03 -40.02
CA ILE E 292 24.93 -5.23 -41.17
C ILE E 292 26.40 -5.41 -40.77
N LEU E 293 26.87 -4.59 -39.85
CA LEU E 293 28.25 -4.67 -39.38
C LEU E 293 28.44 -6.00 -38.64
N GLY E 294 27.34 -6.61 -38.22
CA GLY E 294 27.37 -7.88 -37.51
C GLY E 294 27.67 -9.04 -38.44
N GLU E 295 27.38 -8.86 -39.73
CA GLU E 295 27.65 -9.89 -40.74
C GLU E 295 29.12 -9.87 -41.14
N TRP E 296 29.86 -8.88 -40.64
CA TRP E 296 31.26 -8.76 -40.98
C TRP E 296 32.17 -8.96 -39.77
N THR E 297 31.67 -8.61 -38.58
CA THR E 297 32.44 -8.76 -37.36
C THR E 297 31.54 -9.06 -36.17
N PRO E 298 32.05 -9.84 -35.21
CA PRO E 298 31.31 -10.13 -34.00
C PRO E 298 31.69 -9.15 -32.88
N SER E 299 32.65 -8.26 -33.16
CA SER E 299 33.17 -7.34 -32.13
C SER E 299 32.34 -6.06 -31.94
N ILE E 300 31.04 -6.23 -31.73
CA ILE E 300 30.13 -5.11 -31.53
C ILE E 300 29.58 -5.19 -30.10
N TYR E 301 29.68 -4.10 -29.35
CA TYR E 301 29.22 -4.06 -27.96
C TYR E 301 28.31 -2.86 -27.77
N ARG E 302 27.04 -3.10 -27.52
CA ARG E 302 26.07 -2.01 -27.37
C ARG E 302 25.69 -1.79 -25.91
N ILE E 303 25.42 -0.53 -25.57
CA ILE E 303 25.04 -0.17 -24.22
C ILE E 303 23.72 0.59 -24.24
N GLY E 304 22.74 0.10 -23.50
CA GLY E 304 21.43 0.76 -23.46
C GLY E 304 20.36 -0.06 -22.76
N PRO E 305 19.20 0.55 -22.51
CA PRO E 305 18.11 -0.11 -21.79
C PRO E 305 17.40 -1.19 -22.57
N GLN E 306 17.42 -1.10 -23.90
CA GLN E 306 16.70 -2.06 -24.72
C GLN E 306 17.53 -2.79 -25.76
N VAL E 307 18.84 -2.79 -25.60
CA VAL E 307 19.69 -3.52 -26.52
C VAL E 307 19.53 -5.01 -26.26
N GLU E 308 19.84 -5.81 -27.29
CA GLU E 308 19.77 -7.27 -27.20
C GLU E 308 20.49 -7.75 -25.94
N ASN E 309 19.91 -8.70 -25.23
CA ASN E 309 20.53 -9.17 -24.00
C ASN E 309 21.57 -10.29 -24.22
N ASN E 310 22.42 -10.14 -25.23
CA ASN E 310 23.49 -11.10 -25.49
C ASN E 310 24.58 -10.83 -24.46
N GLY E 311 25.66 -11.59 -24.49
CA GLY E 311 26.73 -11.39 -23.52
C GLY E 311 27.48 -10.09 -23.78
N LEU E 312 27.62 -9.76 -25.06
CA LEU E 312 28.42 -8.61 -25.52
C LEU E 312 27.83 -7.24 -25.16
N ASN E 313 26.51 -7.14 -25.12
CA ASN E 313 25.86 -5.87 -24.83
C ASN E 313 25.72 -5.60 -23.34
N LEU E 314 25.54 -4.33 -22.99
CA LEU E 314 25.27 -3.93 -21.64
C LEU E 314 23.80 -3.53 -21.57
N ASN E 315 22.94 -4.52 -21.32
CA ASN E 315 21.53 -4.25 -21.18
C ASN E 315 21.32 -3.85 -19.73
N PHE E 316 20.81 -2.64 -19.51
CA PHE E 316 20.67 -2.10 -18.17
C PHE E 316 19.53 -1.08 -18.14
N PRO E 317 18.75 -1.08 -17.04
CA PRO E 317 17.64 -0.13 -16.88
C PRO E 317 18.11 1.29 -16.52
N PHE E 318 18.80 1.95 -17.44
CA PHE E 318 19.27 3.32 -17.23
C PHE E 318 18.12 4.21 -16.84
N VAL E 319 18.34 5.18 -15.97
CA VAL E 319 17.28 6.11 -15.62
C VAL E 319 16.88 6.84 -16.91
N ASN E 320 17.85 7.04 -17.80
CA ASN E 320 17.63 7.73 -19.08
C ASN E 320 16.97 9.10 -19.01
N ASP E 321 17.36 9.89 -18.03
CA ASP E 321 16.83 11.23 -17.91
C ASP E 321 17.35 12.01 -19.12
N GLU E 322 16.44 12.63 -19.86
CA GLU E 322 16.79 13.36 -21.07
C GLU E 322 17.99 14.32 -20.91
N ASP E 323 18.16 14.88 -19.72
CA ASP E 323 19.26 15.81 -19.46
C ASP E 323 20.41 15.19 -18.69
N PHE E 324 20.09 14.36 -17.71
CA PHE E 324 21.11 13.85 -16.80
C PHE E 324 21.56 12.42 -17.06
N ALA E 325 21.17 11.84 -18.19
CA ALA E 325 21.62 10.50 -18.53
C ALA E 325 23.12 10.54 -18.80
N VAL E 326 23.66 11.75 -19.00
CA VAL E 326 25.08 11.95 -19.28
C VAL E 326 25.98 11.46 -18.13
N PHE E 327 25.47 11.51 -16.91
CA PHE E 327 26.22 11.04 -15.74
C PHE E 327 26.21 9.52 -15.69
N GLU E 328 25.32 8.90 -16.46
CA GLU E 328 25.22 7.44 -16.44
C GLU E 328 26.10 6.80 -17.51
N TYR E 329 25.84 7.16 -18.77
CA TYR E 329 26.52 6.55 -19.92
C TYR E 329 28.05 6.66 -19.98
N ILE E 330 28.65 7.50 -19.13
CA ILE E 330 30.10 7.60 -19.11
C ILE E 330 30.68 6.48 -18.26
N ILE E 331 29.92 6.03 -17.26
CA ILE E 331 30.41 5.04 -16.29
C ILE E 331 30.89 3.70 -16.89
N PRO E 332 30.14 3.13 -17.84
CA PRO E 332 30.61 1.89 -18.46
C PRO E 332 31.94 2.05 -19.19
N LEU E 333 32.17 3.25 -19.74
CA LEU E 333 33.41 3.53 -20.46
C LEU E 333 34.58 3.71 -19.49
N GLN E 334 34.32 4.41 -18.37
CA GLN E 334 35.32 4.58 -17.34
C GLN E 334 35.68 3.24 -16.70
N MSE E 335 34.70 2.36 -16.60
CA MSE E 335 34.90 1.06 -16.01
C MSE E 335 35.90 0.25 -16.85
O MSE E 335 36.68 -0.52 -16.31
CB MSE E 335 33.57 0.31 -15.88
CG MSE E 335 33.68 -1.04 -15.16
SE MSE E 335 34.40 -0.92 -13.35
CE MSE E 335 33.10 0.29 -12.56
N LEU E 336 35.84 0.43 -18.16
CA LEU E 336 36.78 -0.23 -19.06
C LEU E 336 38.22 0.18 -18.74
N CYS E 337 38.40 1.43 -18.31
CA CYS E 337 39.73 1.94 -17.95
C CYS E 337 40.28 1.28 -16.70
N ALA E 338 39.38 0.95 -15.77
CA ALA E 338 39.79 0.36 -14.50
C ALA E 338 40.05 -1.14 -14.56
N ILE E 339 39.36 -1.88 -15.42
CA ILE E 339 39.52 -3.33 -15.44
C ILE E 339 40.30 -3.93 -16.63
N LEU E 340 40.27 -3.29 -17.81
CA LEU E 340 40.97 -3.86 -18.98
C LEU E 340 42.49 -4.01 -18.80
N PRO E 341 43.15 -3.06 -18.12
CA PRO E 341 44.59 -3.22 -17.90
C PRO E 341 44.93 -4.37 -16.95
N TYR F 16 51.72 5.72 -51.53
CA TYR F 16 51.43 6.86 -50.61
C TYR F 16 52.26 8.08 -51.01
N PHE F 17 53.45 7.83 -51.56
CA PHE F 17 54.34 8.90 -52.00
C PHE F 17 53.85 9.56 -53.29
N GLN F 18 53.18 8.80 -54.15
CA GLN F 18 52.62 9.35 -55.37
C GLN F 18 51.70 10.51 -54.98
N GLY F 19 51.19 10.43 -53.75
CA GLY F 19 50.30 11.45 -53.21
C GLY F 19 51.01 12.67 -52.64
N MSE F 20 52.09 12.46 -51.89
CA MSE F 20 52.83 13.58 -51.30
C MSE F 20 53.63 14.34 -52.37
O MSE F 20 53.62 15.57 -52.40
CB MSE F 20 53.77 13.12 -50.17
CG MSE F 20 53.06 12.42 -49.01
SE MSE F 20 54.16 12.27 -47.41
CE MSE F 20 54.23 14.16 -46.91
N ASN F 21 54.31 13.61 -53.25
CA ASN F 21 55.11 14.22 -54.32
C ASN F 21 54.28 15.12 -55.24
N GLU F 22 53.00 14.78 -55.41
CA GLU F 22 52.10 15.54 -56.27
C GLU F 22 51.32 16.65 -55.58
N THR F 23 51.34 16.70 -54.24
CA THR F 23 50.58 17.71 -53.50
C THR F 23 50.96 19.15 -53.86
N PRO F 24 52.28 19.46 -53.88
CA PRO F 24 52.70 20.83 -54.21
C PRO F 24 52.20 21.30 -55.57
N LEU F 25 52.29 20.43 -56.57
CA LEU F 25 51.84 20.79 -57.92
C LEU F 25 50.35 21.14 -57.90
N ARG F 26 49.55 20.37 -57.17
CA ARG F 26 48.10 20.59 -57.09
C ARG F 26 47.77 21.89 -56.36
N LEU F 27 48.55 22.23 -55.34
CA LEU F 27 48.33 23.48 -54.62
C LEU F 27 48.69 24.66 -55.54
N LEU F 28 49.75 24.53 -56.33
CA LEU F 28 50.13 25.58 -57.25
C LEU F 28 49.00 25.80 -58.26
N GLU F 29 48.50 24.71 -58.84
CA GLU F 29 47.43 24.78 -59.84
C GLU F 29 46.21 25.53 -59.31
N MSE F 30 45.91 25.35 -58.02
CA MSE F 30 44.79 26.02 -57.37
C MSE F 30 44.95 27.54 -57.35
O MSE F 30 43.97 28.28 -57.29
CB MSE F 30 44.55 25.50 -55.95
CG MSE F 30 43.91 24.12 -55.86
SE MSE F 30 43.53 23.56 -54.01
CE MSE F 30 42.28 24.96 -53.47
N LEU F 31 46.21 28.01 -57.39
CA LEU F 31 46.47 29.44 -57.39
C LEU F 31 46.12 30.07 -58.74
N THR F 32 46.13 29.26 -59.80
CA THR F 32 45.84 29.77 -61.14
C THR F 32 44.38 29.57 -61.55
N GLN F 33 43.59 28.89 -60.74
CA GLN F 33 42.19 28.67 -61.06
C GLN F 33 41.35 29.93 -60.88
N THR F 34 40.35 30.08 -61.75
CA THR F 34 39.47 31.26 -61.73
C THR F 34 38.60 31.36 -60.45
N ARG F 35 37.96 30.27 -60.07
CA ARG F 35 37.14 30.20 -58.85
C ARG F 35 35.98 31.21 -58.71
N GLU F 36 35.10 31.26 -59.70
CA GLU F 36 33.92 32.13 -59.65
C GLU F 36 33.01 31.70 -58.51
N ASP F 37 33.05 30.41 -58.18
CA ASP F 37 32.27 29.86 -57.08
C ASP F 37 32.54 30.62 -55.78
N LEU F 38 33.82 30.84 -55.49
CA LEU F 38 34.21 31.56 -54.28
C LEU F 38 33.76 33.01 -54.34
N TRP F 39 33.83 33.63 -55.51
CA TRP F 39 33.42 35.02 -55.67
C TRP F 39 31.90 35.23 -55.55
N ARG F 40 31.12 34.28 -56.06
CA ARG F 40 29.67 34.39 -55.90
C ARG F 40 29.31 34.32 -54.41
N ALA F 41 29.99 33.41 -53.70
CA ALA F 41 29.80 33.25 -52.26
C ALA F 41 30.16 34.55 -51.54
N ALA F 42 31.35 35.06 -51.83
CA ALA F 42 31.81 36.30 -51.25
C ALA F 42 30.86 37.46 -51.58
N GLN F 43 30.34 37.48 -52.81
CA GLN F 43 29.37 38.50 -53.22
C GLN F 43 28.13 38.37 -52.33
N ALA F 44 27.66 37.13 -52.18
CA ALA F 44 26.50 36.82 -51.36
C ALA F 44 26.69 37.26 -49.91
N LEU F 45 27.84 36.87 -49.35
CA LEU F 45 28.19 37.20 -47.98
C LEU F 45 28.07 38.69 -47.72
N THR F 46 28.55 39.48 -48.67
CA THR F 46 28.54 40.94 -48.55
C THR F 46 27.15 41.57 -48.73
N GLU F 47 26.40 41.07 -49.70
CA GLU F 47 25.10 41.65 -50.02
C GLU F 47 23.94 41.14 -49.17
N ARG F 48 24.07 39.96 -48.58
CA ARG F 48 22.97 39.40 -47.78
C ARG F 48 23.12 39.60 -46.26
N GLY F 49 23.99 40.52 -45.86
CA GLY F 49 24.17 40.82 -44.44
C GLY F 49 24.61 39.67 -43.55
N VAL F 50 25.64 38.95 -43.98
CA VAL F 50 26.21 37.87 -43.18
C VAL F 50 27.04 38.51 -42.07
N THR F 51 26.79 38.13 -40.83
CA THR F 51 27.51 38.74 -39.70
C THR F 51 28.67 37.89 -39.20
N ARG F 52 28.71 36.61 -39.58
CA ARG F 52 29.77 35.69 -39.13
C ARG F 52 29.83 34.44 -40.01
N ILE F 53 31.00 33.81 -40.06
CA ILE F 53 31.14 32.53 -40.78
C ILE F 53 31.22 31.39 -39.77
N ILE F 54 30.43 30.34 -40.00
CA ILE F 54 30.49 29.13 -39.18
C ILE F 54 31.00 28.00 -40.04
N LEU F 55 32.17 27.47 -39.70
CA LEU F 55 32.75 26.35 -40.42
C LEU F 55 32.42 25.09 -39.67
N THR F 56 31.76 24.15 -40.35
CA THR F 56 31.38 22.89 -39.71
C THR F 56 32.09 21.72 -40.38
N GLY F 57 32.53 20.77 -39.57
CA GLY F 57 33.23 19.59 -40.07
C GLY F 57 33.71 18.67 -38.98
N SER F 58 34.31 17.54 -39.38
CA SER F 58 34.85 16.55 -38.47
C SER F 58 36.26 16.15 -38.92
N GLY F 59 37.03 15.58 -38.01
CA GLY F 59 38.39 15.12 -38.33
C GLY F 59 39.22 16.11 -39.14
N THR F 60 39.75 15.63 -40.25
CA THR F 60 40.59 16.45 -41.13
C THR F 60 39.92 17.75 -41.54
N SER F 61 38.61 17.71 -41.79
CA SER F 61 37.88 18.89 -42.18
C SER F 61 37.90 19.89 -41.04
N TYR F 62 37.56 19.42 -39.85
CA TYR F 62 37.55 20.27 -38.65
C TYR F 62 38.95 20.86 -38.44
N HIS F 63 40.00 20.03 -38.59
CA HIS F 63 41.37 20.49 -38.40
C HIS F 63 41.76 21.57 -39.41
N GLY F 64 41.39 21.36 -40.67
CA GLY F 64 41.65 22.34 -41.72
C GLY F 64 41.03 23.68 -41.36
N ALA F 65 39.79 23.64 -40.89
CA ALA F 65 39.07 24.84 -40.45
C ALA F 65 39.88 25.55 -39.37
N LEU F 66 40.29 24.81 -38.33
CA LEU F 66 41.12 25.37 -37.25
C LEU F 66 42.41 26.03 -37.80
N THR F 67 43.10 25.32 -38.69
CA THR F 67 44.36 25.81 -39.23
C THR F 67 44.20 27.12 -40.00
N ALA F 68 43.06 27.29 -40.67
CA ALA F 68 42.82 28.48 -41.46
C ALA F 68 42.05 29.58 -40.71
N ARG F 69 41.60 29.32 -39.50
CA ARG F 69 40.73 30.28 -38.81
C ARG F 69 41.30 31.69 -38.65
N THR F 70 42.53 31.83 -38.15
CA THR F 70 43.13 33.14 -37.96
C THR F 70 43.19 33.90 -39.27
N PHE F 71 43.65 33.24 -40.32
CA PHE F 71 43.80 33.87 -41.62
C PHE F 71 42.47 34.37 -42.16
N MSE F 72 41.39 33.62 -41.91
CA MSE F 72 40.07 33.97 -42.40
C MSE F 72 39.45 35.12 -41.62
O MSE F 72 38.78 35.96 -42.20
CB MSE F 72 39.14 32.77 -42.35
CG MSE F 72 39.64 31.57 -43.13
SE MSE F 72 38.24 30.24 -43.27
CE MSE F 72 36.97 31.36 -44.27
N GLN F 73 39.67 35.14 -40.30
CA GLN F 73 39.11 36.22 -39.49
C GLN F 73 39.70 37.56 -39.91
N ARG F 74 40.98 37.55 -40.25
CA ARG F 74 41.68 38.75 -40.70
C ARG F 74 41.12 39.29 -42.01
N TRP F 75 41.00 38.41 -43.00
CA TRP F 75 40.60 38.83 -44.34
C TRP F 75 39.09 38.89 -44.60
N CYS F 76 38.30 38.19 -43.81
CA CYS F 76 36.85 38.31 -43.94
C CYS F 76 36.37 39.44 -43.06
N ALA F 77 37.18 39.81 -42.07
CA ALA F 77 36.86 40.87 -41.12
C ALA F 77 35.55 40.55 -40.41
N LEU F 78 35.34 39.25 -40.15
CA LEU F 78 34.15 38.73 -39.47
C LEU F 78 34.55 37.60 -38.54
N PRO F 79 33.65 37.24 -37.60
CA PRO F 79 33.98 36.11 -36.74
C PRO F 79 33.85 34.79 -37.50
N VAL F 80 34.84 33.92 -37.32
CA VAL F 80 34.82 32.62 -37.97
C VAL F 80 34.86 31.54 -36.89
N ASP F 81 33.80 30.73 -36.82
CA ASP F 81 33.74 29.67 -35.83
C ASP F 81 33.89 28.30 -36.48
N VAL F 82 34.47 27.38 -35.72
CA VAL F 82 34.67 26.02 -36.18
C VAL F 82 33.93 25.13 -35.20
N CYS F 83 33.16 24.18 -35.72
CA CYS F 83 32.45 23.29 -34.83
C CYS F 83 31.93 22.07 -35.56
N TRP F 84 31.58 21.04 -34.78
CA TRP F 84 31.00 19.84 -35.33
C TRP F 84 29.56 20.19 -35.76
N PRO F 85 29.06 19.58 -36.84
CA PRO F 85 27.73 19.90 -37.39
C PRO F 85 26.58 19.81 -36.38
N PHE F 86 26.60 18.80 -35.52
CA PHE F 86 25.55 18.62 -34.51
C PHE F 86 25.47 19.78 -33.49
N MSE F 87 26.57 20.52 -33.32
CA MSE F 87 26.60 21.67 -32.41
C MSE F 87 25.53 22.69 -32.85
O MSE F 87 24.95 23.37 -32.02
CB MSE F 87 27.96 22.36 -32.46
CG MSE F 87 29.16 21.48 -32.13
SE MSE F 87 29.29 21.17 -30.26
CE MSE F 87 29.88 22.96 -29.74
N LEU F 88 25.30 22.76 -34.15
CA LEU F 88 24.32 23.69 -34.73
C LEU F 88 22.89 23.18 -34.62
N ASP F 89 22.41 23.06 -33.39
CA ASP F 89 21.04 22.65 -33.14
C ASP F 89 20.16 23.86 -33.42
N ASP F 90 18.84 23.66 -33.38
CA ASP F 90 17.89 24.74 -33.65
C ASP F 90 18.11 26.00 -32.79
N GLU F 91 18.28 25.83 -31.48
CA GLU F 91 18.48 26.99 -30.60
C GLU F 91 19.76 27.77 -30.93
N THR F 92 20.83 27.06 -31.25
CA THR F 92 22.07 27.72 -31.59
C THR F 92 21.87 28.61 -32.81
N LEU F 93 21.19 28.07 -33.82
CA LEU F 93 20.94 28.77 -35.08
C LEU F 93 19.93 29.92 -34.90
N ALA F 94 19.00 29.75 -33.98
CA ALA F 94 18.01 30.78 -33.72
C ALA F 94 18.66 32.03 -33.14
N ARG F 95 19.50 31.84 -32.11
CA ARG F 95 20.15 32.95 -31.41
C ARG F 95 21.30 33.58 -32.20
N SER F 96 21.86 32.85 -33.16
CA SER F 96 22.98 33.39 -33.92
C SER F 96 22.58 34.46 -34.92
N GLY F 97 23.45 35.46 -35.05
CA GLY F 97 23.25 36.50 -36.04
C GLY F 97 23.40 35.81 -37.38
N LYS F 98 22.86 36.40 -38.43
CA LYS F 98 22.91 35.78 -39.76
C LYS F 98 24.33 35.32 -40.07
N ALA F 99 24.44 34.12 -40.64
CA ALA F 99 25.73 33.53 -40.92
C ALA F 99 25.83 32.79 -42.26
N LEU F 100 27.06 32.61 -42.70
CA LEU F 100 27.36 31.74 -43.82
C LEU F 100 27.88 30.47 -43.17
N VAL F 101 27.05 29.42 -43.16
CA VAL F 101 27.43 28.12 -42.60
C VAL F 101 28.10 27.29 -43.68
N VAL F 102 29.39 27.02 -43.55
CA VAL F 102 30.09 26.21 -44.55
C VAL F 102 30.25 24.77 -44.07
N GLY F 103 29.65 23.83 -44.79
CA GLY F 103 29.78 22.42 -44.46
C GLY F 103 31.00 21.84 -45.16
N ILE F 104 32.03 21.50 -44.39
CA ILE F 104 33.26 20.95 -44.95
C ILE F 104 33.30 19.44 -44.76
N SER F 105 33.68 18.72 -45.82
CA SER F 105 33.79 17.27 -45.75
C SER F 105 34.89 16.77 -46.69
N GLN F 106 35.59 15.70 -46.27
CA GLN F 106 36.62 15.09 -47.11
C GLN F 106 35.98 14.16 -48.16
N GLY F 107 34.72 13.79 -47.94
CA GLY F 107 33.98 12.94 -48.87
C GLY F 107 32.81 13.69 -49.46
N GLY F 108 31.69 13.01 -49.65
CA GLY F 108 30.49 13.64 -50.19
C GLY F 108 29.67 14.39 -49.15
N GLY F 109 29.92 14.08 -47.88
CA GLY F 109 29.21 14.70 -46.76
C GLY F 109 28.37 13.72 -45.97
N SER F 110 28.39 13.85 -44.64
CA SER F 110 27.64 12.97 -43.75
C SER F 110 26.21 13.49 -43.60
N LEU F 111 25.35 12.71 -42.96
CA LEU F 111 23.98 13.14 -42.71
C LEU F 111 23.93 14.24 -41.66
N SER F 112 24.95 14.33 -40.78
CA SER F 112 24.99 15.39 -39.78
C SER F 112 25.19 16.72 -40.47
N THR F 113 26.19 16.75 -41.35
CA THR F 113 26.51 17.95 -42.08
C THR F 113 25.31 18.38 -42.92
N LEU F 114 24.67 17.42 -43.59
CA LEU F 114 23.54 17.74 -44.43
C LEU F 114 22.39 18.31 -43.60
N ALA F 115 22.12 17.67 -42.46
CA ALA F 115 21.03 18.08 -41.58
C ALA F 115 21.31 19.47 -41.01
N ALA F 116 22.55 19.68 -40.57
CA ALA F 116 22.94 20.97 -40.02
C ALA F 116 22.72 22.09 -41.03
N MSE F 117 23.17 21.87 -42.27
CA MSE F 117 23.01 22.88 -43.31
C MSE F 117 21.55 23.17 -43.56
O MSE F 117 21.17 24.32 -43.79
CB MSE F 117 23.70 22.42 -44.60
CG MSE F 117 25.21 22.36 -44.48
SE MSE F 117 26.04 21.51 -46.00
CE MSE F 117 25.76 22.86 -47.37
N GLU F 118 20.71 22.14 -43.50
CA GLU F 118 19.26 22.30 -43.71
C GLU F 118 18.59 23.08 -42.58
N ARG F 119 18.96 22.80 -41.33
CA ARG F 119 18.40 23.52 -40.21
C ARG F 119 18.79 25.01 -40.34
N ALA F 120 20.04 25.24 -40.72
CA ALA F 120 20.57 26.60 -40.90
C ALA F 120 19.86 27.35 -42.01
N ARG F 121 19.50 26.61 -43.05
CA ARG F 121 18.88 27.18 -44.21
C ARG F 121 17.41 27.52 -43.93
N ASN F 122 16.74 26.65 -43.15
CA ASN F 122 15.34 26.87 -42.78
C ASN F 122 15.15 28.12 -41.95
N VAL F 123 16.07 28.33 -41.01
CA VAL F 123 16.03 29.49 -40.13
C VAL F 123 16.38 30.78 -40.88
N GLY F 124 17.12 30.67 -41.97
CA GLY F 124 17.48 31.83 -42.78
C GLY F 124 18.96 32.10 -43.03
N HIS F 125 19.85 31.28 -42.47
CA HIS F 125 21.27 31.49 -42.69
C HIS F 125 21.63 31.07 -44.12
N ILE F 126 22.81 31.46 -44.60
CA ILE F 126 23.28 31.10 -45.94
C ILE F 126 24.22 29.93 -45.81
N THR F 127 24.12 28.97 -46.72
CA THR F 127 24.98 27.79 -46.64
C THR F 127 25.89 27.60 -47.84
N ALA F 128 26.97 26.88 -47.63
CA ALA F 128 27.91 26.53 -48.68
C ALA F 128 28.45 25.14 -48.41
N SER F 129 29.04 24.52 -49.42
CA SER F 129 29.57 23.18 -49.25
C SER F 129 31.01 23.11 -49.72
N MSE F 130 31.82 22.36 -49.00
CA MSE F 130 33.22 22.10 -49.37
C MSE F 130 33.45 20.63 -49.21
O MSE F 130 34.03 20.18 -48.20
CB MSE F 130 34.22 22.83 -48.49
CG MSE F 130 34.45 24.26 -48.85
SE MSE F 130 36.02 24.94 -47.91
CE MSE F 130 35.78 26.78 -48.51
N ALA F 131 33.00 19.86 -50.19
CA ALA F 131 33.20 18.43 -50.15
C ALA F 131 34.48 18.12 -50.89
N GLY F 132 34.92 16.87 -50.79
CA GLY F 132 36.11 16.40 -51.48
C GLY F 132 35.78 15.82 -52.85
N VAL F 133 34.49 15.71 -53.18
CA VAL F 133 34.08 15.19 -54.49
C VAL F 133 32.97 16.03 -55.09
N ALA F 134 32.75 15.87 -56.39
CA ALA F 134 31.76 16.64 -57.11
C ALA F 134 31.05 15.75 -58.12
N PRO F 135 29.71 15.63 -58.00
CA PRO F 135 28.88 16.28 -56.98
C PRO F 135 28.92 15.56 -55.63
N ALA F 136 28.61 16.30 -54.56
CA ALA F 136 28.60 15.75 -53.20
C ALA F 136 27.18 15.80 -52.65
N THR F 137 26.87 14.90 -51.72
CA THR F 137 25.55 14.89 -51.08
C THR F 137 25.23 16.24 -50.45
N ILE F 138 26.19 16.83 -49.75
CA ILE F 138 25.98 18.12 -49.06
C ILE F 138 25.84 19.33 -50.00
N ASP F 139 25.89 19.12 -51.32
CA ASP F 139 25.68 20.22 -52.27
C ASP F 139 24.18 20.53 -52.40
N ARG F 140 23.36 19.55 -52.02
CA ARG F 140 21.92 19.66 -52.09
CA ARG F 140 21.91 19.67 -52.09
C ARG F 140 21.36 20.69 -51.10
N ALA F 141 22.05 20.86 -49.97
CA ALA F 141 21.61 21.83 -48.96
C ALA F 141 22.44 23.12 -49.01
N ALA F 142 23.20 23.28 -50.08
CA ALA F 142 24.12 24.41 -50.26
C ALA F 142 23.60 25.50 -51.19
N ASP F 143 23.61 26.76 -50.73
CA ASP F 143 23.21 27.88 -51.60
C ASP F 143 24.37 28.17 -52.55
N TYR F 144 25.59 27.82 -52.13
CA TYR F 144 26.80 28.00 -52.94
C TYR F 144 27.75 26.81 -52.78
N ILE F 145 28.03 26.14 -53.89
CA ILE F 145 28.93 24.98 -53.93
C ILE F 145 30.39 25.45 -54.06
N LEU F 146 31.18 25.25 -53.02
CA LEU F 146 32.58 25.64 -53.02
C LEU F 146 33.49 24.41 -52.99
N THR F 147 33.08 23.33 -53.64
CA THR F 147 33.85 22.08 -53.64
C THR F 147 35.36 22.23 -53.76
N VAL F 148 36.07 21.53 -52.89
CA VAL F 148 37.53 21.50 -52.87
C VAL F 148 37.99 20.65 -54.08
N PRO F 149 38.73 21.26 -55.03
CA PRO F 149 39.18 20.51 -56.20
C PRO F 149 40.20 19.41 -55.85
N THR F 159 45.12 12.37 -49.24
CA THR F 159 46.52 12.74 -49.03
C THR F 159 46.64 14.27 -49.09
N LYS F 160 46.24 14.84 -50.23
CA LYS F 160 46.24 16.29 -50.43
C LYS F 160 45.10 16.97 -49.67
N GLY F 161 44.07 16.18 -49.31
CA GLY F 161 42.86 16.66 -48.64
C GLY F 161 43.01 17.80 -47.65
N TYR F 162 43.86 17.61 -46.65
CA TYR F 162 44.06 18.64 -45.63
C TYR F 162 44.60 19.93 -46.27
N HIS F 163 45.70 19.82 -47.02
CA HIS F 163 46.31 20.97 -47.67
C HIS F 163 45.29 21.72 -48.52
N CYS F 164 44.58 20.99 -49.39
CA CYS F 164 43.61 21.60 -50.29
C CYS F 164 42.47 22.29 -49.56
N THR F 165 42.01 21.67 -48.48
CA THR F 165 40.93 22.26 -47.70
C THR F 165 41.41 23.59 -47.11
N VAL F 166 42.57 23.56 -46.47
CA VAL F 166 43.13 24.76 -45.87
C VAL F 166 43.31 25.85 -46.94
N LEU F 167 43.87 25.51 -48.10
CA LEU F 167 44.05 26.50 -49.17
C LEU F 167 42.71 26.99 -49.70
N ASN F 168 41.74 26.08 -49.83
CA ASN F 168 40.41 26.45 -50.30
C ASN F 168 39.80 27.50 -49.37
N LEU F 169 39.87 27.25 -48.06
CA LEU F 169 39.33 28.17 -47.06
C LEU F 169 40.02 29.53 -47.07
N MSE F 170 41.33 29.52 -47.32
CA MSE F 170 42.09 30.75 -47.39
C MSE F 170 41.72 31.56 -48.65
O MSE F 170 41.63 32.79 -48.59
CB MSE F 170 43.59 30.46 -47.35
CG MSE F 170 44.11 30.03 -45.99
SE MSE F 170 46.03 29.75 -45.95
CE MSE F 170 46.28 29.54 -44.03
N LEU F 171 41.51 30.87 -49.78
CA LEU F 171 41.13 31.54 -51.02
C LEU F 171 39.76 32.19 -50.85
N LEU F 172 38.88 31.54 -50.10
CA LEU F 172 37.56 32.09 -49.84
C LEU F 172 37.71 33.40 -49.09
N ALA F 173 38.64 33.42 -48.13
CA ALA F 173 38.88 34.60 -47.31
C ALA F 173 39.37 35.75 -48.19
N LEU F 174 40.27 35.44 -49.12
CA LEU F 174 40.79 36.44 -50.06
C LEU F 174 39.69 36.97 -50.99
N ALA F 175 38.77 36.09 -51.39
CA ALA F 175 37.65 36.49 -52.22
C ALA F 175 36.76 37.46 -51.44
N VAL F 176 36.55 37.17 -50.16
CA VAL F 176 35.75 38.05 -49.32
C VAL F 176 36.42 39.42 -49.22
N ALA F 177 37.73 39.43 -49.02
CA ALA F 177 38.50 40.68 -48.95
C ALA F 177 38.42 41.45 -50.28
N GLY F 178 38.53 40.73 -51.40
CA GLY F 178 38.44 41.33 -52.73
C GLY F 178 37.09 41.97 -53.06
N GLN F 179 36.00 41.27 -52.76
CA GLN F 179 34.64 41.81 -52.97
C GLN F 179 34.39 43.07 -52.15
N GLN F 180 34.94 43.10 -50.94
CA GLN F 180 34.74 44.23 -50.03
C GLN F 180 35.83 45.28 -50.19
N GLN F 181 36.56 45.19 -51.30
CA GLN F 181 37.64 46.11 -51.66
C GLN F 181 38.62 46.45 -50.53
N ARG F 182 39.01 45.43 -49.77
CA ARG F 182 40.02 45.57 -48.72
C ARG F 182 41.29 44.86 -49.15
N LEU F 183 41.33 44.45 -50.41
CA LEU F 183 42.46 43.74 -50.98
C LEU F 183 42.55 44.14 -52.46
N ASP F 184 43.64 44.77 -52.87
CA ASP F 184 43.78 45.18 -54.26
C ASP F 184 44.69 44.22 -55.03
N GLY F 185 44.99 44.55 -56.28
CA GLY F 185 45.83 43.73 -57.14
C GLY F 185 47.18 43.34 -56.54
N GLU F 186 47.99 44.33 -56.16
CA GLU F 186 49.30 44.03 -55.56
C GLU F 186 49.13 43.15 -54.35
N GLN F 187 48.42 43.67 -53.35
CA GLN F 187 48.18 42.96 -52.11
C GLN F 187 47.83 41.51 -52.41
N ARG F 188 46.77 41.32 -53.17
CA ARG F 188 46.32 39.99 -53.61
C ARG F 188 47.50 39.20 -54.15
N ARG F 189 48.17 39.79 -55.13
CA ARG F 189 49.29 39.16 -55.79
C ARG F 189 50.45 38.89 -54.84
N SER F 190 50.66 39.79 -53.88
CA SER F 190 51.71 39.61 -52.90
C SER F 190 51.44 38.36 -52.06
N LEU F 191 50.16 38.19 -51.67
CA LEU F 191 49.74 37.03 -50.90
C LEU F 191 49.94 35.74 -51.68
N LEU F 192 49.53 35.74 -52.95
CA LEU F 192 49.70 34.57 -53.81
C LEU F 192 51.18 34.26 -54.05
N LEU F 193 52.00 35.30 -54.18
CA LEU F 193 53.44 35.10 -54.39
C LEU F 193 54.04 34.40 -53.16
N ARG F 194 53.49 34.67 -51.99
CA ARG F 194 53.98 34.03 -50.77
C ARG F 194 53.54 32.57 -50.70
N MSE F 195 52.31 32.30 -51.13
CA MSE F 195 51.79 30.94 -51.16
C MSE F 195 52.61 30.14 -52.17
O MSE F 195 53.05 29.02 -51.88
CB MSE F 195 50.31 30.93 -51.58
CG MSE F 195 49.35 31.53 -50.57
SE MSE F 195 47.55 31.63 -51.32
CE MSE F 195 46.54 32.19 -49.73
N GLU F 196 52.81 30.72 -53.34
CA GLU F 196 53.56 30.08 -54.42
C GLU F 196 54.95 29.65 -53.98
N LYS F 197 55.63 30.54 -53.26
CA LYS F 197 56.97 30.26 -52.76
C LYS F 197 56.98 29.09 -51.80
N THR F 198 56.02 29.08 -50.88
CA THR F 198 55.90 27.99 -49.93
C THR F 198 55.67 26.67 -50.64
N PHE F 199 54.83 26.70 -51.66
CA PHE F 199 54.53 25.49 -52.41
C PHE F 199 55.76 25.00 -53.18
N ASN F 200 56.52 25.93 -53.78
CA ASN F 200 57.74 25.57 -54.51
C ASN F 200 58.81 24.95 -53.62
N HIS F 201 58.74 25.24 -52.33
CA HIS F 201 59.70 24.73 -51.37
C HIS F 201 59.26 23.44 -50.67
N LEU F 202 58.06 22.96 -50.96
CA LEU F 202 57.58 21.73 -50.32
C LEU F 202 58.29 20.45 -50.76
N PRO F 203 58.64 20.33 -52.07
CA PRO F 203 59.33 19.13 -52.56
C PRO F 203 60.61 18.81 -51.83
N ALA F 204 61.40 19.84 -51.54
CA ALA F 204 62.66 19.70 -50.80
C ALA F 204 62.37 19.26 -49.37
N LEU F 205 61.27 19.77 -48.82
CA LEU F 205 60.84 19.44 -47.45
C LEU F 205 60.39 17.98 -47.33
N VAL F 206 59.80 17.46 -48.40
CA VAL F 206 59.35 16.08 -48.42
C VAL F 206 60.53 15.13 -48.40
N THR F 207 61.57 15.48 -49.17
CA THR F 207 62.77 14.65 -49.22
C THR F 207 63.47 14.69 -47.87
N ALA F 208 63.63 15.88 -47.30
CA ALA F 208 64.28 16.03 -46.00
C ALA F 208 63.51 15.28 -44.91
N SER F 209 62.19 15.28 -45.02
CA SER F 209 61.33 14.59 -44.06
C SER F 209 61.47 13.09 -44.18
N GLN F 210 61.60 12.58 -45.41
CA GLN F 210 61.74 11.14 -45.60
C GLN F 210 63.01 10.65 -44.93
N ALA F 211 64.12 11.33 -45.21
CA ALA F 211 65.41 10.98 -44.62
C ALA F 211 65.30 10.98 -43.10
N TRP F 212 64.66 12.02 -42.58
CA TRP F 212 64.48 12.16 -41.14
C TRP F 212 63.61 11.05 -40.55
N ALA F 213 62.49 10.76 -41.21
CA ALA F 213 61.58 9.73 -40.72
C ALA F 213 62.24 8.37 -40.69
N GLN F 214 63.05 8.07 -41.71
CA GLN F 214 63.76 6.80 -41.80
C GLN F 214 64.87 6.69 -40.75
N THR F 215 65.66 7.75 -40.61
CA THR F 215 66.75 7.76 -39.63
C THR F 215 66.23 7.43 -38.23
N ASN F 216 65.04 7.93 -37.90
CA ASN F 216 64.46 7.74 -36.57
C ASN F 216 63.27 6.76 -36.55
N ALA F 217 63.08 6.03 -37.65
CA ALA F 217 61.97 5.08 -37.75
C ALA F 217 62.03 4.07 -36.62
N LEU F 218 63.15 3.37 -36.51
CA LEU F 218 63.31 2.34 -35.47
C LEU F 218 63.00 2.88 -34.07
N ALA F 219 63.59 4.02 -33.72
CA ALA F 219 63.38 4.62 -32.41
C ALA F 219 61.90 4.89 -32.12
N LEU F 220 61.21 5.53 -33.06
CA LEU F 220 59.81 5.87 -32.87
C LEU F 220 58.90 4.66 -32.72
N ARG F 221 59.17 3.60 -33.49
CA ARG F 221 58.39 2.39 -33.40
C ARG F 221 58.53 1.77 -32.00
N ASP F 222 59.69 1.96 -31.39
CA ASP F 222 59.96 1.43 -30.03
C ASP F 222 59.24 2.17 -28.90
N SER F 223 58.67 3.32 -29.18
CA SER F 223 57.97 4.04 -28.14
C SER F 223 56.59 3.45 -27.93
N ALA F 224 56.15 3.38 -26.67
CA ALA F 224 54.83 2.88 -26.33
C ALA F 224 53.76 3.82 -26.85
N ASP F 225 54.01 5.13 -26.75
CA ASP F 225 53.08 6.14 -27.27
C ASP F 225 53.81 7.39 -27.76
N ILE F 226 53.13 8.18 -28.58
CA ILE F 226 53.71 9.40 -29.14
C ILE F 226 52.87 10.60 -28.74
N ARG F 227 53.54 11.72 -28.45
CA ARG F 227 52.89 12.95 -28.03
C ARG F 227 53.38 14.08 -28.89
N LEU F 228 52.47 14.70 -29.63
CA LEU F 228 52.82 15.83 -30.48
C LEU F 228 52.50 17.10 -29.74
N THR F 229 53.34 18.12 -29.93
CA THR F 229 53.07 19.40 -29.32
C THR F 229 53.65 20.52 -30.16
N GLY F 230 53.07 21.70 -30.03
CA GLY F 230 53.54 22.86 -30.75
C GLY F 230 52.84 24.10 -30.22
N PRO F 231 53.20 25.26 -30.78
CA PRO F 231 52.56 26.50 -30.36
C PRO F 231 51.10 26.54 -30.81
N ALA F 232 50.28 27.32 -30.11
CA ALA F 232 48.86 27.45 -30.44
C ALA F 232 48.65 27.73 -31.93
N THR F 233 49.49 28.59 -32.51
CA THR F 233 49.41 28.93 -33.93
C THR F 233 49.38 27.68 -34.83
N LEU F 234 49.96 26.57 -34.37
CA LEU F 234 49.97 25.34 -35.16
C LEU F 234 49.11 24.24 -34.56
N PHE F 235 48.10 24.60 -33.78
CA PHE F 235 47.25 23.61 -33.13
C PHE F 235 46.56 22.65 -34.09
N GLY F 236 46.06 23.18 -35.20
CA GLY F 236 45.43 22.33 -36.19
C GLY F 236 46.40 21.35 -36.79
N THR F 237 47.67 21.76 -36.89
CA THR F 237 48.70 20.93 -37.46
C THR F 237 49.02 19.73 -36.55
N VAL F 238 49.15 19.97 -35.24
CA VAL F 238 49.47 18.85 -34.34
C VAL F 238 48.24 17.93 -34.22
N GLN F 239 47.04 18.51 -34.32
CA GLN F 239 45.83 17.70 -34.27
C GLN F 239 45.70 16.80 -35.49
N GLU F 240 45.94 17.36 -36.68
CA GLU F 240 45.86 16.57 -37.91
C GLU F 240 46.91 15.46 -37.88
N GLY F 241 48.12 15.82 -37.47
CA GLY F 241 49.21 14.84 -37.38
C GLY F 241 48.86 13.73 -36.41
N ALA F 242 48.36 14.11 -35.23
CA ALA F 242 47.96 13.13 -34.24
C ALA F 242 46.95 12.15 -34.84
N LEU F 243 45.96 12.68 -35.55
CA LEU F 243 44.92 11.85 -36.15
C LEU F 243 45.49 10.86 -37.18
N LYS F 244 46.21 11.35 -38.19
CA LYS F 244 46.74 10.48 -39.22
C LYS F 244 47.67 9.41 -38.64
N MSE F 245 48.45 9.78 -37.64
CA MSE F 245 49.36 8.83 -37.01
C MSE F 245 48.57 7.78 -36.23
O MSE F 245 48.85 6.59 -36.35
CB MSE F 245 50.36 9.55 -36.11
CG MSE F 245 51.27 10.49 -36.87
SE MSE F 245 52.65 11.32 -35.81
CE MSE F 245 53.72 9.74 -35.50
N LEU F 246 47.56 8.22 -35.49
CA LEU F 246 46.71 7.30 -34.71
C LEU F 246 45.99 6.30 -35.62
N GLU F 247 45.58 6.81 -36.78
CA GLU F 247 44.85 6.05 -37.79
C GLU F 247 45.76 5.10 -38.57
N THR F 248 47.03 5.49 -38.75
CA THR F 248 47.95 4.66 -39.52
C THR F 248 48.95 3.84 -38.68
N LEU F 249 49.63 4.50 -37.75
CA LEU F 249 50.65 3.82 -36.95
C LEU F 249 50.12 2.74 -36.02
N ARG F 250 48.82 2.79 -35.71
CA ARG F 250 48.20 1.79 -34.85
C ARG F 250 48.69 1.84 -33.40
N CYS F 251 49.02 3.01 -32.89
CA CYS F 251 49.41 3.14 -31.48
C CYS F 251 49.03 4.54 -30.96
N PRO F 252 48.87 4.67 -29.64
CA PRO F 252 48.37 5.93 -29.09
C PRO F 252 49.17 7.17 -29.45
N VAL F 253 48.53 8.11 -30.11
CA VAL F 253 49.15 9.39 -30.46
C VAL F 253 48.19 10.52 -30.06
N SER F 254 48.72 11.51 -29.36
CA SER F 254 47.93 12.66 -28.93
C SER F 254 48.67 13.93 -29.25
N GLY F 255 47.90 14.97 -29.57
CA GLY F 255 48.45 16.27 -29.91
C GLY F 255 47.95 17.30 -28.91
N TYR F 256 48.83 18.22 -28.52
CA TYR F 256 48.45 19.23 -27.54
C TYR F 256 49.02 20.59 -27.90
N GLU F 257 48.41 21.63 -27.35
CA GLU F 257 48.97 22.95 -27.45
C GLU F 257 50.03 22.89 -26.36
N PHE F 258 51.17 23.54 -26.59
CA PHE F 258 52.30 23.43 -25.68
C PHE F 258 52.00 23.64 -24.19
N GLU F 259 51.36 24.76 -23.85
CA GLU F 259 51.09 25.06 -22.45
C GLU F 259 50.15 24.03 -21.79
N GLU F 260 49.19 23.48 -22.54
CA GLU F 260 48.30 22.46 -21.97
CA GLU F 260 48.29 22.45 -22.02
C GLU F 260 49.11 21.21 -21.68
N PHE F 261 50.03 20.89 -22.58
CA PHE F 261 50.90 19.76 -22.40
C PHE F 261 51.71 19.93 -21.11
N ILE F 262 52.20 21.14 -20.88
CA ILE F 262 52.94 21.41 -19.64
C ILE F 262 52.03 21.27 -18.43
N HIS F 263 50.86 21.92 -18.48
CA HIS F 263 49.93 21.85 -17.35
C HIS F 263 49.51 20.41 -17.03
N GLY F 264 49.33 19.59 -18.06
CA GLY F 264 48.90 18.21 -17.87
C GLY F 264 50.02 17.22 -18.15
N ILE F 265 51.26 17.63 -17.90
CA ILE F 265 52.42 16.81 -18.24
C ILE F 265 52.42 15.41 -17.64
N TYR F 266 51.83 15.23 -16.46
CA TYR F 266 51.86 13.90 -15.84
C TYR F 266 50.91 12.89 -16.46
N ASN F 267 49.78 13.35 -16.96
CA ASN F 267 48.83 12.46 -17.63
C ASN F 267 49.16 12.33 -19.12
N ALA F 268 49.90 13.31 -19.63
CA ALA F 268 50.23 13.38 -21.06
C ALA F 268 51.62 12.84 -21.42
N PHE F 269 52.36 12.31 -20.45
CA PHE F 269 53.70 11.80 -20.77
C PHE F 269 54.19 10.79 -19.74
N ASN F 270 54.93 9.80 -20.21
CA ASN F 270 55.48 8.77 -19.33
C ASN F 270 56.88 8.32 -19.80
N ALA F 271 57.50 7.45 -19.02
CA ALA F 271 58.87 6.99 -19.29
C ALA F 271 59.10 6.36 -20.66
N GLN F 272 58.06 5.77 -21.24
CA GLN F 272 58.15 5.09 -22.53
CA GLN F 272 58.21 5.11 -22.54
C GLN F 272 57.64 5.93 -23.69
N SER F 273 57.13 7.12 -23.39
CA SER F 273 56.57 8.00 -24.43
C SER F 273 57.65 8.62 -25.31
N ALA F 274 57.23 9.13 -26.45
CA ALA F 274 58.10 9.83 -27.37
C ALA F 274 57.48 11.20 -27.65
N LEU F 275 58.30 12.25 -27.62
CA LEU F 275 57.80 13.62 -27.85
C LEU F 275 58.29 14.18 -29.17
N ILE F 276 57.35 14.64 -29.98
CA ILE F 276 57.67 15.32 -31.22
C ILE F 276 57.18 16.75 -31.02
N MSE F 277 58.05 17.71 -31.28
CA MSE F 277 57.71 19.10 -31.02
C MSE F 277 57.93 19.98 -32.23
O MSE F 277 58.95 19.89 -32.90
CB MSE F 277 58.57 19.61 -29.87
CG MSE F 277 57.88 20.65 -29.00
SE MSE F 277 58.99 21.17 -27.49
CE MSE F 277 60.11 19.56 -27.40
N LEU F 278 56.96 20.85 -32.49
CA LEU F 278 57.10 21.79 -33.57
C LEU F 278 57.72 23.07 -32.99
N ASP F 279 58.88 23.45 -33.53
CA ASP F 279 59.58 24.65 -33.10
C ASP F 279 59.80 25.57 -34.27
N PRO F 280 58.72 26.24 -34.71
CA PRO F 280 58.80 27.15 -35.85
C PRO F 280 59.71 28.35 -35.60
N GLN F 281 59.80 28.78 -34.35
CA GLN F 281 60.67 29.89 -33.97
C GLN F 281 61.23 29.66 -32.57
N PRO F 282 62.37 30.32 -32.25
CA PRO F 282 62.92 30.11 -30.92
C PRO F 282 61.91 30.44 -29.83
N ASP F 283 61.80 29.58 -28.83
CA ASP F 283 60.93 29.79 -27.71
C ASP F 283 61.60 29.29 -26.44
N ALA F 284 61.76 30.19 -25.47
CA ALA F 284 62.44 29.89 -24.21
C ALA F 284 61.77 28.77 -23.43
N ARG F 285 60.45 28.78 -23.41
CA ARG F 285 59.71 27.77 -22.67
C ARG F 285 59.81 26.38 -23.30
N GLN F 286 59.71 26.31 -24.64
CA GLN F 286 59.83 25.03 -25.32
C GLN F 286 61.24 24.48 -25.21
N ASP F 287 62.24 25.35 -25.35
CA ASP F 287 63.63 24.95 -25.21
C ASP F 287 63.89 24.38 -23.83
N ARG F 288 63.37 25.06 -22.81
CA ARG F 288 63.56 24.65 -21.41
C ARG F 288 62.94 23.26 -21.22
N LEU F 289 61.76 23.04 -21.77
CA LEU F 289 61.09 21.75 -21.67
C LEU F 289 61.96 20.66 -22.31
N ALA F 290 62.37 20.88 -23.56
CA ALA F 290 63.20 19.94 -24.29
C ALA F 290 64.50 19.68 -23.54
N GLN F 291 64.98 20.70 -22.84
CA GLN F 291 66.22 20.61 -22.08
C GLN F 291 66.07 19.69 -20.87
N ILE F 292 65.03 19.91 -20.09
CA ILE F 292 64.81 19.11 -18.89
C ILE F 292 64.33 17.70 -19.22
N LEU F 293 63.35 17.58 -20.11
CA LEU F 293 62.83 16.27 -20.47
C LEU F 293 63.92 15.43 -21.12
N GLY F 294 64.85 16.10 -21.79
CA GLY F 294 65.97 15.43 -22.44
C GLY F 294 66.90 14.73 -21.48
N GLU F 295 66.87 15.13 -20.22
CA GLU F 295 67.71 14.53 -19.19
C GLU F 295 67.05 13.29 -18.60
N TRP F 296 65.78 13.09 -18.92
CA TRP F 296 65.00 11.95 -18.43
C TRP F 296 64.76 10.92 -19.51
N THR F 297 64.75 11.38 -20.76
CA THR F 297 64.54 10.51 -21.91
C THR F 297 65.18 11.07 -23.17
N PRO F 298 65.70 10.19 -24.03
CA PRO F 298 66.27 10.58 -25.31
C PRO F 298 65.23 10.67 -26.44
N SER F 299 63.99 10.25 -26.17
CA SER F 299 62.93 10.23 -27.20
C SER F 299 62.27 11.59 -27.44
N ILE F 300 63.06 12.58 -27.79
CA ILE F 300 62.55 13.90 -28.06
C ILE F 300 62.97 14.26 -29.49
N TYR F 301 62.01 14.62 -30.31
CA TYR F 301 62.28 14.93 -31.72
C TYR F 301 61.70 16.30 -32.06
N ARG F 302 62.58 17.26 -32.39
CA ARG F 302 62.16 18.63 -32.68
C ARG F 302 62.23 18.99 -34.17
N ILE F 303 61.23 19.75 -34.62
CA ILE F 303 61.11 20.17 -36.02
C ILE F 303 61.12 21.69 -36.16
N GLY F 304 62.16 22.23 -36.79
CA GLY F 304 62.25 23.67 -36.98
C GLY F 304 63.51 24.09 -37.70
N PRO F 305 63.59 25.38 -38.08
CA PRO F 305 64.74 25.92 -38.80
C PRO F 305 65.98 26.17 -37.94
N GLN F 306 65.81 26.23 -36.62
CA GLN F 306 66.92 26.50 -35.73
C GLN F 306 67.10 25.47 -34.61
N VAL F 307 66.45 24.32 -34.72
CA VAL F 307 66.62 23.27 -33.71
C VAL F 307 68.02 22.69 -33.85
N GLU F 308 68.55 22.13 -32.76
CA GLU F 308 69.90 21.57 -32.80
C GLU F 308 69.90 20.49 -33.86
N ASN F 309 70.97 20.43 -34.64
CA ASN F 309 71.08 19.49 -35.75
C ASN F 309 71.67 18.14 -35.31
N ASN F 310 70.98 17.50 -34.37
CA ASN F 310 71.36 16.14 -33.94
C ASN F 310 70.60 15.19 -34.87
N GLY F 311 70.76 13.88 -34.67
CA GLY F 311 70.10 12.92 -35.54
C GLY F 311 68.61 12.82 -35.34
N LEU F 312 68.17 13.17 -34.12
CA LEU F 312 66.77 13.07 -33.74
C LEU F 312 65.89 14.18 -34.33
N ASN F 313 66.40 15.41 -34.34
CA ASN F 313 65.65 16.56 -34.83
C ASN F 313 65.59 16.66 -36.33
N LEU F 314 64.59 17.39 -36.81
CA LEU F 314 64.49 17.69 -38.23
C LEU F 314 64.80 19.16 -38.39
N ASN F 315 66.08 19.46 -38.55
CA ASN F 315 66.53 20.81 -38.78
C ASN F 315 66.37 21.07 -40.28
N PHE F 316 65.71 22.16 -40.65
CA PHE F 316 65.40 22.41 -42.06
C PHE F 316 65.08 23.88 -42.33
N PRO F 317 65.61 24.42 -43.45
CA PRO F 317 65.31 25.82 -43.74
C PRO F 317 63.86 26.00 -44.22
N PHE F 318 62.93 26.05 -43.27
CA PHE F 318 61.52 26.27 -43.61
C PHE F 318 61.35 27.68 -44.13
N VAL F 319 60.44 27.86 -45.09
CA VAL F 319 60.13 29.19 -45.58
C VAL F 319 59.58 30.01 -44.42
N ASN F 320 58.92 29.33 -43.47
CA ASN F 320 58.35 29.97 -42.28
C ASN F 320 57.48 31.21 -42.53
N ASP F 321 56.61 31.15 -43.53
CA ASP F 321 55.71 32.26 -43.79
C ASP F 321 54.68 32.28 -42.65
N GLU F 322 54.55 33.43 -41.98
CA GLU F 322 53.68 33.55 -40.81
C GLU F 322 52.24 33.07 -41.04
N ASP F 323 51.79 33.03 -42.28
CA ASP F 323 50.44 32.57 -42.58
C ASP F 323 50.44 31.18 -43.20
N PHE F 324 51.43 30.90 -44.03
CA PHE F 324 51.43 29.66 -44.79
C PHE F 324 52.41 28.61 -44.36
N ALA F 325 53.10 28.81 -43.25
CA ALA F 325 53.99 27.76 -42.75
C ALA F 325 53.15 26.52 -42.40
N VAL F 326 51.84 26.69 -42.22
CA VAL F 326 50.97 25.59 -41.91
C VAL F 326 51.06 24.51 -42.99
N PHE F 327 51.35 24.91 -44.22
CA PHE F 327 51.49 23.96 -45.33
C PHE F 327 52.79 23.15 -45.25
N GLU F 328 53.71 23.54 -44.37
CA GLU F 328 55.02 22.86 -44.23
C GLU F 328 55.12 21.94 -43.00
N TYR F 329 54.76 22.46 -41.83
CA TYR F 329 54.92 21.70 -40.58
C TYR F 329 54.10 20.42 -40.50
N ILE F 330 53.11 20.26 -41.36
CA ILE F 330 52.31 19.04 -41.33
C ILE F 330 52.96 17.91 -42.16
N ILE F 331 53.78 18.28 -43.13
CA ILE F 331 54.41 17.28 -44.02
C ILE F 331 55.21 16.18 -43.28
N PRO F 332 56.12 16.57 -42.38
CA PRO F 332 56.90 15.59 -41.65
C PRO F 332 56.03 14.64 -40.85
N LEU F 333 54.94 15.15 -40.29
CA LEU F 333 54.01 14.33 -39.51
C LEU F 333 53.36 13.31 -40.46
N GLN F 334 52.94 13.78 -41.63
CA GLN F 334 52.36 12.92 -42.66
C GLN F 334 53.37 11.89 -43.12
N MSE F 335 54.64 12.30 -43.21
CA MSE F 335 55.70 11.39 -43.64
C MSE F 335 55.88 10.22 -42.68
O MSE F 335 56.15 9.09 -43.11
CB MSE F 335 57.03 12.14 -43.81
CG MSE F 335 58.18 11.28 -44.34
SE MSE F 335 57.80 10.50 -46.09
CE MSE F 335 57.64 12.17 -47.10
N LEU F 336 55.74 10.47 -41.38
CA LEU F 336 55.85 9.40 -40.40
C LEU F 336 54.79 8.32 -40.64
N CYS F 337 53.60 8.73 -41.07
CA CYS F 337 52.53 7.77 -41.38
C CYS F 337 52.91 6.93 -42.59
N ALA F 338 53.62 7.55 -43.52
CA ALA F 338 54.03 6.88 -44.75
C ALA F 338 55.17 5.89 -44.56
N ILE F 339 56.03 6.09 -43.56
CA ILE F 339 57.19 5.20 -43.41
C ILE F 339 57.30 4.37 -42.11
N LEU F 340 56.67 4.78 -41.01
CA LEU F 340 56.80 4.04 -39.75
C LEU F 340 56.21 2.62 -39.72
N PRO F 341 55.03 2.42 -40.34
CA PRO F 341 54.49 1.06 -40.37
C PRO F 341 55.38 0.09 -41.17
C2 ETX G . -18.07 -7.77 24.93
O2 ETX G . -17.46 -8.93 25.55
C3 ETX G . -16.84 -9.81 24.59
C4 ETX G . -15.72 -10.63 25.19
O1 ETX G . -16.56 -6.35 23.56
C1 ETX G . -17.10 -6.58 24.88
N1 IMD H . -24.73 -19.00 28.77
C2 IMD H . -26.05 -19.29 28.68
N3 IMD H . -26.56 -18.75 27.56
C4 IMD H . -25.55 -18.10 26.93
C5 IMD H . -24.40 -18.26 27.69
N1 IMD I . -36.49 11.80 19.33
C2 IMD I . -35.36 12.03 18.62
N3 IMD I . -34.42 12.57 19.43
C4 IMD I . -34.95 12.68 20.66
C5 IMD I . -36.25 12.20 20.61
C2 ETX J . 0.42 24.23 36.59
O2 ETX J . 0.07 23.69 35.30
C3 ETX J . 0.85 24.23 34.21
C4 ETX J . 0.82 23.31 33.00
O1 ETX J . 1.23 26.55 36.34
C1 ETX J . 0.10 25.72 36.67
#